data_7PCX
#
_entry.id   7PCX
#
_cell.length_a   74.960
_cell.length_b   149.150
_cell.length_c   79.920
_cell.angle_alpha   90.000
_cell.angle_beta   117.965
_cell.angle_gamma   90.000
#
_symmetry.space_group_name_H-M   'P 1 21 1'
#
loop_
_entity.id
_entity.type
_entity.pdbx_description
1 polymer 'Haloalkane dehalogenase'
2 non-polymer [9-[2-carboxy-5-[2-[2-(6-chloranylhexoxy)ethoxy]ethylcarbamoyl]phenyl]-6-(dimethylamino)xanthen-3-ylidene]-dimethyl-azanium
3 non-polymer 'CHLORIDE ION'
4 non-polymer GLYCEROL
5 water water
#
_entity_poly.entity_id   1
_entity_poly.type   'polypeptide(L)'
_entity_poly.pdbx_seq_one_letter_code
;GIGTGFPFDPHYVEVLGERMHYVDVGPRDGTPVLFLHGNPTSSYVWRNIIPHVAPTHRCIAPDLIGMGKSDKPDLGYFFD
DHVRFMDAFIEALGLEEVVLVIHDWGSALGFHWAKRNPERVKGIAFMEFIRPIPTWDEWPEFARETFQAFRTTDVGRKLI
IDWNVFIEGTLPMGVVRPLTEVEMDHYREPFLNPVDREPLWRFPNELPIAGEPANIVALVEEYMDWLHQSPVPKLLFWGT
PGVLIPPAEAARLAKSLPNCKAVDIGPGLNLLQEDNPDLIGSEIARWLSTLEI
;
_entity_poly.pdbx_strand_id   A,B,C,D,E,F
#
loop_
_chem_comp.id
_chem_comp.type
_chem_comp.name
_chem_comp.formula
CL non-polymer 'CHLORIDE ION' 'Cl -1'
GOL non-polymer GLYCEROL 'C3 H8 O3'
OEH non-polymer [9-[2-carboxy-5-[2-[2-(6-chloranylhexoxy)ethoxy]ethylcarbamoyl]phenyl]-6-(dimethylamino)xanthen-3-ylidene]-dimethyl-azanium 'C35 H43 Cl N3 O6 1'
#
# COMPACT_ATOMS: atom_id res chain seq x y z
N GLY A 1 6.20 12.35 7.18
CA GLY A 1 7.36 11.48 7.34
C GLY A 1 7.91 11.41 8.76
N ILE A 2 9.08 12.00 8.96
CA ILE A 2 9.79 11.89 10.23
C ILE A 2 9.11 12.79 11.26
N GLY A 3 8.75 12.22 12.41
CA GLY A 3 7.97 12.96 13.39
C GLY A 3 8.76 14.14 13.99
N THR A 4 8.05 15.25 14.21
CA THR A 4 8.66 16.42 14.83
C THR A 4 8.22 16.64 16.26
N GLY A 5 7.22 15.91 16.74
CA GLY A 5 6.69 16.16 18.07
C GLY A 5 7.51 15.49 19.15
N PHE A 6 7.32 15.99 20.38
CA PHE A 6 7.95 15.43 21.57
C PHE A 6 6.84 15.17 22.58
N PRO A 7 6.15 14.03 22.47
CA PRO A 7 4.92 13.82 23.25
C PRO A 7 5.14 13.38 24.69
N PHE A 8 6.37 13.22 25.15
CA PHE A 8 6.67 12.47 26.36
C PHE A 8 6.39 13.29 27.62
N ASP A 9 5.72 12.66 28.60
CA ASP A 9 5.45 13.29 29.88
C ASP A 9 6.78 13.52 30.62
N PRO A 10 6.98 14.70 31.21
CA PRO A 10 8.26 14.95 31.89
C PRO A 10 8.37 14.21 33.21
N HIS A 11 9.56 13.67 33.45
CA HIS A 11 9.94 13.12 34.74
C HIS A 11 11.24 13.80 35.16
N TYR A 12 11.40 14.00 36.46
CA TYR A 12 12.59 14.63 37.00
C TYR A 12 13.08 13.85 38.21
N VAL A 13 14.39 13.84 38.38
CA VAL A 13 15.03 13.26 39.56
C VAL A 13 16.13 14.21 40.00
N GLU A 14 16.27 14.38 41.31
CA GLU A 14 17.29 15.29 41.82
C GLU A 14 18.56 14.49 42.10
N VAL A 15 19.66 14.91 41.47
CA VAL A 15 20.97 14.29 41.73
C VAL A 15 22.00 15.39 41.87
N LEU A 16 22.92 15.21 42.81
CA LEU A 16 23.95 16.22 43.09
C LEU A 16 23.35 17.62 43.28
N GLY A 17 22.15 17.69 43.83
CA GLY A 17 21.50 18.96 44.12
C GLY A 17 20.78 19.60 42.95
N GLU A 18 20.70 18.92 41.81
CA GLU A 18 20.12 19.48 40.60
C GLU A 18 19.13 18.51 39.97
N ARG A 19 18.12 19.05 39.30
CA ARG A 19 17.11 18.22 38.64
C ARG A 19 17.61 17.79 37.27
N MET A 20 17.46 16.51 36.97
CA MET A 20 17.63 16.01 35.60
C MET A 20 16.28 15.53 35.07
N HIS A 21 15.92 16.01 33.89
CA HIS A 21 14.72 15.56 33.21
C HIS A 21 14.99 14.26 32.45
N TYR A 22 13.98 13.41 32.37
CA TYR A 22 14.12 12.19 31.57
C TYR A 22 12.77 11.72 31.04
N VAL A 23 12.83 11.08 29.85
CA VAL A 23 11.73 10.29 29.30
C VAL A 23 11.73 8.95 29.98
N ASP A 24 10.54 8.43 30.29
CA ASP A 24 10.40 7.09 30.88
C ASP A 24 9.10 6.51 30.36
N VAL A 25 9.19 5.57 29.41
CA VAL A 25 8.03 4.96 28.79
C VAL A 25 8.25 3.46 28.70
N GLY A 26 7.22 2.74 28.33
CA GLY A 26 7.32 1.31 28.14
C GLY A 26 6.93 0.57 29.39
N PRO A 27 6.97 -0.75 29.32
CA PRO A 27 6.56 -1.56 30.48
C PRO A 27 7.49 -1.31 31.66
N ARG A 28 6.96 -1.54 32.87
CA ARG A 28 7.69 -1.23 34.07
C ARG A 28 8.68 -2.32 34.45
N ASP A 29 8.47 -3.55 33.97
CA ASP A 29 9.33 -4.67 34.32
C ASP A 29 10.33 -4.94 33.21
N GLY A 30 11.21 -5.90 33.46
CA GLY A 30 12.21 -6.27 32.50
C GLY A 30 13.44 -5.39 32.58
N THR A 31 14.36 -5.63 31.66
CA THR A 31 15.60 -4.88 31.61
C THR A 31 15.37 -3.55 30.90
N PRO A 32 15.72 -2.43 31.51
CA PRO A 32 15.49 -1.13 30.85
C PRO A 32 16.54 -0.81 29.81
N VAL A 33 16.13 0.00 28.83
CA VAL A 33 16.99 0.47 27.75
C VAL A 33 17.21 1.96 27.99
N LEU A 34 18.47 2.34 28.18
CA LEU A 34 18.87 3.69 28.55
C LEU A 34 19.50 4.37 27.33
N PHE A 35 18.88 5.48 26.90
CA PHE A 35 19.27 6.21 25.68
C PHE A 35 20.00 7.48 26.10
N LEU A 36 21.24 7.66 25.64
CA LEU A 36 22.08 8.81 26.04
C LEU A 36 22.44 9.64 24.82
N HIS A 37 21.97 10.89 24.80
CA HIS A 37 22.25 11.83 23.73
C HIS A 37 23.60 12.52 23.96
N GLY A 38 24.01 13.35 22.99
CA GLY A 38 25.23 14.13 23.07
C GLY A 38 25.02 15.60 22.73
N ASN A 39 26.04 16.19 22.11
CA ASN A 39 26.07 17.62 21.84
C ASN A 39 25.62 17.90 20.42
N PRO A 40 24.72 18.88 20.17
CA PRO A 40 24.01 19.79 21.06
C PRO A 40 22.55 19.38 21.22
N THR A 41 22.31 18.10 21.44
CA THR A 41 20.97 17.57 21.37
C THR A 41 20.40 17.38 22.78
N SER A 42 19.37 16.54 22.89
CA SER A 42 18.67 16.23 24.12
C SER A 42 17.97 14.90 23.87
N SER A 43 17.12 14.48 24.80
CA SER A 43 16.28 13.32 24.55
C SER A 43 15.42 13.49 23.29
N TYR A 44 15.21 14.73 22.82
CA TYR A 44 14.51 14.95 21.56
C TYR A 44 15.10 14.13 20.40
N VAL A 45 16.41 13.89 20.40
CA VAL A 45 17.05 13.15 19.32
C VAL A 45 16.56 11.69 19.24
N TRP A 46 15.98 11.17 20.31
CA TRP A 46 15.51 9.79 20.37
C TRP A 46 14.02 9.66 20.13
N ARG A 47 13.33 10.77 19.85
CA ARG A 47 11.88 10.80 19.85
C ARG A 47 11.26 9.82 18.86
N ASN A 48 11.93 9.55 17.73
CA ASN A 48 11.38 8.67 16.70
C ASN A 48 11.98 7.28 16.75
N ILE A 49 12.92 7.06 17.66
CA ILE A 49 13.52 5.75 17.85
CA ILE A 49 13.57 5.76 17.89
C ILE A 49 12.84 4.99 18.98
N ILE A 50 12.65 5.66 20.12
CA ILE A 50 11.98 5.11 21.29
C ILE A 50 10.67 4.39 20.97
N PRO A 51 9.79 4.94 20.12
CA PRO A 51 8.51 4.26 19.86
C PRO A 51 8.61 2.88 19.24
N HIS A 52 9.76 2.49 18.67
CA HIS A 52 9.93 1.13 18.16
C HIS A 52 10.31 0.16 19.26
N VAL A 53 10.83 0.67 20.38
CA VAL A 53 11.39 -0.13 21.46
C VAL A 53 10.41 -0.20 22.63
N ALA A 54 9.69 0.89 22.86
CA ALA A 54 8.77 1.03 23.99
C ALA A 54 7.62 0.02 24.02
N PRO A 55 7.18 -0.59 22.91
CA PRO A 55 6.14 -1.61 23.08
C PRO A 55 6.57 -2.74 24.00
N THR A 56 7.85 -3.12 23.97
CA THR A 56 8.30 -4.32 24.68
C THR A 56 9.36 -4.06 25.74
N HIS A 57 9.92 -2.85 25.82
CA HIS A 57 10.98 -2.58 26.79
C HIS A 57 10.82 -1.18 27.36
N ARG A 58 11.13 -1.05 28.64
CA ARG A 58 11.20 0.26 29.26
C ARG A 58 12.29 1.08 28.61
N CYS A 59 11.97 2.32 28.27
CA CYS A 59 12.90 3.24 27.63
C CYS A 59 13.07 4.44 28.53
N ILE A 60 14.32 4.72 28.91
CA ILE A 60 14.67 5.86 29.75
C ILE A 60 15.63 6.72 28.94
N ALA A 61 15.35 8.01 28.84
CA ALA A 61 16.17 8.92 28.03
C ALA A 61 16.36 10.22 28.79
N PRO A 62 17.46 10.34 29.53
CA PRO A 62 17.69 11.57 30.30
C PRO A 62 18.27 12.67 29.42
N ASP A 63 18.02 13.90 29.85
CA ASP A 63 18.71 15.05 29.32
C ASP A 63 19.95 15.28 30.18
N LEU A 64 21.11 15.39 29.54
CA LEU A 64 22.34 15.67 30.27
C LEU A 64 22.22 16.97 31.05
N ILE A 65 22.97 17.07 32.15
CA ILE A 65 22.93 18.29 32.95
C ILE A 65 23.26 19.49 32.06
N GLY A 66 22.54 20.59 32.27
CA GLY A 66 22.66 21.79 31.45
C GLY A 66 22.04 21.71 30.07
N MET A 67 21.35 20.61 29.74
CA MET A 67 20.80 20.41 28.40
C MET A 67 19.35 19.97 28.51
N GLY A 68 18.64 20.09 27.39
CA GLY A 68 17.25 19.67 27.38
C GLY A 68 16.46 20.40 28.44
N LYS A 69 15.65 19.66 29.17
CA LYS A 69 14.88 20.25 30.27
C LYS A 69 15.58 20.12 31.62
N SER A 70 16.82 19.64 31.65
CA SER A 70 17.52 19.49 32.92
C SER A 70 17.96 20.86 33.45
N ASP A 71 18.26 20.90 34.75
CA ASP A 71 18.70 22.13 35.39
C ASP A 71 20.02 22.60 34.80
N LYS A 72 20.38 23.85 35.12
CA LYS A 72 21.54 24.53 34.56
C LYS A 72 22.42 25.10 35.66
N PRO A 73 23.11 24.24 36.41
CA PRO A 73 24.03 24.73 37.45
C PRO A 73 25.22 25.47 36.83
N ASP A 74 25.86 26.31 37.65
CA ASP A 74 27.00 27.10 37.21
C ASP A 74 28.26 26.22 37.28
N LEU A 75 28.45 25.45 36.22
CA LEU A 75 29.52 24.47 36.11
C LEU A 75 30.39 24.79 34.89
N GLY A 76 31.55 24.16 34.86
CA GLY A 76 32.34 24.16 33.63
C GLY A 76 31.79 23.24 32.56
N TYR A 77 30.96 22.27 32.95
CA TYR A 77 30.42 21.29 32.01
C TYR A 77 31.51 20.49 31.29
N PHE A 78 32.56 20.18 32.03
CA PHE A 78 33.54 19.22 31.56
C PHE A 78 32.91 17.84 31.46
N PHE A 79 33.55 16.98 30.66
CA PHE A 79 33.09 15.60 30.61
C PHE A 79 33.01 15.01 32.02
N ASP A 80 33.97 15.36 32.87
CA ASP A 80 33.95 14.84 34.24
C ASP A 80 32.68 15.23 34.98
N ASP A 81 32.17 16.45 34.75
CA ASP A 81 30.90 16.85 35.35
C ASP A 81 29.78 15.95 34.89
N HIS A 82 29.73 15.71 33.57
CA HIS A 82 28.67 14.86 33.04
C HIS A 82 28.77 13.44 33.57
N VAL A 83 30.00 12.95 33.78
CA VAL A 83 30.17 11.61 34.34
C VAL A 83 29.55 11.53 35.73
N ARG A 84 29.83 12.51 36.58
CA ARG A 84 29.28 12.49 37.93
C ARG A 84 27.76 12.52 37.91
N PHE A 85 27.17 13.40 37.10
CA PHE A 85 25.73 13.50 37.05
C PHE A 85 25.07 12.22 36.49
N MET A 86 25.65 11.64 35.44
CA MET A 86 25.05 10.43 34.87
C MET A 86 25.21 9.21 35.78
N ASP A 87 26.37 9.08 36.43
CA ASP A 87 26.53 8.01 37.43
C ASP A 87 25.44 8.10 38.47
N ALA A 88 25.16 9.32 38.94
CA ALA A 88 24.17 9.52 39.98
C ALA A 88 22.76 9.31 39.44
N PHE A 89 22.51 9.71 38.19
CA PHE A 89 21.21 9.49 37.59
C PHE A 89 20.87 8.01 37.54
N ILE A 90 21.80 7.21 37.03
CA ILE A 90 21.54 5.78 36.88
C ILE A 90 21.24 5.15 38.22
N GLU A 91 22.03 5.48 39.24
CA GLU A 91 21.82 4.89 40.55
C GLU A 91 20.55 5.43 41.21
N ALA A 92 20.22 6.71 40.98
CA ALA A 92 19.03 7.31 41.58
C ALA A 92 17.76 6.63 41.08
N LEU A 93 17.75 6.17 39.83
CA LEU A 93 16.60 5.45 39.31
C LEU A 93 16.59 3.99 39.71
N GLY A 94 17.60 3.54 40.46
CA GLY A 94 17.60 2.17 40.91
C GLY A 94 17.82 1.17 39.80
N LEU A 95 18.39 1.61 38.69
CA LEU A 95 18.68 0.68 37.62
C LEU A 95 19.73 -0.31 38.11
N GLU A 96 19.53 -1.58 37.80
CA GLU A 96 20.53 -2.57 38.10
C GLU A 96 21.23 -2.96 36.80
N GLU A 97 20.60 -3.79 36.01
CA GLU A 97 21.10 -4.18 34.70
C GLU A 97 20.42 -3.33 33.64
N VAL A 98 21.17 -2.96 32.60
CA VAL A 98 20.67 -2.06 31.57
C VAL A 98 21.19 -2.48 30.20
N VAL A 99 20.44 -2.09 29.16
CA VAL A 99 20.95 -2.04 27.80
C VAL A 99 21.15 -0.58 27.46
N LEU A 100 22.29 -0.24 26.87
CA LEU A 100 22.63 1.13 26.53
C LEU A 100 22.41 1.38 25.04
N VAL A 101 21.85 2.55 24.71
CA VAL A 101 21.75 3.04 23.34
C VAL A 101 22.35 4.44 23.35
N ILE A 102 23.49 4.63 22.68
CA ILE A 102 24.32 5.78 22.98
C ILE A 102 24.85 6.42 21.71
N HIS A 103 25.07 7.75 21.79
CA HIS A 103 25.45 8.58 20.65
C HIS A 103 26.34 9.73 21.09
N ASP A 104 27.40 10.00 20.33
CA ASP A 104 28.20 11.22 20.52
C ASP A 104 28.67 11.26 21.97
N TRP A 105 28.53 12.36 22.69
CA TRP A 105 29.03 12.42 24.06
C TRP A 105 28.28 11.47 24.98
N GLY A 106 27.03 11.12 24.64
CA GLY A 106 26.33 10.07 25.37
C GLY A 106 27.03 8.74 25.28
N SER A 107 27.74 8.50 24.18
CA SER A 107 28.51 7.25 24.06
C SER A 107 29.76 7.27 24.91
N ALA A 108 30.44 8.42 25.04
CA ALA A 108 31.55 8.45 26.00
C ALA A 108 31.05 8.17 27.41
N LEU A 109 29.93 8.77 27.80
CA LEU A 109 29.36 8.48 29.11
C LEU A 109 29.01 6.99 29.23
N GLY A 110 28.37 6.44 28.20
CA GLY A 110 27.91 5.07 28.27
C GLY A 110 29.04 4.07 28.30
N PHE A 111 30.05 4.26 27.45
CA PHE A 111 31.18 3.33 27.42
C PHE A 111 31.99 3.44 28.71
N HIS A 112 32.22 4.67 29.18
CA HIS A 112 32.98 4.84 30.42
C HIS A 112 32.25 4.22 31.60
N TRP A 113 30.92 4.35 31.66
CA TRP A 113 30.15 3.72 32.72
C TRP A 113 30.17 2.20 32.60
N ALA A 114 30.04 1.68 31.37
CA ALA A 114 30.07 0.24 31.16
C ALA A 114 31.41 -0.35 31.57
N LYS A 115 32.50 0.35 31.26
CA LYS A 115 33.82 -0.14 31.66
C LYS A 115 33.91 -0.29 33.17
N ARG A 116 33.33 0.66 33.92
CA ARG A 116 33.39 0.62 35.36
C ARG A 116 32.30 -0.21 35.99
N ASN A 117 31.27 -0.57 35.24
CA ASN A 117 30.14 -1.36 35.75
C ASN A 117 29.82 -2.50 34.79
N PRO A 118 30.82 -3.29 34.39
CA PRO A 118 30.60 -4.23 33.28
C PRO A 118 29.55 -5.28 33.59
N GLU A 119 29.40 -5.66 34.86
CA GLU A 119 28.43 -6.67 35.26
C GLU A 119 26.97 -6.21 35.06
N ARG A 120 26.75 -4.92 34.86
CA ARG A 120 25.39 -4.39 34.76
C ARG A 120 24.96 -4.06 33.34
N VAL A 121 25.81 -4.31 32.35
CA VAL A 121 25.52 -3.96 30.97
C VAL A 121 25.17 -5.24 30.22
N LYS A 122 23.97 -5.29 29.64
CA LYS A 122 23.51 -6.46 28.93
C LYS A 122 23.64 -6.33 27.42
N GLY A 123 23.95 -5.13 26.95
CA GLY A 123 24.13 -4.88 25.53
C GLY A 123 24.40 -3.40 25.33
N ILE A 124 25.09 -3.06 24.25
CA ILE A 124 25.34 -1.66 23.90
C ILE A 124 25.04 -1.49 22.41
N ALA A 125 24.09 -0.61 22.09
CA ALA A 125 23.88 -0.14 20.74
C ALA A 125 24.47 1.27 20.66
N PHE A 126 25.25 1.54 19.63
CA PHE A 126 26.00 2.78 19.60
C PHE A 126 26.13 3.26 18.16
N MET A 127 26.34 4.56 18.00
CA MET A 127 26.37 5.18 16.70
C MET A 127 27.08 6.52 16.83
N GLU A 128 27.90 6.86 15.83
CA GLU A 128 28.58 8.16 15.78
C GLU A 128 29.14 8.53 17.15
N PHE A 129 30.04 7.67 17.62
CA PHE A 129 30.46 7.65 19.02
C PHE A 129 31.86 8.24 19.17
N ILE A 130 32.19 8.60 20.41
CA ILE A 130 33.47 9.21 20.71
C ILE A 130 34.56 8.14 20.71
N ARG A 131 35.54 8.30 19.83
CA ARG A 131 36.76 7.52 19.74
C ARG A 131 37.90 8.51 19.60
N PRO A 132 39.14 8.09 19.86
CA PRO A 132 40.25 9.02 19.68
C PRO A 132 40.39 9.36 18.20
N ILE A 133 40.45 10.65 17.91
CA ILE A 133 40.72 11.11 16.55
C ILE A 133 42.21 11.41 16.52
N PRO A 134 43.04 10.56 15.91
CA PRO A 134 44.48 10.67 16.16
C PRO A 134 45.10 11.93 15.60
N THR A 135 44.59 12.44 14.48
CA THR A 135 45.10 13.67 13.89
C THR A 135 43.92 14.44 13.33
N TRP A 136 44.14 15.73 13.09
CA TRP A 136 43.12 16.53 12.45
C TRP A 136 42.80 16.06 11.03
N ASP A 137 43.72 15.32 10.39
CA ASP A 137 43.42 14.73 9.10
C ASP A 137 42.30 13.71 9.17
N GLU A 138 42.08 13.11 10.34
CA GLU A 138 41.03 12.12 10.50
C GLU A 138 39.70 12.73 10.98
N TRP A 139 39.66 14.06 11.16
CA TRP A 139 38.41 14.78 11.26
C TRP A 139 37.94 15.13 9.85
N PRO A 140 36.64 15.09 9.57
CA PRO A 140 36.18 15.33 8.18
C PRO A 140 36.62 16.70 7.70
N GLU A 141 37.12 16.76 6.47
CA GLU A 141 37.66 18.01 5.94
C GLU A 141 36.59 19.10 5.94
N PHE A 142 35.34 18.74 5.63
CA PHE A 142 34.31 19.77 5.51
C PHE A 142 34.01 20.46 6.83
N ALA A 143 34.42 19.87 7.96
CA ALA A 143 34.12 20.40 9.28
C ALA A 143 35.38 20.78 10.05
N ARG A 144 36.55 20.70 9.43
CA ARG A 144 37.82 20.82 10.15
C ARG A 144 38.07 22.24 10.63
N GLU A 145 37.92 23.23 9.74
CA GLU A 145 38.31 24.59 10.11
C GLU A 145 37.43 25.13 11.24
N THR A 146 36.13 24.84 11.21
CA THR A 146 35.24 25.33 12.26
C THR A 146 35.51 24.65 13.60
N PHE A 147 35.72 23.33 13.62
CA PHE A 147 36.02 22.68 14.89
C PHE A 147 37.35 23.13 15.47
N GLN A 148 38.33 23.43 14.60
CA GLN A 148 39.58 23.98 15.10
C GLN A 148 39.35 25.35 15.76
N ALA A 149 38.50 26.17 15.15
CA ALA A 149 38.17 27.47 15.72
C ALA A 149 37.33 27.34 16.99
N PHE A 150 36.46 26.33 17.07
CA PHE A 150 35.67 26.12 18.27
C PHE A 150 36.55 25.90 19.49
N ARG A 151 37.72 25.32 19.29
CA ARG A 151 38.61 24.93 20.38
C ARG A 151 39.56 26.05 20.78
N THR A 152 38.99 27.24 20.95
CA THR A 152 39.67 28.44 21.44
C THR A 152 38.72 29.19 22.37
N THR A 153 39.30 29.97 23.30
CA THR A 153 38.47 30.78 24.17
C THR A 153 38.06 32.11 23.54
N ASP A 154 38.67 32.49 22.41
CA ASP A 154 38.29 33.75 21.77
C ASP A 154 37.25 33.52 20.67
N VAL A 155 37.71 33.04 19.52
CA VAL A 155 36.80 32.77 18.40
C VAL A 155 35.78 31.71 18.76
N GLY A 156 36.21 30.65 19.46
CA GLY A 156 35.30 29.55 19.75
C GLY A 156 34.13 29.97 20.63
N ARG A 157 34.38 30.80 21.62
CA ARG A 157 33.29 31.26 22.46
C ARG A 157 32.41 32.28 21.73
N LYS A 158 33.03 33.15 20.92
CA LYS A 158 32.22 34.02 20.08
C LYS A 158 31.25 33.22 19.21
N LEU A 159 31.78 32.20 18.52
CA LEU A 159 30.93 31.42 17.62
C LEU A 159 29.84 30.66 18.37
N ILE A 160 30.22 29.93 19.42
CA ILE A 160 29.29 28.99 20.06
C ILE A 160 28.38 29.69 21.05
N ILE A 161 28.95 30.54 21.91
CA ILE A 161 28.15 31.18 22.94
C ILE A 161 27.43 32.41 22.41
N ASP A 162 28.15 33.29 21.72
CA ASP A 162 27.50 34.53 21.31
C ASP A 162 26.66 34.36 20.05
N TRP A 163 27.18 33.65 19.04
CA TRP A 163 26.49 33.54 17.76
C TRP A 163 25.63 32.28 17.63
N ASN A 164 25.69 31.36 18.58
CA ASN A 164 24.90 30.12 18.58
C ASN A 164 25.20 29.23 17.37
N VAL A 165 26.45 29.24 16.89
CA VAL A 165 26.80 28.50 15.69
C VAL A 165 26.63 27.00 15.86
N PHE A 166 26.86 26.44 17.07
CA PHE A 166 26.71 25.00 17.19
C PHE A 166 25.27 24.55 16.92
N ILE A 167 24.30 25.39 17.30
CA ILE A 167 22.89 25.07 17.08
C ILE A 167 22.48 25.44 15.66
N GLU A 168 22.86 26.64 15.20
CA GLU A 168 22.34 27.11 13.93
C GLU A 168 23.11 26.59 12.73
N GLY A 169 24.38 26.22 12.91
CA GLY A 169 25.21 25.79 11.81
C GLY A 169 25.62 24.33 11.92
N THR A 170 26.27 23.98 13.03
CA THR A 170 26.88 22.66 13.14
C THR A 170 25.82 21.57 13.19
N LEU A 171 24.76 21.80 13.99
CA LEU A 171 23.68 20.83 14.09
C LEU A 171 23.08 20.49 12.73
N PRO A 172 22.57 21.44 11.94
CA PRO A 172 22.07 21.06 10.61
C PRO A 172 23.14 20.45 9.74
N MET A 173 24.40 20.85 9.90
CA MET A 173 25.47 20.22 9.13
C MET A 173 25.81 18.81 9.60
N GLY A 174 25.17 18.33 10.66
CA GLY A 174 25.28 16.97 11.11
C GLY A 174 24.15 16.06 10.71
N VAL A 175 23.22 16.55 9.88
CA VAL A 175 22.07 15.80 9.36
C VAL A 175 22.08 15.95 7.84
N VAL A 176 21.89 14.84 7.13
CA VAL A 176 21.87 14.91 5.66
C VAL A 176 20.62 15.61 5.16
N ARG A 177 19.45 15.17 5.63
CA ARG A 177 18.21 15.77 5.18
C ARG A 177 18.00 17.13 5.87
N PRO A 178 17.15 17.99 5.30
CA PRO A 178 16.88 19.29 5.95
C PRO A 178 16.07 19.11 7.22
N LEU A 179 16.50 19.76 8.29
CA LEU A 179 15.68 19.88 9.49
C LEU A 179 14.60 20.93 9.27
N THR A 180 13.42 20.68 9.81
CA THR A 180 12.35 21.64 9.68
C THR A 180 12.47 22.73 10.75
N GLU A 181 11.70 23.80 10.57
CA GLU A 181 11.72 24.87 11.56
C GLU A 181 11.26 24.39 12.92
N VAL A 182 10.25 23.50 12.97
CA VAL A 182 9.77 22.98 14.25
C VAL A 182 10.87 22.19 14.94
N GLU A 183 11.60 21.37 14.18
CA GLU A 183 12.70 20.60 14.76
C GLU A 183 13.80 21.52 15.27
N MET A 184 14.15 22.55 14.48
CA MET A 184 15.13 23.52 14.94
C MET A 184 14.68 24.18 16.24
N ASP A 185 13.39 24.52 16.37
CA ASP A 185 12.93 25.17 17.58
C ASP A 185 13.03 24.24 18.78
N HIS A 186 12.81 22.94 18.60
CA HIS A 186 13.04 22.00 19.69
C HIS A 186 14.50 21.95 20.09
N TYR A 187 15.41 21.99 19.12
CA TYR A 187 16.83 21.98 19.47
C TYR A 187 17.28 23.31 20.07
N ARG A 188 16.68 24.44 19.65
CA ARG A 188 17.05 25.75 20.17
C ARG A 188 16.58 25.98 21.61
N GLU A 189 15.48 25.34 22.00
CA GLU A 189 14.78 25.75 23.23
CA GLU A 189 14.79 25.74 23.23
C GLU A 189 15.67 25.78 24.46
N PRO A 190 16.54 24.80 24.74
CA PRO A 190 17.33 24.86 25.97
C PRO A 190 18.35 25.98 25.98
N PHE A 191 18.64 26.59 24.82
CA PHE A 191 19.78 27.47 24.67
C PHE A 191 19.40 28.86 24.18
N LEU A 192 18.14 29.27 24.37
CA LEU A 192 17.70 30.59 23.91
C LEU A 192 18.53 31.70 24.54
N ASN A 193 18.95 31.53 25.79
CA ASN A 193 19.72 32.55 26.46
C ASN A 193 21.20 32.22 26.34
N PRO A 194 22.01 33.12 25.79
CA PRO A 194 23.46 32.82 25.66
C PRO A 194 24.15 32.40 26.95
N VAL A 195 23.70 32.88 28.11
CA VAL A 195 24.35 32.50 29.36
C VAL A 195 24.24 31.00 29.64
N ASP A 196 23.36 30.29 28.93
CA ASP A 196 23.12 28.87 29.12
C ASP A 196 23.90 27.98 28.15
N ARG A 197 24.86 28.53 27.41
CA ARG A 197 25.49 27.79 26.32
C ARG A 197 26.85 27.20 26.67
N GLU A 198 27.29 27.29 27.92
CA GLU A 198 28.59 26.70 28.29
C GLU A 198 28.76 25.25 27.86
N PRO A 199 27.78 24.35 28.01
CA PRO A 199 28.02 22.96 27.58
C PRO A 199 28.32 22.83 26.10
N LEU A 200 27.72 23.70 25.29
CA LEU A 200 27.90 23.62 23.84
C LEU A 200 29.33 23.94 23.45
N TRP A 201 30.02 24.78 24.23
CA TRP A 201 31.41 25.13 23.93
C TRP A 201 32.40 24.19 24.61
N ARG A 202 32.12 23.77 25.84
CA ARG A 202 33.08 22.89 26.51
C ARG A 202 33.14 21.52 25.83
N PHE A 203 32.01 21.02 25.33
CA PHE A 203 32.03 19.70 24.69
C PHE A 203 33.00 19.61 23.53
N PRO A 204 32.98 20.48 22.52
CA PRO A 204 33.97 20.34 21.43
C PRO A 204 35.40 20.56 21.91
N ASN A 205 35.58 21.31 23.00
CA ASN A 205 36.91 21.47 23.59
C ASN A 205 37.35 20.23 24.36
N GLU A 206 36.45 19.31 24.65
CA GLU A 206 36.79 18.03 25.25
C GLU A 206 37.03 16.92 24.23
N LEU A 207 36.68 17.13 22.95
CA LEU A 207 36.80 16.06 21.96
C LEU A 207 38.25 15.56 21.88
N PRO A 208 38.48 14.25 21.88
CA PRO A 208 39.85 13.74 21.85
C PRO A 208 40.45 13.77 20.45
N ILE A 209 41.07 14.88 20.06
CA ILE A 209 41.58 15.09 18.72
C ILE A 209 43.06 15.46 18.80
N ALA A 210 43.90 14.72 18.08
CA ALA A 210 45.34 14.99 18.02
C ALA A 210 45.99 14.95 19.41
N GLY A 211 45.50 14.05 20.26
CA GLY A 211 46.05 13.86 21.59
C GLY A 211 45.50 14.77 22.66
N GLU A 212 44.64 15.71 22.32
CA GLU A 212 44.23 16.80 23.20
C GLU A 212 42.73 16.78 23.40
N PRO A 213 42.21 16.88 24.64
CA PRO A 213 42.96 16.98 25.90
C PRO A 213 43.47 15.61 26.32
N ALA A 214 44.68 15.58 26.90
CA ALA A 214 45.31 14.31 27.24
C ALA A 214 44.43 13.45 28.13
N ASN A 215 43.76 14.06 29.13
CA ASN A 215 42.96 13.27 30.06
C ASN A 215 41.79 12.59 29.36
N ILE A 216 41.15 13.27 28.39
CA ILE A 216 40.02 12.65 27.70
C ILE A 216 40.51 11.54 26.79
N VAL A 217 41.62 11.78 26.09
CA VAL A 217 42.21 10.77 25.22
C VAL A 217 42.49 9.49 26.00
N ALA A 218 43.09 9.63 27.19
CA ALA A 218 43.41 8.45 27.99
C ALA A 218 42.14 7.71 28.39
N LEU A 219 41.13 8.43 28.86
CA LEU A 219 39.88 7.79 29.29
C LEU A 219 39.20 7.07 28.13
N VAL A 220 39.23 7.69 26.95
CA VAL A 220 38.59 7.10 25.77
C VAL A 220 39.37 5.88 25.28
N GLU A 221 40.70 5.97 25.25
CA GLU A 221 41.50 4.80 24.91
C GLU A 221 41.19 3.65 25.85
N GLU A 222 41.01 3.94 27.13
CA GLU A 222 40.74 2.89 28.09
C GLU A 222 39.40 2.20 27.82
N TYR A 223 38.35 2.97 27.50
CA TYR A 223 37.09 2.27 27.25
C TYR A 223 37.08 1.56 25.90
N MET A 224 37.87 2.05 24.94
CA MET A 224 37.98 1.35 23.68
C MET A 224 38.75 0.03 23.84
N ASP A 225 39.80 0.03 24.66
CA ASP A 225 40.49 -1.21 24.99
C ASP A 225 39.56 -2.17 25.72
N TRP A 226 38.75 -1.67 26.65
CA TRP A 226 37.75 -2.51 27.31
C TRP A 226 36.79 -3.10 26.30
N LEU A 227 36.28 -2.27 25.39
CA LEU A 227 35.28 -2.72 24.42
C LEU A 227 35.84 -3.83 23.54
N HIS A 228 37.13 -3.73 23.19
CA HIS A 228 37.74 -4.69 22.29
C HIS A 228 37.90 -6.08 22.92
N GLN A 229 37.81 -6.19 24.24
CA GLN A 229 37.93 -7.49 24.91
C GLN A 229 36.67 -7.86 25.68
N SER A 230 35.57 -7.14 25.50
CA SER A 230 34.37 -7.40 26.27
C SER A 230 33.44 -8.31 25.50
N PRO A 231 32.82 -9.28 26.16
CA PRO A 231 31.83 -10.13 25.49
C PRO A 231 30.46 -9.48 25.33
N VAL A 232 30.27 -8.26 25.80
CA VAL A 232 28.94 -7.63 25.79
C VAL A 232 28.40 -7.61 24.36
N PRO A 233 27.13 -7.94 24.13
CA PRO A 233 26.57 -7.80 22.78
C PRO A 233 26.60 -6.33 22.34
N LYS A 234 26.96 -6.13 21.07
CA LYS A 234 27.19 -4.80 20.51
C LYS A 234 26.44 -4.66 19.20
N LEU A 235 25.85 -3.49 18.99
CA LEU A 235 25.13 -3.15 17.76
C LEU A 235 25.59 -1.77 17.31
N LEU A 236 26.23 -1.70 16.16
CA LEU A 236 26.87 -0.48 15.68
C LEU A 236 26.12 0.03 14.47
N PHE A 237 25.53 1.21 14.56
CA PHE A 237 24.90 1.88 13.42
C PHE A 237 25.88 2.87 12.84
N TRP A 238 25.92 2.96 11.51
CA TRP A 238 26.84 3.87 10.84
C TRP A 238 26.19 4.35 9.55
N GLY A 239 26.64 5.51 9.07
CA GLY A 239 26.19 6.05 7.80
C GLY A 239 27.34 6.57 6.96
N THR A 240 27.01 6.97 5.73
CA THR A 240 28.01 7.51 4.82
C THR A 240 27.72 8.98 4.58
N PRO A 241 28.70 9.88 4.74
CA PRO A 241 30.11 9.63 5.05
C PRO A 241 30.43 9.58 6.55
N GLY A 242 29.42 9.80 7.40
CA GLY A 242 29.65 9.91 8.84
C GLY A 242 30.39 11.18 9.21
N VAL A 243 30.67 11.30 10.50
CA VAL A 243 31.46 12.41 11.01
C VAL A 243 32.53 11.87 11.95
N LEU A 244 32.10 11.36 13.11
CA LEU A 244 33.05 10.73 14.02
C LEU A 244 33.50 9.36 13.53
N ILE A 245 32.64 8.64 12.84
CA ILE A 245 32.88 7.26 12.44
C ILE A 245 32.72 7.15 10.94
N PRO A 246 33.81 7.23 10.18
CA PRO A 246 33.73 6.99 8.74
C PRO A 246 33.38 5.54 8.47
N PRO A 247 32.86 5.23 7.27
CA PRO A 247 32.53 3.84 6.97
C PRO A 247 33.67 2.86 7.18
N ALA A 248 34.91 3.26 6.90
CA ALA A 248 36.04 2.37 7.11
C ALA A 248 36.20 2.02 8.59
N GLU A 249 35.96 2.98 9.47
CA GLU A 249 36.11 2.72 10.90
C GLU A 249 35.00 1.83 11.41
N ALA A 250 33.77 2.02 10.89
CA ALA A 250 32.68 1.13 11.26
C ALA A 250 32.97 -0.30 10.85
N ALA A 251 33.50 -0.49 9.63
CA ALA A 251 33.83 -1.83 9.16
C ALA A 251 34.96 -2.44 9.98
N ARG A 252 35.98 -1.65 10.33
CA ARG A 252 37.08 -2.14 11.14
C ARG A 252 36.60 -2.59 12.52
N LEU A 253 35.73 -1.79 13.13
CA LEU A 253 35.21 -2.15 14.44
C LEU A 253 34.26 -3.34 14.38
N ALA A 254 33.47 -3.43 13.31
CA ALA A 254 32.57 -4.58 13.16
C ALA A 254 33.33 -5.89 13.19
N LYS A 255 34.57 -5.90 12.73
CA LYS A 255 35.40 -7.10 12.75
C LYS A 255 36.20 -7.24 14.03
N SER A 256 36.69 -6.14 14.60
CA SER A 256 37.58 -6.25 15.75
C SER A 256 36.86 -6.38 17.08
N LEU A 257 35.61 -5.92 17.19
CA LEU A 257 34.94 -5.96 18.48
C LEU A 257 34.20 -7.29 18.62
N PRO A 258 34.30 -7.94 19.78
CA PRO A 258 33.57 -9.21 19.96
C PRO A 258 32.07 -8.98 19.88
N ASN A 259 31.37 -9.96 19.30
CA ASN A 259 29.91 -10.03 19.44
C ASN A 259 29.23 -8.75 18.92
N CYS A 260 29.68 -8.28 17.76
CA CYS A 260 29.27 -6.99 17.21
C CYS A 260 28.56 -7.18 15.88
N LYS A 261 27.33 -6.68 15.78
CA LYS A 261 26.61 -6.58 14.53
C LYS A 261 26.61 -5.11 14.10
N ALA A 262 26.82 -4.86 12.82
CA ALA A 262 26.83 -3.50 12.29
C ALA A 262 25.70 -3.33 11.28
N VAL A 263 25.13 -2.12 11.26
CA VAL A 263 23.97 -1.81 10.43
C VAL A 263 24.21 -0.50 9.70
N ASP A 264 24.12 -0.53 8.38
CA ASP A 264 24.28 0.64 7.52
C ASP A 264 22.94 1.34 7.42
N ILE A 265 22.88 2.61 7.85
CA ILE A 265 21.62 3.34 7.82
C ILE A 265 21.42 4.12 6.53
N GLY A 266 22.39 4.07 5.62
CA GLY A 266 22.34 4.85 4.41
C GLY A 266 23.10 6.16 4.59
N PRO A 267 22.70 7.19 3.87
CA PRO A 267 23.33 8.51 4.06
C PRO A 267 23.21 8.99 5.50
N GLY A 268 24.32 9.48 6.03
CA GLY A 268 24.30 9.96 7.40
C GLY A 268 25.56 10.72 7.72
N LEU A 269 25.46 11.65 8.68
CA LEU A 269 26.58 12.47 9.12
C LEU A 269 26.80 12.18 10.60
N ASN A 270 26.32 13.03 11.50
CA ASN A 270 26.44 12.75 12.93
C ASN A 270 25.13 12.30 13.57
N LEU A 271 24.05 13.05 13.39
CA LEU A 271 22.77 12.68 13.99
C LEU A 271 22.07 11.66 13.11
N LEU A 272 22.56 10.41 13.15
CA LEU A 272 21.98 9.36 12.32
C LEU A 272 20.50 9.17 12.62
N GLN A 273 20.09 9.44 13.87
CA GLN A 273 18.69 9.35 14.28
C GLN A 273 17.78 10.22 13.45
N GLU A 274 18.29 11.34 12.91
CA GLU A 274 17.47 12.24 12.12
C GLU A 274 17.38 11.84 10.66
N ASP A 275 18.29 10.99 10.18
CA ASP A 275 18.25 10.56 8.79
C ASP A 275 17.52 9.23 8.60
N ASN A 276 17.60 8.30 9.57
CA ASN A 276 16.89 7.04 9.39
C ASN A 276 16.42 6.48 10.74
N PRO A 277 15.50 7.19 11.42
CA PRO A 277 15.03 6.69 12.71
C PRO A 277 14.32 5.36 12.65
N ASP A 278 13.58 5.08 11.59
CA ASP A 278 12.79 3.85 11.60
C ASP A 278 13.67 2.62 11.49
N LEU A 279 14.74 2.68 10.70
CA LEU A 279 15.67 1.55 10.66
C LEU A 279 16.40 1.39 12.00
N ILE A 280 16.86 2.49 12.58
CA ILE A 280 17.57 2.39 13.85
C ILE A 280 16.66 1.79 14.93
N GLY A 281 15.44 2.34 15.04
CA GLY A 281 14.52 1.83 16.06
C GLY A 281 14.11 0.39 15.84
N SER A 282 13.77 0.04 14.60
CA SER A 282 13.34 -1.33 14.34
C SER A 282 14.48 -2.31 14.55
N GLU A 283 15.71 -1.93 14.18
CA GLU A 283 16.83 -2.83 14.38
C GLU A 283 17.21 -2.97 15.85
N ILE A 284 17.07 -1.89 16.64
CA ILE A 284 17.29 -2.06 18.08
C ILE A 284 16.30 -3.04 18.66
N ALA A 285 15.03 -2.92 18.28
CA ALA A 285 14.02 -3.82 18.83
C ALA A 285 14.28 -5.27 18.46
N ARG A 286 14.67 -5.52 17.20
CA ARG A 286 14.96 -6.87 16.77
C ARG A 286 16.14 -7.45 17.55
N TRP A 287 17.21 -6.65 17.69
CA TRP A 287 18.41 -7.09 18.40
C TRP A 287 18.10 -7.37 19.87
N LEU A 288 17.29 -6.53 20.50
CA LEU A 288 16.93 -6.77 21.89
C LEU A 288 16.26 -8.13 22.08
N SER A 289 15.42 -8.54 21.11
CA SER A 289 14.74 -9.82 21.23
C SER A 289 15.70 -10.99 21.19
N THR A 290 16.95 -10.79 20.74
CA THR A 290 17.95 -11.85 20.74
C THR A 290 18.80 -11.88 22.00
N LEU A 291 18.67 -10.90 22.89
CA LEU A 291 19.53 -10.85 24.08
C LEU A 291 18.88 -11.64 25.21
N GLU A 292 19.71 -12.07 26.16
CA GLU A 292 19.20 -12.78 27.35
C GLU A 292 18.89 -11.75 28.43
N ILE A 293 17.77 -11.05 28.22
CA ILE A 293 17.34 -9.96 29.09
C ILE A 293 15.89 -10.10 29.54
N GLY B 1 -29.49 -14.41 4.13
CA GLY B 1 -28.04 -14.45 4.13
C GLY B 1 -27.44 -14.75 5.50
N ILE B 2 -26.17 -14.43 5.65
CA ILE B 2 -25.46 -14.64 6.91
C ILE B 2 -26.07 -13.74 7.98
N GLY B 3 -26.41 -14.34 9.13
CA GLY B 3 -27.17 -13.60 10.14
C GLY B 3 -26.37 -12.45 10.74
N THR B 4 -27.04 -11.32 10.94
CA THR B 4 -26.45 -10.14 11.57
C THR B 4 -26.88 -9.97 13.02
N GLY B 5 -27.89 -10.72 13.48
CA GLY B 5 -28.37 -10.52 14.83
C GLY B 5 -27.51 -11.21 15.88
N PHE B 6 -27.68 -10.76 17.11
CA PHE B 6 -27.05 -11.38 18.28
C PHE B 6 -28.17 -11.61 19.29
N PRO B 7 -28.89 -12.73 19.19
CA PRO B 7 -30.08 -12.93 20.03
C PRO B 7 -29.81 -13.45 21.44
N PHE B 8 -28.56 -13.77 21.76
CA PHE B 8 -28.26 -14.57 22.93
C PHE B 8 -28.48 -13.76 24.20
N ASP B 9 -29.13 -14.39 25.18
CA ASP B 9 -29.34 -13.74 26.47
C ASP B 9 -28.01 -13.48 27.16
N PRO B 10 -27.85 -12.35 27.85
CA PRO B 10 -26.58 -12.09 28.53
C PRO B 10 -26.43 -12.91 29.80
N HIS B 11 -25.20 -13.33 30.05
CA HIS B 11 -24.82 -13.90 31.33
C HIS B 11 -23.54 -13.22 31.76
N TYR B 12 -23.37 -13.09 33.07
CA TYR B 12 -22.19 -12.43 33.62
C TYR B 12 -21.68 -13.21 34.82
N VAL B 13 -20.36 -13.22 34.96
CA VAL B 13 -19.71 -13.77 36.16
C VAL B 13 -18.65 -12.77 36.59
N GLU B 14 -18.51 -12.57 37.90
CA GLU B 14 -17.53 -11.62 38.40
C GLU B 14 -16.26 -12.36 38.72
N VAL B 15 -15.15 -11.95 38.10
CA VAL B 15 -13.84 -12.55 38.39
C VAL B 15 -12.80 -11.46 38.50
N LEU B 16 -11.94 -11.59 39.51
CA LEU B 16 -10.88 -10.63 39.76
C LEU B 16 -11.43 -9.21 39.86
N GLY B 17 -12.64 -9.07 40.39
CA GLY B 17 -13.25 -7.78 40.59
C GLY B 17 -13.93 -7.19 39.38
N GLU B 18 -14.07 -7.94 38.28
CA GLU B 18 -14.62 -7.44 37.03
C GLU B 18 -15.63 -8.43 36.48
N ARG B 19 -16.66 -7.91 35.84
CA ARG B 19 -17.69 -8.74 35.25
C ARG B 19 -17.28 -9.15 33.85
N MET B 20 -17.37 -10.44 33.55
CA MET B 20 -17.20 -10.93 32.19
C MET B 20 -18.53 -11.41 31.64
N HIS B 21 -18.88 -10.95 30.45
CA HIS B 21 -20.09 -11.38 29.78
C HIS B 21 -19.84 -12.67 29.01
N TYR B 22 -20.85 -13.54 28.97
CA TYR B 22 -20.72 -14.74 28.14
C TYR B 22 -22.09 -15.21 27.64
N VAL B 23 -22.08 -15.78 26.44
CA VAL B 23 -23.21 -16.57 25.92
C VAL B 23 -23.21 -17.92 26.62
N ASP B 24 -24.40 -18.43 26.93
CA ASP B 24 -24.53 -19.77 27.51
C ASP B 24 -25.85 -20.35 27.01
N VAL B 25 -25.78 -21.25 26.03
CA VAL B 25 -26.97 -21.87 25.44
C VAL B 25 -26.73 -23.36 25.32
N GLY B 26 -27.81 -24.09 25.03
CA GLY B 26 -27.69 -25.51 24.82
C GLY B 26 -27.96 -26.32 26.08
N PRO B 27 -28.03 -27.64 25.91
CA PRO B 27 -28.40 -28.51 27.04
C PRO B 27 -27.37 -28.47 28.16
N ARG B 28 -27.88 -28.63 29.39
CA ARG B 28 -27.08 -28.44 30.60
C ARG B 28 -26.22 -29.64 30.92
N ASP B 29 -26.63 -30.84 30.49
CA ASP B 29 -25.88 -32.05 30.75
C ASP B 29 -24.91 -32.28 29.60
N GLY B 30 -23.76 -32.82 29.94
CA GLY B 30 -22.77 -33.16 28.95
C GLY B 30 -21.53 -32.29 29.07
N THR B 31 -20.64 -32.46 28.11
CA THR B 31 -19.39 -31.72 28.08
C THR B 31 -19.62 -30.39 27.41
N PRO B 32 -19.33 -29.27 28.05
CA PRO B 32 -19.53 -27.97 27.42
C PRO B 32 -18.49 -27.67 26.35
N VAL B 33 -18.90 -26.84 25.40
CA VAL B 33 -18.07 -26.39 24.30
C VAL B 33 -17.78 -24.91 24.53
N LEU B 34 -16.51 -24.58 24.70
CA LEU B 34 -16.07 -23.23 25.07
C LEU B 34 -15.47 -22.54 23.85
N PHE B 35 -16.11 -21.46 23.38
CA PHE B 35 -15.73 -20.72 22.18
C PHE B 35 -14.96 -19.47 22.59
N LEU B 36 -13.74 -19.31 22.08
CA LEU B 36 -12.86 -18.20 22.45
C LEU B 36 -12.53 -17.35 21.22
N HIS B 37 -13.00 -16.10 21.23
CA HIS B 37 -12.75 -15.15 20.16
C HIS B 37 -11.38 -14.48 20.34
N GLY B 38 -11.00 -13.67 19.34
CA GLY B 38 -9.74 -12.94 19.37
C GLY B 38 -9.94 -11.47 19.04
N ASN B 39 -8.98 -10.91 18.31
CA ASN B 39 -8.91 -9.46 18.10
C ASN B 39 -9.43 -9.11 16.71
N PRO B 40 -10.31 -8.12 16.54
CA PRO B 40 -10.92 -7.23 17.54
C PRO B 40 -12.37 -7.60 17.75
N THR B 41 -12.62 -8.89 17.96
CA THR B 41 -13.99 -9.37 17.92
C THR B 41 -14.54 -9.55 19.34
N SER B 42 -15.60 -10.35 19.45
CA SER B 42 -16.25 -10.69 20.71
C SER B 42 -16.97 -12.00 20.44
N SER B 43 -17.81 -12.42 21.38
CA SER B 43 -18.67 -13.58 21.12
C SER B 43 -19.55 -13.39 19.89
N TYR B 44 -19.75 -12.13 19.44
CA TYR B 44 -20.47 -11.88 18.20
C TYR B 44 -19.92 -12.70 17.03
N VAL B 45 -18.61 -12.97 17.01
CA VAL B 45 -18.01 -13.69 15.89
C VAL B 45 -18.53 -15.12 15.78
N TRP B 46 -19.08 -15.67 16.87
CA TRP B 46 -19.57 -17.03 16.90
C TRP B 46 -21.07 -17.13 16.65
N ARG B 47 -21.74 -15.99 16.42
CA ARG B 47 -23.20 -15.93 16.44
C ARG B 47 -23.86 -16.87 15.43
N ASN B 48 -23.20 -17.14 14.30
CA ASN B 48 -23.81 -17.98 13.26
C ASN B 48 -23.26 -19.39 13.28
N ILE B 49 -22.33 -19.68 14.19
CA ILE B 49 -21.77 -21.02 14.35
C ILE B 49 -22.43 -21.76 15.49
N ILE B 50 -22.63 -21.07 16.60
CA ILE B 50 -23.27 -21.64 17.78
C ILE B 50 -24.61 -22.31 17.45
N PRO B 51 -25.46 -21.73 16.60
CA PRO B 51 -26.77 -22.37 16.37
C PRO B 51 -26.71 -23.75 15.75
N HIS B 52 -25.58 -24.15 15.15
CA HIS B 52 -25.43 -25.52 14.65
C HIS B 52 -25.04 -26.49 15.76
N VAL B 53 -24.48 -25.99 16.85
CA VAL B 53 -23.93 -26.82 17.91
C VAL B 53 -24.86 -26.88 19.12
N ALA B 54 -25.49 -25.74 19.41
CA ALA B 54 -26.37 -25.62 20.56
C ALA B 54 -27.53 -26.61 20.60
N PRO B 55 -28.05 -27.18 19.50
CA PRO B 55 -29.08 -28.20 19.68
C PRO B 55 -28.62 -29.37 20.54
N THR B 56 -27.36 -29.77 20.40
CA THR B 56 -26.87 -30.98 21.04
C THR B 56 -25.84 -30.76 22.13
N HIS B 57 -25.26 -29.56 22.24
CA HIS B 57 -24.18 -29.32 23.19
C HIS B 57 -24.30 -27.94 23.82
N ARG B 58 -23.93 -27.86 25.09
CA ARG B 58 -23.82 -26.58 25.75
C ARG B 58 -22.71 -25.75 25.10
N CYS B 59 -23.04 -24.52 24.76
CA CYS B 59 -22.11 -23.58 24.12
C CYS B 59 -21.91 -22.39 25.05
N ILE B 60 -20.65 -22.17 25.45
CA ILE B 60 -20.27 -21.06 26.31
C ILE B 60 -19.30 -20.20 25.50
N ALA B 61 -19.60 -18.91 25.37
CA ALA B 61 -18.77 -18.02 24.56
C ALA B 61 -18.54 -16.73 25.33
N PRO B 62 -17.43 -16.62 26.06
CA PRO B 62 -17.16 -15.38 26.80
C PRO B 62 -16.63 -14.27 25.91
N ASP B 63 -16.83 -13.04 26.38
CA ASP B 63 -16.13 -11.88 25.85
C ASP B 63 -14.85 -11.69 26.67
N LEU B 64 -13.71 -11.64 26.00
CA LEU B 64 -12.46 -11.42 26.72
C LEU B 64 -12.54 -10.12 27.52
N ILE B 65 -11.79 -10.07 28.61
CA ILE B 65 -11.73 -8.85 29.43
C ILE B 65 -11.34 -7.67 28.54
N GLY B 66 -12.01 -6.54 28.76
CA GLY B 66 -11.81 -5.36 27.94
C GLY B 66 -12.51 -5.37 26.60
N MET B 67 -13.28 -6.41 26.28
CA MET B 67 -13.88 -6.58 24.97
C MET B 67 -15.35 -6.95 25.08
N GLY B 68 -16.07 -6.80 23.96
CA GLY B 68 -17.48 -7.17 23.94
C GLY B 68 -18.24 -6.44 25.03
N LYS B 69 -19.06 -7.21 25.76
CA LYS B 69 -19.83 -6.66 26.88
C LYS B 69 -19.15 -6.86 28.23
N SER B 70 -17.90 -7.33 28.23
CA SER B 70 -17.19 -7.50 29.49
C SER B 70 -16.67 -6.17 29.98
N ASP B 71 -16.32 -6.13 31.26
CA ASP B 71 -15.81 -4.91 31.89
C ASP B 71 -14.47 -4.48 31.30
N LYS B 72 -14.12 -3.22 31.56
CA LYS B 72 -12.99 -2.55 30.93
C LYS B 72 -12.06 -1.96 31.98
N PRO B 73 -11.40 -2.78 32.78
CA PRO B 73 -10.43 -2.24 33.76
C PRO B 73 -9.27 -1.55 33.06
N ASP B 74 -8.59 -0.69 33.81
CA ASP B 74 -7.47 0.09 33.27
C ASP B 74 -6.21 -0.76 33.34
N LEU B 75 -6.08 -1.68 32.37
CA LEU B 75 -4.96 -2.61 32.28
C LEU B 75 -4.17 -2.34 31.01
N GLY B 76 -2.98 -2.93 30.93
CA GLY B 76 -2.25 -2.98 29.68
C GLY B 76 -2.81 -3.95 28.67
N TYR B 77 -3.60 -4.93 29.13
CA TYR B 77 -4.18 -5.93 28.23
C TYR B 77 -3.13 -6.75 27.50
N PHE B 78 -2.03 -7.02 28.21
CA PHE B 78 -1.06 -8.00 27.74
C PHE B 78 -1.71 -9.37 27.65
N PHE B 79 -1.09 -10.25 26.85
CA PHE B 79 -1.58 -11.62 26.83
C PHE B 79 -1.67 -12.19 28.23
N ASP B 80 -0.69 -11.87 29.07
CA ASP B 80 -0.71 -12.34 30.46
C ASP B 80 -1.99 -11.93 31.19
N ASP B 81 -2.49 -10.70 30.94
CA ASP B 81 -3.75 -10.27 31.56
C ASP B 81 -4.91 -11.14 31.10
N HIS B 82 -4.99 -11.39 29.80
CA HIS B 82 -6.05 -12.26 29.27
C HIS B 82 -5.95 -13.66 29.84
N VAL B 83 -4.74 -14.20 29.99
CA VAL B 83 -4.56 -15.52 30.59
C VAL B 83 -5.14 -15.55 31.98
N ARG B 84 -4.83 -14.52 32.77
CA ARG B 84 -5.27 -14.49 34.15
CA ARG B 84 -5.27 -14.48 34.16
C ARG B 84 -6.78 -14.45 34.25
N PHE B 85 -7.43 -13.60 33.44
CA PHE B 85 -8.87 -13.50 33.48
C PHE B 85 -9.55 -14.75 32.93
N MET B 86 -9.01 -15.35 31.86
CA MET B 86 -9.66 -16.53 31.31
C MET B 86 -9.49 -17.74 32.22
N ASP B 87 -8.33 -17.88 32.87
CA ASP B 87 -8.18 -18.96 33.86
C ASP B 87 -9.24 -18.82 34.95
N ALA B 88 -9.49 -17.60 35.39
CA ALA B 88 -10.45 -17.37 36.47
C ALA B 88 -11.88 -17.56 35.98
N PHE B 89 -12.19 -17.09 34.76
CA PHE B 89 -13.50 -17.34 34.17
C PHE B 89 -13.85 -18.83 34.16
N ILE B 90 -12.92 -19.66 33.66
CA ILE B 90 -13.20 -21.08 33.53
C ILE B 90 -13.48 -21.71 34.89
N GLU B 91 -12.67 -21.38 35.90
CA GLU B 91 -12.88 -21.92 37.24
C GLU B 91 -14.16 -21.39 37.87
N ALA B 92 -14.48 -20.11 37.64
CA ALA B 92 -15.67 -19.50 38.25
C ALA B 92 -16.95 -20.16 37.77
N LEU B 93 -16.97 -20.60 36.52
CA LEU B 93 -18.12 -21.35 36.01
C LEU B 93 -18.10 -22.80 36.45
N GLY B 94 -17.05 -23.24 37.15
CA GLY B 94 -16.97 -24.62 37.59
C GLY B 94 -16.85 -25.62 36.46
N LEU B 95 -16.27 -25.22 35.34
CA LEU B 95 -16.09 -26.14 34.24
C LEU B 95 -15.07 -27.19 34.65
N GLU B 96 -15.34 -28.44 34.25
CA GLU B 96 -14.43 -29.53 34.53
C GLU B 96 -13.77 -29.90 33.22
N GLU B 97 -14.32 -30.82 32.45
CA GLU B 97 -13.80 -31.12 31.12
C GLU B 97 -14.51 -30.24 30.10
N VAL B 98 -13.79 -29.89 29.04
CA VAL B 98 -14.34 -29.01 28.00
C VAL B 98 -13.84 -29.44 26.63
N VAL B 99 -14.61 -29.05 25.62
CA VAL B 99 -14.13 -28.98 24.24
C VAL B 99 -13.90 -27.51 23.92
N LEU B 100 -12.77 -27.20 23.32
CA LEU B 100 -12.43 -25.83 22.96
C LEU B 100 -12.69 -25.59 21.47
N VAL B 101 -13.25 -24.41 21.15
CA VAL B 101 -13.36 -23.92 19.78
C VAL B 101 -12.76 -22.52 19.78
N ILE B 102 -11.65 -22.33 19.06
CA ILE B 102 -10.75 -21.22 19.32
C ILE B 102 -10.23 -20.58 18.03
N HIS B 103 -9.98 -19.28 18.09
CA HIS B 103 -9.64 -18.47 16.91
C HIS B 103 -8.73 -17.31 17.32
N ASP B 104 -7.68 -17.07 16.55
CA ASP B 104 -6.82 -15.88 16.72
C ASP B 104 -6.34 -15.84 18.16
N TRP B 105 -6.46 -14.73 18.89
CA TRP B 105 -5.93 -14.69 20.25
C TRP B 105 -6.67 -15.63 21.19
N GLY B 106 -7.93 -15.96 20.89
CA GLY B 106 -8.61 -17.00 21.64
C GLY B 106 -7.94 -18.35 21.52
N SER B 107 -7.26 -18.59 20.39
CA SER B 107 -6.52 -19.85 20.23
C SER B 107 -5.26 -19.87 21.07
N ALA B 108 -4.58 -18.73 21.22
CA ALA B 108 -3.45 -18.70 22.14
C ALA B 108 -3.91 -18.95 23.56
N LEU B 109 -5.03 -18.34 23.96
CA LEU B 109 -5.59 -18.63 25.28
C LEU B 109 -5.94 -20.09 25.42
N GLY B 110 -6.63 -20.65 24.42
CA GLY B 110 -7.11 -22.02 24.54
C GLY B 110 -5.99 -23.04 24.53
N PHE B 111 -5.02 -22.87 23.64
CA PHE B 111 -3.90 -23.81 23.58
C PHE B 111 -3.04 -23.70 24.83
N HIS B 112 -2.83 -22.48 25.33
CA HIS B 112 -2.02 -22.32 26.53
C HIS B 112 -2.72 -22.92 27.74
N TRP B 113 -4.06 -22.77 27.81
CA TRP B 113 -4.80 -23.38 28.90
C TRP B 113 -4.79 -24.89 28.77
N ALA B 114 -4.97 -25.41 27.55
CA ALA B 114 -4.95 -26.86 27.35
C ALA B 114 -3.60 -27.45 27.75
N LYS B 115 -2.50 -26.79 27.38
CA LYS B 115 -1.17 -27.28 27.72
C LYS B 115 -1.02 -27.41 29.23
N ARG B 116 -1.58 -26.48 29.98
CA ARG B 116 -1.48 -26.47 31.43
C ARG B 116 -2.54 -27.30 32.11
N ASN B 117 -3.64 -27.61 31.42
CA ASN B 117 -4.73 -28.41 31.97
C ASN B 117 -5.11 -29.52 31.00
N PRO B 118 -4.13 -30.32 30.56
CA PRO B 118 -4.42 -31.27 29.46
C PRO B 118 -5.42 -32.34 29.83
N GLU B 119 -5.54 -32.68 31.11
CA GLU B 119 -6.48 -33.71 31.54
C GLU B 119 -7.93 -33.27 31.38
N ARG B 120 -8.18 -31.99 31.14
CA ARG B 120 -9.53 -31.44 31.09
C ARG B 120 -10.01 -31.14 29.68
N VAL B 121 -9.20 -31.40 28.67
CA VAL B 121 -9.55 -31.05 27.30
C VAL B 121 -9.97 -32.32 26.57
N LYS B 122 -11.18 -32.31 26.00
CA LYS B 122 -11.70 -33.44 25.26
C LYS B 122 -11.62 -33.28 23.75
N GLY B 123 -11.25 -32.10 23.28
CA GLY B 123 -11.16 -31.86 21.87
C GLY B 123 -10.83 -30.40 21.67
N ILE B 124 -10.20 -30.07 20.55
CA ILE B 124 -9.91 -28.69 20.21
C ILE B 124 -10.24 -28.50 18.73
N ALA B 125 -11.20 -27.63 18.42
CA ALA B 125 -11.40 -27.14 17.07
C ALA B 125 -10.81 -25.74 16.99
N PHE B 126 -10.07 -25.48 15.91
CA PHE B 126 -9.29 -24.24 15.85
C PHE B 126 -9.19 -23.77 14.41
N MET B 127 -8.90 -22.48 14.26
CA MET B 127 -8.85 -21.86 12.94
C MET B 127 -8.10 -20.56 13.07
N GLU B 128 -7.34 -20.21 12.04
CA GLU B 128 -6.62 -18.94 11.99
C GLU B 128 -6.02 -18.61 13.35
N PHE B 129 -5.16 -19.52 13.80
CA PHE B 129 -4.67 -19.58 15.16
C PHE B 129 -3.26 -19.01 15.26
N ILE B 130 -2.85 -18.70 16.49
CA ILE B 130 -1.55 -18.07 16.74
C ILE B 130 -0.49 -19.14 16.76
N ARG B 131 0.46 -19.03 15.83
CA ARG B 131 1.69 -19.80 15.76
C ARG B 131 2.81 -18.78 15.58
N PRO B 132 4.06 -19.15 15.82
CA PRO B 132 5.14 -18.20 15.59
C PRO B 132 5.27 -17.92 14.10
N ILE B 133 5.31 -16.64 13.74
CA ILE B 133 5.54 -16.23 12.37
C ILE B 133 7.04 -16.02 12.23
N PRO B 134 7.74 -16.85 11.44
CA PRO B 134 9.20 -16.91 11.57
C PRO B 134 9.93 -15.63 11.15
N THR B 135 9.53 -15.05 10.02
CA THR B 135 10.04 -13.77 9.56
C THR B 135 8.86 -12.94 9.09
N TRP B 136 9.12 -11.66 8.86
CA TRP B 136 8.06 -10.78 8.35
C TRP B 136 7.58 -11.16 6.97
N ASP B 137 8.37 -11.94 6.21
CA ASP B 137 7.93 -12.39 4.91
C ASP B 137 6.77 -13.37 4.99
N GLU B 138 6.56 -14.01 6.14
CA GLU B 138 5.42 -14.90 6.32
C GLU B 138 4.18 -14.18 6.82
N TRP B 139 4.26 -12.89 7.07
CA TRP B 139 3.03 -12.13 7.21
C TRP B 139 2.56 -11.72 5.81
N PRO B 140 1.26 -11.82 5.53
CA PRO B 140 0.79 -11.53 4.17
C PRO B 140 1.24 -10.15 3.70
N GLU B 141 1.77 -10.09 2.48
CA GLU B 141 2.36 -8.85 2.00
C GLU B 141 1.36 -7.71 2.02
N PHE B 142 0.09 -7.99 1.72
CA PHE B 142 -0.90 -6.91 1.64
C PHE B 142 -1.14 -6.23 2.97
N ALA B 143 -0.78 -6.88 4.09
CA ALA B 143 -1.02 -6.36 5.43
C ALA B 143 0.26 -6.06 6.21
N ARG B 144 1.42 -6.24 5.59
CA ARG B 144 2.70 -6.25 6.31
C ARG B 144 3.09 -4.86 6.80
N GLU B 145 3.07 -3.86 5.92
CA GLU B 145 3.48 -2.52 6.34
C GLU B 145 2.61 -2.01 7.49
N THR B 146 1.30 -2.26 7.43
CA THR B 146 0.40 -1.77 8.46
C THR B 146 0.63 -2.49 9.78
N PHE B 147 0.80 -3.83 9.76
CA PHE B 147 1.06 -4.52 11.02
C PHE B 147 2.43 -4.13 11.59
N GLN B 148 3.41 -3.82 10.73
CA GLN B 148 4.66 -3.30 11.26
C GLN B 148 4.45 -1.94 11.93
N ALA B 149 3.62 -1.09 11.34
CA ALA B 149 3.33 0.22 11.93
C ALA B 149 2.54 0.09 13.22
N PHE B 150 1.64 -0.90 13.29
CA PHE B 150 0.89 -1.11 14.52
C PHE B 150 1.80 -1.37 15.70
N ARG B 151 2.96 -1.99 15.46
CA ARG B 151 3.89 -2.39 16.51
C ARG B 151 4.84 -1.28 16.92
N THR B 152 4.30 -0.08 17.09
CA THR B 152 5.01 1.08 17.59
C THR B 152 4.08 1.84 18.51
N THR B 153 4.65 2.62 19.44
CA THR B 153 3.84 3.42 20.35
C THR B 153 3.46 4.78 19.79
N ASP B 154 4.03 5.18 18.64
CA ASP B 154 3.65 6.44 18.03
C ASP B 154 2.61 6.23 16.94
N VAL B 155 3.03 5.80 15.76
CA VAL B 155 2.11 5.55 14.65
C VAL B 155 1.09 4.47 15.00
N GLY B 156 1.53 3.41 15.68
CA GLY B 156 0.63 2.30 15.95
C GLY B 156 -0.54 2.70 16.84
N ARG B 157 -0.27 3.52 17.86
CA ARG B 157 -1.35 3.98 18.73
C ARG B 157 -2.22 5.01 18.01
N LYS B 158 -1.61 5.85 17.17
CA LYS B 158 -2.41 6.77 16.38
C LYS B 158 -3.39 6.00 15.49
N LEU B 159 -2.91 4.98 14.79
CA LEU B 159 -3.78 4.17 13.93
C LEU B 159 -4.87 3.48 14.73
N ILE B 160 -4.51 2.76 15.78
CA ILE B 160 -5.47 1.85 16.41
C ILE B 160 -6.32 2.56 17.45
N ILE B 161 -5.70 3.39 18.29
CA ILE B 161 -6.44 4.05 19.35
C ILE B 161 -7.14 5.29 18.83
N ASP B 162 -6.40 6.20 18.21
CA ASP B 162 -7.00 7.48 17.84
C ASP B 162 -7.90 7.36 16.62
N TRP B 163 -7.49 6.58 15.61
CA TRP B 163 -8.23 6.54 14.36
C TRP B 163 -9.10 5.29 14.20
N ASN B 164 -9.01 4.35 15.14
CA ASN B 164 -9.83 3.12 15.17
C ASN B 164 -9.60 2.23 13.95
N VAL B 165 -8.36 2.16 13.47
CA VAL B 165 -8.08 1.42 12.24
C VAL B 165 -8.31 -0.08 12.39
N PHE B 166 -8.09 -0.67 13.57
CA PHE B 166 -8.27 -2.12 13.66
C PHE B 166 -9.73 -2.52 13.44
N ILE B 167 -10.67 -1.69 13.91
CA ILE B 167 -12.10 -1.94 13.70
C ILE B 167 -12.53 -1.54 12.29
N GLU B 168 -12.17 -0.35 11.85
CA GLU B 168 -12.73 0.18 10.61
C GLU B 168 -11.98 -0.30 9.36
N GLY B 169 -10.72 -0.71 9.50
CA GLY B 169 -9.92 -1.11 8.36
C GLY B 169 -9.50 -2.56 8.42
N THR B 170 -8.85 -2.95 9.52
CA THR B 170 -8.26 -4.28 9.59
C THR B 170 -9.33 -5.37 9.64
N LEU B 171 -10.35 -5.18 10.46
CA LEU B 171 -11.45 -6.14 10.55
C LEU B 171 -12.08 -6.42 9.19
N PRO B 172 -12.51 -5.43 8.40
CA PRO B 172 -13.01 -5.73 7.05
C PRO B 172 -11.99 -6.41 6.18
N MET B 173 -10.71 -6.08 6.33
CA MET B 173 -9.69 -6.73 5.53
C MET B 173 -9.35 -8.14 6.01
N GLY B 174 -9.97 -8.59 7.09
CA GLY B 174 -9.88 -9.97 7.54
C GLY B 174 -11.07 -10.84 7.14
N VAL B 175 -11.99 -10.32 6.34
CA VAL B 175 -13.18 -11.04 5.89
C VAL B 175 -13.23 -10.89 4.37
N VAL B 176 -13.45 -12.00 3.66
CA VAL B 176 -13.49 -11.90 2.20
C VAL B 176 -14.76 -11.17 1.75
N ARG B 177 -15.90 -11.63 2.23
CA ARG B 177 -17.15 -11.01 1.81
C ARG B 177 -17.34 -9.66 2.51
N PRO B 178 -18.14 -8.77 1.93
CA PRO B 178 -18.37 -7.48 2.58
C PRO B 178 -19.19 -7.63 3.85
N LEU B 179 -18.76 -6.94 4.90
CA LEU B 179 -19.56 -6.84 6.11
C LEU B 179 -20.61 -5.75 5.95
N THR B 180 -21.77 -5.97 6.57
CA THR B 180 -22.85 -5.01 6.51
C THR B 180 -22.69 -3.93 7.59
N GLU B 181 -23.44 -2.84 7.42
CA GLU B 181 -23.41 -1.76 8.40
C GLU B 181 -23.82 -2.26 9.77
N VAL B 182 -24.85 -3.11 9.85
CA VAL B 182 -25.28 -3.64 11.13
C VAL B 182 -24.19 -4.46 11.79
N GLU B 183 -23.51 -5.32 11.00
CA GLU B 183 -22.40 -6.10 11.55
C GLU B 183 -21.29 -5.19 12.06
N MET B 184 -20.94 -4.14 11.28
CA MET B 184 -19.93 -3.21 11.75
C MET B 184 -20.34 -2.55 13.05
N ASP B 185 -21.62 -2.20 13.18
CA ASP B 185 -22.08 -1.56 14.41
C ASP B 185 -21.91 -2.49 15.61
N HIS B 186 -22.13 -3.79 15.42
CA HIS B 186 -21.89 -4.74 16.51
C HIS B 186 -20.43 -4.80 16.89
N TYR B 187 -19.53 -4.78 15.91
CA TYR B 187 -18.10 -4.81 16.21
C TYR B 187 -17.60 -3.48 16.79
N ARG B 188 -18.24 -2.37 16.39
CA ARG B 188 -17.84 -1.05 16.89
C ARG B 188 -18.26 -0.81 18.34
N GLU B 189 -19.37 -1.40 18.76
CA GLU B 189 -20.03 -1.01 20.01
C GLU B 189 -19.13 -1.01 21.24
N PRO B 190 -18.23 -1.98 21.46
CA PRO B 190 -17.41 -1.94 22.68
C PRO B 190 -16.36 -0.85 22.69
N PHE B 191 -16.12 -0.19 21.56
CA PHE B 191 -14.92 0.64 21.39
C PHE B 191 -15.26 2.06 20.96
N LEU B 192 -16.45 2.54 21.32
CA LEU B 192 -16.82 3.92 20.96
C LEU B 192 -15.92 4.94 21.63
N ASN B 193 -15.41 4.64 22.82
CA ASN B 193 -14.52 5.52 23.56
C ASN B 193 -13.06 5.16 23.22
N PRO B 194 -12.28 6.06 22.65
CA PRO B 194 -10.89 5.70 22.27
C PRO B 194 -10.05 5.07 23.37
N VAL B 195 -10.15 5.51 24.63
CA VAL B 195 -9.30 4.94 25.67
C VAL B 195 -9.57 3.45 25.84
N ASP B 196 -10.76 3.00 25.46
CA ASP B 196 -11.12 1.59 25.59
C ASP B 196 -10.49 0.71 24.51
N ARG B 197 -9.73 1.28 23.59
CA ARG B 197 -9.14 0.51 22.50
C ARG B 197 -7.77 -0.06 22.85
N GLU B 198 -7.32 0.08 24.10
CA GLU B 198 -6.04 -0.51 24.49
C GLU B 198 -5.87 -1.96 24.06
N PRO B 199 -6.82 -2.88 24.30
CA PRO B 199 -6.55 -4.28 23.90
C PRO B 199 -6.36 -4.44 22.40
N LEU B 200 -6.98 -3.58 21.60
CA LEU B 200 -6.86 -3.70 20.15
C LEU B 200 -5.46 -3.37 19.69
N TRP B 201 -4.74 -2.50 20.41
CA TRP B 201 -3.36 -2.15 20.10
C TRP B 201 -2.38 -3.11 20.77
N ARG B 202 -2.64 -3.52 22.00
CA ARG B 202 -1.70 -4.42 22.66
C ARG B 202 -1.65 -5.78 21.97
N PHE B 203 -2.78 -6.28 21.47
CA PHE B 203 -2.80 -7.58 20.80
C PHE B 203 -1.84 -7.68 19.62
N PRO B 204 -1.84 -6.79 18.63
CA PRO B 204 -0.87 -6.94 17.54
C PRO B 204 0.56 -6.76 18.02
N ASN B 205 0.75 -6.03 19.12
CA ASN B 205 2.08 -5.88 19.71
C ASN B 205 2.55 -7.12 20.45
N GLU B 206 1.65 -8.04 20.74
CA GLU B 206 2.00 -9.33 21.33
C GLU B 206 2.18 -10.44 20.29
N LEU B 207 1.80 -10.23 19.03
CA LEU B 207 1.86 -11.30 18.04
C LEU B 207 3.30 -11.80 17.93
N PRO B 208 3.52 -13.10 17.93
CA PRO B 208 4.89 -13.62 17.85
C PRO B 208 5.41 -13.59 16.41
N ILE B 209 6.10 -12.51 16.04
CA ILE B 209 6.56 -12.30 14.68
C ILE B 209 8.05 -12.01 14.71
N ALA B 210 8.83 -12.77 13.94
CA ALA B 210 10.27 -12.55 13.81
C ALA B 210 10.98 -12.56 15.17
N GLY B 211 10.49 -13.38 16.09
CA GLY B 211 11.10 -13.55 17.39
C GLY B 211 10.68 -12.57 18.46
N GLU B 212 9.76 -11.64 18.15
CA GLU B 212 9.38 -10.60 19.08
C GLU B 212 7.87 -10.64 19.30
N PRO B 213 7.38 -10.48 20.55
CA PRO B 213 8.19 -10.39 21.77
C PRO B 213 8.69 -11.78 22.14
N ALA B 214 9.92 -11.87 22.65
CA ALA B 214 10.53 -13.18 22.87
C ALA B 214 9.73 -14.04 23.85
N ASN B 215 9.08 -13.43 24.84
CA ASN B 215 8.33 -14.21 25.82
C ASN B 215 7.10 -14.86 25.18
N ILE B 216 6.42 -14.15 24.29
CA ILE B 216 5.24 -14.72 23.63
C ILE B 216 5.66 -15.81 22.67
N VAL B 217 6.74 -15.58 21.90
CA VAL B 217 7.26 -16.61 21.02
C VAL B 217 7.52 -17.89 21.81
N ALA B 218 8.16 -17.76 22.97
CA ALA B 218 8.49 -18.95 23.75
C ALA B 218 7.24 -19.68 24.24
N LEU B 219 6.24 -18.94 24.69
CA LEU B 219 5.01 -19.54 25.19
C LEU B 219 4.26 -20.23 24.07
N VAL B 220 4.24 -19.62 22.89
CA VAL B 220 3.54 -20.21 21.76
C VAL B 220 4.27 -21.46 21.26
N GLU B 221 5.60 -21.40 21.20
CA GLU B 221 6.37 -22.60 20.84
C GLU B 221 6.07 -23.74 21.80
N GLU B 222 5.93 -23.44 23.09
CA GLU B 222 5.65 -24.48 24.07
C GLU B 222 4.29 -25.13 23.80
N TYR B 223 3.25 -24.33 23.52
CA TYR B 223 1.97 -24.99 23.32
C TYR B 223 1.90 -25.71 21.98
N MET B 224 2.66 -25.24 20.98
CA MET B 224 2.69 -25.98 19.72
C MET B 224 3.44 -27.30 19.86
N ASP B 225 4.52 -27.31 20.64
CA ASP B 225 5.20 -28.57 20.95
C ASP B 225 4.26 -29.53 21.67
N TRP B 226 3.51 -29.02 22.65
CA TRP B 226 2.53 -29.85 23.34
C TRP B 226 1.50 -30.41 22.36
N LEU B 227 0.98 -29.55 21.48
CA LEU B 227 -0.07 -29.98 20.57
C LEU B 227 0.42 -31.10 19.66
N HIS B 228 1.68 -31.04 19.25
CA HIS B 228 2.23 -32.01 18.32
C HIS B 228 2.38 -33.40 18.92
N GLN B 229 2.36 -33.52 20.25
CA GLN B 229 2.51 -34.82 20.90
C GLN B 229 1.28 -35.19 21.74
N SER B 230 0.18 -34.46 21.61
CA SER B 230 -1.01 -34.73 22.41
C SER B 230 -1.98 -35.59 21.63
N PRO B 231 -2.67 -36.52 22.29
CA PRO B 231 -3.66 -37.35 21.60
C PRO B 231 -5.03 -36.70 21.45
N VAL B 232 -5.19 -35.47 21.95
CA VAL B 232 -6.50 -34.82 21.98
C VAL B 232 -7.07 -34.74 20.56
N PRO B 233 -8.36 -35.01 20.34
CA PRO B 233 -8.94 -34.83 19.01
C PRO B 233 -8.84 -33.38 18.56
N LYS B 234 -8.49 -33.19 17.29
CA LYS B 234 -8.23 -31.87 16.73
C LYS B 234 -8.98 -31.70 15.42
N LEU B 235 -9.54 -30.50 15.23
CA LEU B 235 -10.28 -30.16 14.02
C LEU B 235 -9.82 -28.78 13.60
N LEU B 236 -9.19 -28.69 12.42
CA LEU B 236 -8.62 -27.44 11.92
C LEU B 236 -9.46 -26.96 10.74
N PHE B 237 -9.93 -25.72 10.80
CA PHE B 237 -10.57 -25.08 9.66
C PHE B 237 -9.60 -24.09 9.05
N TRP B 238 -9.60 -23.99 7.72
CA TRP B 238 -8.68 -23.10 7.04
C TRP B 238 -9.34 -22.59 5.77
N GLY B 239 -8.88 -21.42 5.30
CA GLY B 239 -9.38 -20.82 4.08
C GLY B 239 -8.26 -20.35 3.18
N THR B 240 -8.66 -19.90 1.98
CA THR B 240 -7.70 -19.38 1.01
C THR B 240 -7.97 -17.91 0.78
N PRO B 241 -6.96 -17.03 0.91
CA PRO B 241 -5.54 -17.34 1.16
C PRO B 241 -5.16 -17.46 2.64
N GLY B 242 -6.08 -17.20 3.54
CA GLY B 242 -5.75 -17.16 4.96
C GLY B 242 -5.00 -15.88 5.32
N VAL B 243 -4.66 -15.77 6.61
CA VAL B 243 -3.82 -14.67 7.08
C VAL B 243 -2.73 -15.28 7.94
N LEU B 244 -3.13 -15.80 9.10
CA LEU B 244 -2.18 -16.46 10.00
C LEU B 244 -1.79 -17.84 9.48
N ILE B 245 -2.70 -18.53 8.79
CA ILE B 245 -2.48 -19.91 8.40
C ILE B 245 -2.74 -20.05 6.91
N PRO B 246 -1.71 -20.07 6.08
CA PRO B 246 -1.90 -20.26 4.64
C PRO B 246 -2.25 -21.70 4.32
N PRO B 247 -2.89 -21.95 3.18
CA PRO B 247 -3.30 -23.32 2.82
C PRO B 247 -2.21 -24.36 2.92
N ALA B 248 -0.98 -24.04 2.50
CA ALA B 248 0.10 -25.02 2.57
C ALA B 248 0.48 -25.33 4.01
N GLU B 249 0.32 -24.37 4.91
CA GLU B 249 0.58 -24.62 6.33
C GLU B 249 -0.50 -25.50 6.93
N ALA B 250 -1.77 -25.23 6.59
CA ALA B 250 -2.87 -26.06 7.06
C ALA B 250 -2.70 -27.50 6.63
N ALA B 251 -2.25 -27.72 5.38
CA ALA B 251 -2.03 -29.08 4.91
C ALA B 251 -0.96 -29.79 5.70
N ARG B 252 0.12 -29.08 6.04
CA ARG B 252 1.18 -29.73 6.81
C ARG B 252 0.71 -30.06 8.23
N LEU B 253 -0.08 -29.18 8.84
CA LEU B 253 -0.60 -29.45 10.17
C LEU B 253 -1.52 -30.68 10.17
N ALA B 254 -2.36 -30.81 9.15
CA ALA B 254 -3.25 -31.96 9.08
C ALA B 254 -2.47 -33.26 9.10
N LYS B 255 -1.26 -33.26 8.53
CA LYS B 255 -0.41 -34.45 8.49
C LYS B 255 0.45 -34.61 9.73
N SER B 256 0.85 -33.50 10.38
CA SER B 256 1.81 -33.58 11.47
C SER B 256 1.16 -33.62 12.85
N LEU B 257 -0.03 -33.08 13.03
CA LEU B 257 -0.66 -33.12 14.34
C LEU B 257 -1.38 -34.44 14.53
N PRO B 258 -1.21 -35.10 15.67
CA PRO B 258 -1.97 -36.33 15.93
C PRO B 258 -3.47 -36.08 15.91
N ASN B 259 -4.21 -37.03 15.35
CA ASN B 259 -5.65 -37.11 15.55
C ASN B 259 -6.34 -35.83 15.06
N CYS B 260 -5.93 -35.36 13.87
CA CYS B 260 -6.31 -34.04 13.37
C CYS B 260 -6.98 -34.16 12.01
N LYS B 261 -8.21 -33.65 11.93
CA LYS B 261 -8.96 -33.51 10.69
C LYS B 261 -8.91 -32.05 10.27
N ALA B 262 -8.69 -31.79 8.98
CA ALA B 262 -8.65 -30.43 8.46
C ALA B 262 -9.75 -30.23 7.42
N VAL B 263 -10.38 -29.06 7.47
CA VAL B 263 -11.55 -28.75 6.65
C VAL B 263 -11.31 -27.42 5.95
N ASP B 264 -11.35 -27.45 4.62
CA ASP B 264 -11.25 -26.27 3.77
C ASP B 264 -12.61 -25.59 3.72
N ILE B 265 -12.67 -24.31 4.11
CA ILE B 265 -13.93 -23.57 4.14
C ILE B 265 -14.16 -22.77 2.86
N GLY B 266 -13.23 -22.81 1.91
CA GLY B 266 -13.30 -21.98 0.74
C GLY B 266 -12.56 -20.68 0.94
N PRO B 267 -13.02 -19.61 0.30
CA PRO B 267 -12.36 -18.31 0.47
C PRO B 267 -12.38 -17.87 1.93
N GLY B 268 -11.24 -17.39 2.40
CA GLY B 268 -11.17 -16.89 3.76
C GLY B 268 -9.89 -16.16 4.03
N LEU B 269 -9.92 -15.24 5.00
CA LEU B 269 -8.76 -14.46 5.40
C LEU B 269 -8.48 -14.80 6.86
N ASN B 270 -8.89 -13.94 7.81
CA ASN B 270 -8.71 -14.26 9.23
C ASN B 270 -10.00 -14.71 9.91
N LEU B 271 -11.08 -13.92 9.79
CA LEU B 271 -12.34 -14.25 10.45
C LEU B 271 -13.13 -15.23 9.59
N LEU B 272 -12.67 -16.49 9.60
CA LEU B 272 -13.28 -17.50 8.75
C LEU B 272 -14.75 -17.69 9.10
N GLN B 273 -15.12 -17.40 10.36
CA GLN B 273 -16.50 -17.49 10.81
C GLN B 273 -17.41 -16.59 10.01
N GLU B 274 -16.89 -15.49 9.47
CA GLU B 274 -17.73 -14.56 8.73
C GLU B 274 -17.87 -14.93 7.27
N ASP B 275 -17.01 -15.82 6.76
CA ASP B 275 -17.10 -16.24 5.37
C ASP B 275 -17.85 -17.55 5.17
N ASN B 276 -17.80 -18.50 6.09
CA ASN B 276 -18.54 -19.75 5.93
C ASN B 276 -18.98 -20.29 7.29
N PRO B 277 -19.85 -19.57 8.00
CA PRO B 277 -20.30 -20.06 9.32
C PRO B 277 -21.05 -21.38 9.26
N ASP B 278 -21.83 -21.62 8.22
CA ASP B 278 -22.65 -22.83 8.21
C ASP B 278 -21.79 -24.08 8.09
N LEU B 279 -20.74 -24.05 7.27
CA LEU B 279 -19.84 -25.21 7.19
C LEU B 279 -19.08 -25.41 8.50
N ILE B 280 -18.57 -24.33 9.09
CA ILE B 280 -17.85 -24.46 10.36
C ILE B 280 -18.76 -25.04 11.44
N GLY B 281 -19.96 -24.47 11.58
CA GLY B 281 -20.89 -24.95 12.59
C GLY B 281 -21.30 -26.40 12.38
N SER B 282 -21.71 -26.74 11.17
CA SER B 282 -22.15 -28.11 10.91
C SER B 282 -21.01 -29.10 11.09
N GLU B 283 -19.80 -28.73 10.67
CA GLU B 283 -18.68 -29.66 10.83
C GLU B 283 -18.29 -29.81 12.29
N ILE B 284 -18.32 -28.73 13.08
CA ILE B 284 -18.07 -28.89 14.51
C ILE B 284 -19.09 -29.85 15.12
N ALA B 285 -20.38 -29.67 14.80
CA ALA B 285 -21.42 -30.53 15.36
C ALA B 285 -21.20 -32.00 14.98
N ARG B 286 -20.86 -32.27 13.71
CA ARG B 286 -20.60 -33.65 13.29
C ARG B 286 -19.38 -34.22 14.00
N TRP B 287 -18.32 -33.42 14.11
CA TRP B 287 -17.11 -33.88 14.81
C TRP B 287 -17.39 -34.16 16.28
N LEU B 288 -18.17 -33.30 16.93
CA LEU B 288 -18.49 -33.52 18.35
C LEU B 288 -19.17 -34.87 18.55
N SER B 289 -20.03 -35.27 17.60
CA SER B 289 -20.77 -36.52 17.73
C SER B 289 -19.86 -37.74 17.68
N THR B 290 -18.61 -37.59 17.24
CA THR B 290 -17.67 -38.69 17.20
C THR B 290 -16.77 -38.75 18.43
N LEU B 291 -16.81 -37.76 19.30
CA LEU B 291 -15.92 -37.73 20.45
C LEU B 291 -16.53 -38.53 21.60
N GLU B 292 -15.67 -38.93 22.54
CA GLU B 292 -16.14 -39.63 23.73
C GLU B 292 -16.44 -38.60 24.82
N ILE B 293 -17.57 -37.91 24.65
CA ILE B 293 -17.97 -36.81 25.53
C ILE B 293 -19.39 -36.98 26.04
N GLY C 1 3.87 -25.84 -19.73
CA GLY C 1 5.27 -25.48 -19.79
C GLY C 1 5.98 -25.67 -18.47
N ILE C 2 7.24 -25.23 -18.40
CA ILE C 2 8.03 -25.39 -17.19
C ILE C 2 7.50 -24.46 -16.12
N GLY C 3 7.23 -24.99 -14.94
CA GLY C 3 6.55 -24.22 -13.90
C GLY C 3 7.40 -23.07 -13.37
N THR C 4 6.74 -21.95 -13.10
CA THR C 4 7.41 -20.77 -12.56
C THR C 4 7.09 -20.48 -11.11
N GLY C 5 6.08 -21.15 -10.54
CA GLY C 5 5.68 -20.83 -9.19
C GLY C 5 6.52 -21.54 -8.15
N PHE C 6 6.36 -21.07 -6.91
CA PHE C 6 7.04 -21.65 -5.75
C PHE C 6 6.02 -21.74 -4.64
N PRO C 7 5.21 -22.82 -4.63
CA PRO C 7 4.06 -22.91 -3.73
C PRO C 7 4.38 -23.43 -2.33
N PHE C 8 5.63 -23.74 -2.04
CA PHE C 8 5.97 -24.50 -0.84
C PHE C 8 5.83 -23.66 0.42
N ASP C 9 5.25 -24.29 1.45
CA ASP C 9 5.13 -23.67 2.76
C ASP C 9 6.53 -23.34 3.30
N PRO C 10 6.80 -22.10 3.71
CA PRO C 10 8.12 -21.80 4.28
C PRO C 10 8.30 -22.48 5.62
N HIS C 11 9.47 -23.10 5.81
CA HIS C 11 9.89 -23.61 7.10
C HIS C 11 11.23 -22.96 7.43
N TYR C 12 11.47 -22.74 8.71
CA TYR C 12 12.74 -22.17 9.14
C TYR C 12 13.22 -22.91 10.37
N VAL C 13 14.55 -23.01 10.48
CA VAL C 13 15.20 -23.53 11.67
C VAL C 13 16.31 -22.56 12.01
N GLU C 14 16.48 -22.28 13.30
CA GLU C 14 17.54 -21.37 13.71
C GLU C 14 18.80 -22.20 13.98
N VAL C 15 19.90 -21.82 13.34
CA VAL C 15 21.19 -22.48 13.58
C VAL C 15 22.28 -21.43 13.62
N LEU C 16 23.15 -21.53 14.61
CA LEU C 16 24.26 -20.59 14.77
C LEU C 16 23.75 -19.14 14.81
N GLY C 17 22.58 -18.94 15.41
CA GLY C 17 22.01 -17.62 15.57
C GLY C 17 21.30 -17.07 14.36
N GLU C 18 21.10 -17.87 13.30
CA GLU C 18 20.54 -17.38 12.06
C GLU C 18 19.43 -18.31 11.60
N ARG C 19 18.44 -17.73 10.94
CA ARG C 19 17.32 -18.52 10.43
C ARG C 19 17.66 -19.04 9.05
N MET C 20 17.53 -20.35 8.85
CA MET C 20 17.66 -20.97 7.54
C MET C 20 16.31 -21.44 7.07
N HIS C 21 15.92 -21.01 5.87
CA HIS C 21 14.68 -21.44 5.28
C HIS C 21 14.86 -22.79 4.57
N TYR C 22 13.78 -23.58 4.54
CA TYR C 22 13.81 -24.83 3.79
C TYR C 22 12.40 -25.23 3.37
N VAL C 23 12.34 -25.91 2.22
CA VAL C 23 11.18 -26.67 1.77
C VAL C 23 11.17 -28.00 2.48
N ASP C 24 9.98 -28.47 2.88
CA ASP C 24 9.87 -29.78 3.50
C ASP C 24 8.49 -30.32 3.12
N VAL C 25 8.46 -31.25 2.15
CA VAL C 25 7.23 -31.82 1.64
C VAL C 25 7.37 -33.33 1.56
N GLY C 26 6.26 -33.99 1.24
CA GLY C 26 6.24 -35.42 1.15
C GLY C 26 5.94 -36.05 2.49
N PRO C 27 6.04 -37.38 2.56
CA PRO C 27 5.76 -38.07 3.82
C PRO C 27 6.69 -37.61 4.93
N ARG C 28 6.18 -37.69 6.17
CA ARG C 28 6.95 -37.27 7.33
C ARG C 28 8.00 -38.30 7.74
N ASP C 29 7.78 -39.56 7.39
CA ASP C 29 8.66 -40.65 7.79
C ASP C 29 9.56 -41.04 6.63
N GLY C 30 10.31 -42.13 6.81
CA GLY C 30 11.19 -42.64 5.77
C GLY C 30 12.50 -41.87 5.68
N THR C 31 13.34 -42.33 4.76
CA THR C 31 14.61 -41.67 4.52
C THR C 31 14.38 -40.41 3.68
N PRO C 32 14.80 -39.24 4.14
CA PRO C 32 14.55 -38.01 3.39
C PRO C 32 15.55 -37.82 2.25
N VAL C 33 15.10 -37.07 1.26
CA VAL C 33 15.91 -36.68 0.12
C VAL C 33 16.25 -35.21 0.29
N LEU C 34 17.53 -34.91 0.43
CA LEU C 34 18.03 -33.57 0.75
C LEU C 34 18.61 -32.94 -0.51
N PHE C 35 17.97 -31.87 -0.98
CA PHE C 35 18.30 -31.18 -2.21
C PHE C 35 19.12 -29.94 -1.88
N LEU C 36 20.32 -29.84 -2.45
CA LEU C 36 21.25 -28.74 -2.15
C LEU C 36 21.56 -27.95 -3.43
N HIS C 37 21.11 -26.69 -3.46
CA HIS C 37 21.38 -25.76 -4.55
C HIS C 37 22.77 -25.14 -4.44
N GLY C 38 23.14 -24.39 -5.48
CA GLY C 38 24.41 -23.69 -5.58
C GLY C 38 24.25 -22.21 -5.90
N ASN C 39 25.22 -21.70 -6.66
CA ASN C 39 25.35 -20.27 -6.94
C ASN C 39 24.78 -19.96 -8.32
N PRO C 40 23.92 -18.95 -8.49
CA PRO C 40 23.36 -17.99 -7.54
C PRO C 40 21.90 -18.32 -7.25
N THR C 41 21.60 -19.58 -6.94
CA THR C 41 20.21 -20.03 -6.93
C THR C 41 19.73 -20.15 -5.49
N SER C 42 18.66 -20.93 -5.29
CA SER C 42 18.05 -21.20 -4.00
C SER C 42 17.27 -22.50 -4.17
N SER C 43 16.48 -22.87 -3.17
CA SER C 43 15.56 -24.00 -3.34
C SER C 43 14.63 -23.80 -4.54
N TYR C 44 14.47 -22.56 -5.03
CA TYR C 44 13.68 -22.34 -6.24
C TYR C 44 14.13 -23.21 -7.41
N VAL C 45 15.43 -23.53 -7.49
CA VAL C 45 15.96 -24.31 -8.60
C VAL C 45 15.43 -25.73 -8.60
N TRP C 46 14.90 -26.21 -7.48
CA TRP C 46 14.34 -27.55 -7.36
C TRP C 46 12.82 -27.61 -7.50
N ARG C 47 12.17 -26.48 -7.77
CA ARG C 47 10.71 -26.41 -7.66
C ARG C 47 10.00 -27.39 -8.59
N ASN C 48 10.57 -27.68 -9.75
CA ASN C 48 9.93 -28.55 -10.73
C ASN C 48 10.44 -29.98 -10.68
N ILE C 49 11.41 -30.26 -9.82
CA ILE C 49 11.95 -31.60 -9.64
C ILE C 49 11.34 -32.27 -8.43
N ILE C 50 11.21 -31.54 -7.33
CA ILE C 50 10.61 -32.03 -6.10
CA ILE C 50 10.59 -32.01 -6.09
C ILE C 50 9.24 -32.68 -6.32
N PRO C 51 8.35 -32.11 -7.14
CA PRO C 51 7.01 -32.71 -7.30
C PRO C 51 7.02 -34.12 -7.86
N HIS C 52 8.11 -34.58 -8.49
CA HIS C 52 8.19 -35.96 -8.93
C HIS C 52 8.58 -36.93 -7.82
N VAL C 53 9.20 -36.42 -6.77
CA VAL C 53 9.74 -37.24 -5.70
C VAL C 53 8.83 -37.23 -4.47
N ALA C 54 8.21 -36.08 -4.19
CA ALA C 54 7.33 -35.91 -3.05
C ALA C 54 6.20 -36.95 -2.92
N PRO C 55 5.67 -37.55 -4.00
CA PRO C 55 4.65 -38.59 -3.79
C PRO C 55 5.15 -39.77 -3.00
N THR C 56 6.45 -40.06 -3.04
CA THR C 56 6.98 -41.27 -2.44
C THR C 56 8.03 -41.04 -1.36
N HIS C 57 8.67 -39.87 -1.31
CA HIS C 57 9.75 -39.62 -0.35
C HIS C 57 9.71 -38.19 0.15
N ARG C 58 10.08 -38.03 1.42
CA ARG C 58 10.22 -36.70 1.99
C ARG C 58 11.29 -35.94 1.24
N CYS C 59 11.00 -34.68 0.91
CA CYS C 59 11.93 -33.79 0.22
C CYS C 59 12.22 -32.59 1.09
N ILE C 60 13.50 -32.37 1.38
CA ILE C 60 13.98 -31.24 2.15
C ILE C 60 14.92 -30.45 1.27
N ALA C 61 14.66 -29.15 1.11
CA ALA C 61 15.47 -28.30 0.24
C ALA C 61 15.78 -26.99 0.96
N PRO C 62 16.92 -26.88 1.60
CA PRO C 62 17.27 -25.63 2.29
C PRO C 62 17.80 -24.57 1.34
N ASP C 63 17.67 -23.32 1.79
CA ASP C 63 18.39 -22.20 1.20
C ASP C 63 19.71 -22.03 1.96
N LEU C 64 20.82 -22.05 1.23
CA LEU C 64 22.11 -21.86 1.87
C LEU C 64 22.14 -20.55 2.65
N ILE C 65 22.95 -20.53 3.71
CA ILE C 65 23.09 -19.28 4.47
C ILE C 65 23.46 -18.15 3.52
N GLY C 66 22.85 -16.98 3.73
CA GLY C 66 23.10 -15.85 2.86
C GLY C 66 22.34 -15.85 1.56
N MET C 67 21.49 -16.85 1.31
CA MET C 67 20.83 -17.01 0.03
C MET C 67 19.35 -17.32 0.22
N GLY C 68 18.60 -17.21 -0.88
CA GLY C 68 17.18 -17.51 -0.82
C GLY C 68 16.46 -16.72 0.28
N LYS C 69 15.64 -17.42 1.06
CA LYS C 69 14.94 -16.80 2.19
C LYS C 69 15.70 -16.95 3.50
N SER C 70 16.91 -17.52 3.48
CA SER C 70 17.70 -17.64 4.68
C SER C 70 18.26 -16.27 5.08
N ASP C 71 18.58 -16.15 6.37
CA ASP C 71 19.19 -14.95 6.90
C ASP C 71 20.54 -14.69 6.22
N LYS C 72 20.97 -13.43 6.29
CA LYS C 72 22.13 -12.97 5.52
C LYS C 72 23.05 -12.15 6.42
N PRO C 73 23.67 -12.80 7.42
CA PRO C 73 24.65 -12.09 8.26
C PRO C 73 25.86 -11.64 7.47
N ASP C 74 26.66 -10.76 8.09
CA ASP C 74 27.83 -10.18 7.44
C ASP C 74 29.03 -11.10 7.58
N LEU C 75 28.99 -12.19 6.82
CA LEU C 75 30.07 -13.17 6.75
C LEU C 75 30.84 -13.00 5.45
N GLY C 76 31.99 -13.67 5.38
CA GLY C 76 32.70 -13.80 4.12
C GLY C 76 32.05 -14.76 3.14
N TYR C 77 31.26 -15.70 3.64
CA TYR C 77 30.61 -16.72 2.80
C TYR C 77 31.64 -17.58 2.06
N PHE C 78 32.76 -17.85 2.72
CA PHE C 78 33.67 -18.86 2.24
C PHE C 78 32.98 -20.21 2.25
N PHE C 79 33.52 -21.13 1.45
CA PHE C 79 32.99 -22.49 1.48
C PHE C 79 32.92 -23.01 2.92
N ASP C 80 33.94 -22.71 3.73
CA ASP C 80 33.94 -23.15 5.13
C ASP C 80 32.73 -22.62 5.90
N ASP C 81 32.28 -21.40 5.62
CA ASP C 81 31.07 -20.90 6.29
C ASP C 81 29.85 -21.72 5.88
N HIS C 82 29.72 -22.03 4.59
CA HIS C 82 28.60 -22.84 4.16
C HIS C 82 28.64 -24.24 4.76
N VAL C 83 29.84 -24.82 4.89
CA VAL C 83 29.97 -26.14 5.52
C VAL C 83 29.44 -26.09 6.94
N ARG C 84 29.86 -25.08 7.70
CA ARG C 84 29.47 -24.95 9.10
C ARG C 84 27.95 -24.84 9.24
N PHE C 85 27.33 -24.01 8.40
CA PHE C 85 25.89 -23.84 8.49
C PHE C 85 25.13 -25.08 8.01
N MET C 86 25.60 -25.73 6.94
CA MET C 86 24.89 -26.91 6.47
C MET C 86 25.03 -28.09 7.43
N ASP C 87 26.22 -28.25 8.03
CA ASP C 87 26.37 -29.30 9.04
C ASP C 87 25.37 -29.09 10.16
N ALA C 88 25.19 -27.83 10.59
CA ALA C 88 24.27 -27.53 11.67
C ALA C 88 22.81 -27.68 11.22
N PHE C 89 22.50 -27.30 9.98
CA PHE C 89 21.14 -27.48 9.48
C PHE C 89 20.73 -28.95 9.54
N ILE C 90 21.59 -29.83 9.06
CA ILE C 90 21.24 -31.25 8.97
C ILE C 90 20.94 -31.82 10.36
N GLU C 91 21.77 -31.48 11.35
CA GLU C 91 21.51 -32.02 12.68
C GLU C 91 20.33 -31.32 13.35
N ALA C 92 20.09 -30.05 13.04
CA ALA C 92 18.99 -29.33 13.67
C ALA C 92 17.66 -29.96 13.29
N LEU C 93 17.57 -30.52 12.09
CA LEU C 93 16.38 -31.23 11.66
C LEU C 93 16.35 -32.68 12.12
N GLY C 94 17.39 -33.13 12.84
CA GLY C 94 17.40 -34.48 13.36
C GLY C 94 17.55 -35.55 12.30
N LEU C 95 18.11 -35.20 11.14
CA LEU C 95 18.24 -36.19 10.08
C LEU C 95 19.25 -37.24 10.48
N GLU C 96 18.97 -38.49 10.11
CA GLU C 96 19.85 -39.60 10.41
C GLU C 96 20.47 -40.02 9.10
N GLU C 97 19.86 -40.91 8.34
CA GLU C 97 20.32 -41.26 7.00
C GLU C 97 19.59 -40.39 5.99
N VAL C 98 20.29 -40.04 4.90
CA VAL C 98 19.72 -39.20 3.85
C VAL C 98 20.14 -39.72 2.49
N VAL C 99 19.36 -39.34 1.48
CA VAL C 99 19.78 -39.38 0.08
C VAL C 99 20.03 -37.94 -0.33
N LEU C 100 21.14 -37.69 -1.01
CA LEU C 100 21.51 -36.34 -1.43
C LEU C 100 21.17 -36.13 -2.90
N VAL C 101 20.64 -34.96 -3.24
CA VAL C 101 20.47 -34.51 -4.62
C VAL C 101 21.12 -33.15 -4.70
N ILE C 102 22.22 -33.04 -5.46
CA ILE C 102 23.14 -31.92 -5.26
C ILE C 102 23.63 -31.33 -6.58
N HIS C 103 23.90 -30.02 -6.55
CA HIS C 103 24.23 -29.27 -7.77
C HIS C 103 25.20 -28.14 -7.46
N ASP C 104 26.20 -27.94 -8.32
CA ASP C 104 27.09 -26.77 -8.22
C ASP C 104 27.64 -26.72 -6.79
N TRP C 105 27.62 -25.58 -6.11
CA TRP C 105 28.23 -25.53 -4.78
C TRP C 105 27.50 -26.43 -3.78
N GLY C 106 26.22 -26.70 -3.99
CA GLY C 106 25.53 -27.70 -3.18
C GLY C 106 26.16 -29.07 -3.30
N SER C 107 26.78 -29.36 -4.45
CA SER C 107 27.44 -30.65 -4.60
C SER C 107 28.75 -30.70 -3.82
N ALA C 108 29.49 -29.59 -3.74
CA ALA C 108 30.66 -29.58 -2.88
C ALA C 108 30.26 -29.75 -1.42
N LEU C 109 29.19 -29.08 -0.98
CA LEU C 109 28.68 -29.31 0.37
C LEU C 109 28.27 -30.78 0.55
N GLY C 110 27.52 -31.33 -0.41
CA GLY C 110 27.02 -32.69 -0.25
C GLY C 110 28.12 -33.73 -0.24
N PHE C 111 29.06 -33.63 -1.19
CA PHE C 111 30.16 -34.59 -1.25
C PHE C 111 31.07 -34.47 -0.03
N HIS C 112 31.32 -33.24 0.41
CA HIS C 112 32.17 -33.04 1.58
C HIS C 112 31.50 -33.56 2.85
N TRP C 113 30.18 -33.36 2.99
CA TRP C 113 29.46 -33.95 4.11
C TRP C 113 29.45 -35.46 4.04
N ALA C 114 29.23 -36.01 2.83
CA ALA C 114 29.21 -37.45 2.66
C ALA C 114 30.55 -38.07 3.04
N LYS C 115 31.66 -37.45 2.60
CA LYS C 115 32.98 -37.97 2.93
C LYS C 115 33.17 -38.06 4.43
N ARG C 116 32.62 -37.10 5.17
CA ARG C 116 32.80 -37.05 6.62
C ARG C 116 31.70 -37.80 7.38
N ASN C 117 30.59 -38.13 6.71
CA ASN C 117 29.49 -38.87 7.32
C ASN C 117 29.03 -40.00 6.40
N PRO C 118 29.96 -40.87 5.96
CA PRO C 118 29.62 -41.79 4.87
C PRO C 118 28.58 -42.83 5.25
N GLU C 119 28.51 -43.20 6.52
CA GLU C 119 27.54 -44.18 6.95
C GLU C 119 26.12 -43.65 6.87
N ARG C 120 25.95 -42.34 6.73
CA ARG C 120 24.62 -41.75 6.74
C ARG C 120 24.08 -41.44 5.36
N VAL C 121 24.85 -41.71 4.30
CA VAL C 121 24.45 -41.36 2.95
C VAL C 121 24.06 -42.62 2.21
N LYS C 122 22.80 -42.70 1.79
CA LYS C 122 22.26 -43.88 1.12
C LYS C 122 22.22 -43.76 -0.40
N GLY C 123 22.52 -42.59 -0.94
CA GLY C 123 22.61 -42.42 -2.37
C GLY C 123 22.95 -40.98 -2.64
N ILE C 124 23.53 -40.74 -3.82
CA ILE C 124 23.86 -39.38 -4.24
C ILE C 124 23.48 -39.22 -5.71
N ALA C 125 22.54 -38.33 -5.98
CA ALA C 125 22.27 -37.86 -7.34
C ALA C 125 22.89 -36.48 -7.48
N PHE C 126 23.62 -36.27 -8.57
CA PHE C 126 24.43 -35.07 -8.70
C PHE C 126 24.50 -34.65 -10.15
N MET C 127 24.83 -33.37 -10.35
CA MET C 127 24.78 -32.80 -11.68
C MET C 127 25.58 -31.51 -11.64
N GLU C 128 26.30 -31.23 -12.72
CA GLU C 128 27.04 -29.96 -12.85
C GLU C 128 27.71 -29.59 -11.53
N PHE C 129 28.58 -30.49 -11.11
CA PHE C 129 29.11 -30.52 -9.75
C PHE C 129 30.52 -29.96 -9.73
N ILE C 130 30.96 -29.60 -8.53
CA ILE C 130 32.30 -29.04 -8.34
C ILE C 130 33.33 -30.17 -8.39
N ARG C 131 34.20 -30.11 -9.38
CA ARG C 131 35.39 -30.93 -9.51
C ARG C 131 36.57 -29.98 -9.75
N PRO C 132 37.80 -30.43 -9.55
CA PRO C 132 38.93 -29.57 -9.88
C PRO C 132 39.01 -29.35 -11.38
N ILE C 133 39.08 -28.08 -11.78
CA ILE C 133 39.28 -27.70 -13.17
C ILE C 133 40.80 -27.56 -13.37
N PRO C 134 41.44 -28.44 -14.13
CA PRO C 134 42.92 -28.49 -14.09
C PRO C 134 43.62 -27.22 -14.53
N THR C 135 43.18 -26.64 -15.65
CA THR C 135 43.73 -25.40 -16.18
C THR C 135 42.56 -24.55 -16.66
N TRP C 136 42.83 -23.26 -16.93
CA TRP C 136 41.77 -22.41 -17.47
C TRP C 136 41.29 -22.88 -18.84
N ASP C 137 42.08 -23.71 -19.54
CA ASP C 137 41.61 -24.23 -20.82
C ASP C 137 40.44 -25.21 -20.66
N GLU C 138 40.24 -25.75 -19.47
CA GLU C 138 39.11 -26.65 -19.21
C GLU C 138 37.88 -25.92 -18.70
N TRP C 139 37.98 -24.61 -18.52
CA TRP C 139 36.79 -23.79 -18.33
C TRP C 139 36.22 -23.42 -19.68
N PRO C 140 34.90 -23.45 -19.88
CA PRO C 140 34.35 -23.17 -21.22
C PRO C 140 34.84 -21.82 -21.74
N GLU C 141 35.32 -21.82 -23.00
CA GLU C 141 35.91 -20.61 -23.55
C GLU C 141 34.94 -19.44 -23.48
N PHE C 142 33.65 -19.68 -23.72
CA PHE C 142 32.67 -18.60 -23.79
C PHE C 142 32.51 -17.87 -22.47
N ALA C 143 32.98 -18.45 -21.37
CA ALA C 143 32.79 -17.89 -20.03
C ALA C 143 34.11 -17.63 -19.33
N ARG C 144 35.24 -17.85 -20.00
CA ARG C 144 36.56 -17.85 -19.37
C ARG C 144 36.97 -16.44 -18.92
N GLU C 145 36.92 -15.47 -19.84
CA GLU C 145 37.34 -14.12 -19.49
C GLU C 145 36.54 -13.56 -18.33
N THR C 146 35.23 -13.78 -18.32
CA THR C 146 34.40 -13.23 -17.26
C THR C 146 34.71 -13.87 -15.92
N PHE C 147 34.83 -15.20 -15.88
CA PHE C 147 35.13 -15.85 -14.60
C PHE C 147 36.52 -15.47 -14.09
N GLN C 148 37.48 -15.29 -15.00
CA GLN C 148 38.77 -14.77 -14.58
C GLN C 148 38.63 -13.39 -13.96
N ALA C 149 37.77 -12.54 -14.54
CA ALA C 149 37.55 -11.20 -14.00
C ALA C 149 36.81 -11.26 -12.66
N PHE C 150 35.89 -12.21 -12.50
CA PHE C 150 35.18 -12.36 -11.23
C PHE C 150 36.15 -12.58 -10.08
N ARG C 151 37.30 -13.20 -10.36
CA ARG C 151 38.21 -13.66 -9.32
C ARG C 151 39.24 -12.60 -8.94
N THR C 152 38.74 -11.39 -8.71
CA THR C 152 39.52 -10.23 -8.28
C THR C 152 38.63 -9.41 -7.34
N THR C 153 39.27 -8.64 -6.46
CA THR C 153 38.51 -7.81 -5.54
C THR C 153 38.15 -6.45 -6.11
N ASP C 154 38.67 -6.08 -7.29
CA ASP C 154 38.33 -4.81 -7.92
C ASP C 154 37.23 -5.00 -8.98
N VAL C 155 37.61 -5.48 -10.16
CA VAL C 155 36.63 -5.69 -11.23
C VAL C 155 35.59 -6.73 -10.82
N GLY C 156 36.01 -7.79 -10.13
CA GLY C 156 35.08 -8.87 -9.83
C GLY C 156 33.95 -8.44 -8.91
N ARG C 157 34.26 -7.58 -7.93
CA ARG C 157 33.24 -7.09 -7.01
C ARG C 157 32.37 -6.02 -7.67
N LYS C 158 32.95 -5.20 -8.55
CA LYS C 158 32.11 -4.32 -9.36
C LYS C 158 31.09 -5.14 -10.14
N LEU C 159 31.55 -6.17 -10.85
CA LEU C 159 30.67 -6.98 -11.69
C LEU C 159 29.57 -7.64 -10.87
N ILE C 160 29.94 -8.37 -9.82
CA ILE C 160 28.97 -9.22 -9.14
C ILE C 160 28.17 -8.46 -8.09
N ILE C 161 28.83 -7.62 -7.30
CA ILE C 161 28.15 -6.93 -6.21
C ILE C 161 27.49 -5.64 -6.68
N ASP C 162 28.22 -4.76 -7.36
CA ASP C 162 27.63 -3.47 -7.72
C ASP C 162 26.65 -3.61 -8.88
N TRP C 163 26.99 -4.41 -9.89
CA TRP C 163 26.25 -4.46 -11.14
C TRP C 163 25.36 -5.70 -11.28
N ASN C 164 25.43 -6.62 -10.32
CA ASN C 164 24.56 -7.82 -10.26
C ASN C 164 24.74 -8.76 -11.45
N VAL C 165 25.96 -8.87 -11.98
CA VAL C 165 26.16 -9.61 -13.21
C VAL C 165 25.93 -11.11 -13.03
N PHE C 166 26.20 -11.67 -11.85
CA PHE C 166 25.99 -13.11 -11.72
C PHE C 166 24.51 -13.46 -11.84
N ILE C 167 23.63 -12.57 -11.39
CA ILE C 167 22.20 -12.80 -11.52
C ILE C 167 21.71 -12.44 -12.92
N GLU C 168 22.11 -11.27 -13.42
CA GLU C 168 21.53 -10.76 -14.65
C GLU C 168 22.19 -11.31 -15.90
N GLY C 169 23.44 -11.76 -15.80
CA GLY C 169 24.14 -12.28 -16.96
C GLY C 169 24.53 -13.74 -16.85
N THR C 170 25.21 -14.10 -15.77
CA THR C 170 25.79 -15.44 -15.69
C THR C 170 24.70 -16.50 -15.56
N LEU C 171 23.70 -16.23 -14.71
CA LEU C 171 22.57 -17.16 -14.54
C LEU C 171 21.88 -17.46 -15.86
N PRO C 172 21.41 -16.47 -16.64
CA PRO C 172 20.83 -16.81 -17.95
C PRO C 172 21.79 -17.54 -18.86
N MET C 173 23.08 -17.25 -18.79
CA MET C 173 24.06 -17.93 -19.63
C MET C 173 24.35 -19.35 -19.14
N GLY C 174 23.77 -19.75 -18.01
CA GLY C 174 23.84 -21.11 -17.53
C GLY C 174 22.61 -21.94 -17.83
N VAL C 175 21.68 -21.43 -18.63
CA VAL C 175 20.44 -22.10 -19.00
C VAL C 175 20.32 -21.99 -20.52
N VAL C 176 20.01 -23.11 -21.19
CA VAL C 176 19.87 -23.08 -22.64
C VAL C 176 18.57 -22.39 -23.04
N ARG C 177 17.46 -22.81 -22.45
CA ARG C 177 16.17 -22.20 -22.79
C ARG C 177 16.07 -20.80 -22.17
N PRO C 178 15.20 -19.95 -22.72
CA PRO C 178 15.07 -18.60 -22.15
C PRO C 178 14.32 -18.63 -20.82
N LEU C 179 14.86 -17.91 -19.84
CA LEU C 179 14.16 -17.73 -18.58
C LEU C 179 13.11 -16.64 -18.72
N THR C 180 12.00 -16.81 -18.00
CA THR C 180 10.94 -15.81 -18.04
C THR C 180 11.22 -14.72 -17.00
N GLU C 181 10.50 -13.60 -17.13
CA GLU C 181 10.67 -12.51 -16.17
C GLU C 181 10.27 -12.95 -14.78
N VAL C 182 9.21 -13.76 -14.66
CA VAL C 182 8.80 -14.26 -13.36
C VAL C 182 9.93 -15.07 -12.72
N GLU C 183 10.57 -15.94 -13.53
CA GLU C 183 11.66 -16.75 -13.00
C GLU C 183 12.83 -15.87 -12.60
N MET C 184 13.18 -14.90 -13.44
CA MET C 184 14.26 -13.97 -13.09
C MET C 184 13.95 -13.26 -11.78
N ASP C 185 12.71 -12.82 -11.58
CA ASP C 185 12.37 -12.13 -10.35
C ASP C 185 12.49 -13.03 -9.13
N HIS C 186 12.19 -14.33 -9.28
CA HIS C 186 12.42 -15.24 -8.17
C HIS C 186 13.92 -15.37 -7.85
N TYR C 187 14.76 -15.35 -8.88
CA TYR C 187 16.20 -15.44 -8.64
C TYR C 187 16.77 -14.11 -8.11
N ARG C 188 16.19 -12.98 -8.54
CA ARG C 188 16.66 -11.67 -8.09
C ARG C 188 16.28 -11.37 -6.64
N GLU C 189 15.15 -11.91 -6.19
CA GLU C 189 14.54 -11.46 -4.93
CA GLU C 189 14.54 -11.46 -4.93
C GLU C 189 15.47 -11.49 -3.72
N PRO C 190 16.28 -12.54 -3.49
CA PRO C 190 17.14 -12.54 -2.31
C PRO C 190 18.17 -11.43 -2.30
N PHE C 191 18.47 -10.82 -3.46
CA PHE C 191 19.67 -10.02 -3.65
C PHE C 191 19.35 -8.59 -4.08
N LEU C 192 18.15 -8.12 -3.74
CA LEU C 192 17.79 -6.73 -4.07
C LEU C 192 18.74 -5.73 -3.42
N ASN C 193 19.29 -6.04 -2.25
CA ASN C 193 20.24 -5.15 -1.57
C ASN C 193 21.65 -5.57 -1.98
N PRO C 194 22.42 -4.71 -2.66
CA PRO C 194 23.74 -5.15 -3.17
C PRO C 194 24.68 -5.72 -2.13
N VAL C 195 24.65 -5.22 -0.89
CA VAL C 195 25.58 -5.76 0.11
C VAL C 195 25.34 -7.25 0.35
N ASP C 196 24.10 -7.71 0.13
CA ASP C 196 23.77 -9.11 0.33
C ASP C 196 24.31 -10.01 -0.78
N ARG C 197 25.00 -9.48 -1.77
CA ARG C 197 25.54 -10.30 -2.86
C ARG C 197 26.90 -10.90 -2.55
N GLU C 198 27.41 -10.74 -1.34
CA GLU C 198 28.71 -11.31 -0.98
C GLU C 198 28.88 -12.79 -1.36
N PRO C 199 27.92 -13.68 -1.07
CA PRO C 199 28.14 -15.09 -1.46
C PRO C 199 28.24 -15.29 -2.95
N LEU C 200 27.57 -14.44 -3.74
CA LEU C 200 27.62 -14.55 -5.20
C LEU C 200 29.01 -14.27 -5.74
N TRP C 201 29.78 -13.43 -5.03
CA TRP C 201 31.15 -13.12 -5.41
C TRP C 201 32.12 -14.11 -4.78
N ARG C 202 31.92 -14.49 -3.53
CA ARG C 202 32.89 -15.38 -2.89
C ARG C 202 32.89 -16.75 -3.56
N PHE C 203 31.72 -17.23 -3.99
CA PHE C 203 31.63 -18.56 -4.60
C PHE C 203 32.54 -18.71 -5.82
N PRO C 204 32.51 -17.86 -6.85
CA PRO C 204 33.43 -18.07 -7.98
C PRO C 204 34.87 -17.91 -7.58
N ASN C 205 35.14 -17.16 -6.52
CA ASN C 205 36.49 -17.03 -6.00
C ASN C 205 36.97 -18.27 -5.28
N GLU C 206 36.06 -19.17 -4.91
CA GLU C 206 36.37 -20.46 -4.30
C GLU C 206 36.46 -21.59 -5.31
N LEU C 207 36.01 -21.39 -6.55
CA LEU C 207 36.03 -22.46 -7.54
C LEU C 207 37.45 -22.99 -7.70
N PRO C 208 37.64 -24.31 -7.66
CA PRO C 208 39.00 -24.87 -7.80
C PRO C 208 39.43 -24.90 -9.26
N ILE C 209 40.11 -23.86 -9.70
CA ILE C 209 40.50 -23.73 -11.09
C ILE C 209 42.00 -23.48 -11.13
N ALA C 210 42.72 -24.31 -11.90
CA ALA C 210 44.15 -24.11 -12.13
C ALA C 210 44.92 -24.03 -10.81
N GLY C 211 44.49 -24.83 -9.82
CA GLY C 211 45.20 -24.93 -8.56
C GLY C 211 44.89 -23.89 -7.50
N GLU C 212 43.96 -22.96 -7.78
CA GLU C 212 43.60 -21.89 -6.86
C GLU C 212 42.10 -21.93 -6.60
N PRO C 213 41.65 -21.69 -5.35
CA PRO C 213 42.48 -21.60 -4.14
C PRO C 213 43.00 -22.98 -3.76
N ALA C 214 44.25 -23.05 -3.30
CA ALA C 214 44.87 -24.34 -3.01
C ALA C 214 44.08 -25.15 -1.98
N ASN C 215 43.50 -24.49 -0.99
CA ASN C 215 42.80 -25.23 0.05
C ASN C 215 41.52 -25.86 -0.49
N ILE C 216 40.81 -25.18 -1.39
CA ILE C 216 39.60 -25.76 -1.98
C ILE C 216 39.95 -26.89 -2.93
N VAL C 217 40.99 -26.71 -3.75
CA VAL C 217 41.44 -27.78 -4.63
C VAL C 217 41.70 -29.04 -3.83
N ALA C 218 42.39 -28.89 -2.69
CA ALA C 218 42.72 -30.06 -1.88
C ALA C 218 41.47 -30.74 -1.33
N LEU C 219 40.52 -29.95 -0.82
CA LEU C 219 39.29 -30.50 -0.26
C LEU C 219 38.46 -31.22 -1.32
N VAL C 220 38.35 -30.63 -2.52
CA VAL C 220 37.58 -31.22 -3.59
C VAL C 220 38.26 -32.49 -4.10
N GLU C 221 39.59 -32.48 -4.22
CA GLU C 221 40.31 -33.70 -4.55
C GLU C 221 40.02 -34.80 -3.54
N GLU C 222 39.94 -34.43 -2.26
CA GLU C 222 39.68 -35.41 -1.22
C GLU C 222 38.31 -36.05 -1.39
N TYR C 223 37.28 -35.25 -1.66
CA TYR C 223 35.98 -35.90 -1.80
C TYR C 223 35.83 -36.65 -3.11
N MET C 224 36.52 -36.22 -4.15
CA MET C 224 36.51 -36.99 -5.39
C MET C 224 37.22 -38.32 -5.22
N ASP C 225 38.32 -38.35 -4.47
CA ASP C 225 38.97 -39.62 -4.17
C ASP C 225 38.05 -40.51 -3.35
N TRP C 226 37.38 -39.92 -2.35
CA TRP C 226 36.39 -40.67 -1.59
C TRP C 226 35.29 -41.24 -2.50
N LEU C 227 34.79 -40.44 -3.44
CA LEU C 227 33.69 -40.88 -4.28
C LEU C 227 34.10 -42.07 -5.14
N HIS C 228 35.34 -42.04 -5.65
CA HIS C 228 35.87 -43.10 -6.49
C HIS C 228 36.06 -44.40 -5.74
N GLN C 229 36.10 -44.38 -4.41
CA GLN C 229 36.27 -45.61 -3.63
C GLN C 229 35.07 -45.93 -2.75
N SER C 230 33.92 -45.29 -3.00
CA SER C 230 32.73 -45.52 -2.18
C SER C 230 31.73 -46.37 -2.93
N PRO C 231 31.08 -47.31 -2.23
CA PRO C 231 30.01 -48.10 -2.84
C PRO C 231 28.67 -47.39 -2.90
N VAL C 232 28.56 -46.15 -2.44
CA VAL C 232 27.28 -45.44 -2.41
C VAL C 232 26.64 -45.43 -3.80
N PRO C 233 25.34 -45.70 -3.92
CA PRO C 233 24.69 -45.55 -5.22
C PRO C 233 24.79 -44.11 -5.72
N LYS C 234 25.09 -43.97 -7.02
CA LYS C 234 25.35 -42.68 -7.65
C LYS C 234 24.53 -42.54 -8.93
N LEU C 235 23.97 -41.34 -9.13
CA LEU C 235 23.19 -41.02 -10.32
C LEU C 235 23.69 -39.66 -10.80
N LEU C 236 24.30 -39.61 -11.97
CA LEU C 236 24.91 -38.40 -12.52
C LEU C 236 24.09 -37.93 -13.72
N PHE C 237 23.55 -36.73 -13.65
CA PHE C 237 22.86 -36.11 -14.77
C PHE C 237 23.81 -35.17 -15.47
N TRP C 238 23.74 -35.12 -16.80
CA TRP C 238 24.64 -34.28 -17.57
C TRP C 238 23.92 -33.80 -18.81
N GLY C 239 24.42 -32.69 -19.36
CA GLY C 239 23.86 -32.14 -20.59
C GLY C 239 24.95 -31.69 -21.53
N THR C 240 24.53 -31.30 -22.74
CA THR C 240 25.46 -30.84 -23.74
C THR C 240 25.22 -29.37 -24.02
N PRO C 241 26.26 -28.50 -23.94
CA PRO C 241 27.68 -28.85 -23.71
C PRO C 241 28.13 -28.92 -22.25
N GLY C 242 27.24 -28.54 -21.34
CA GLY C 242 27.61 -28.43 -19.94
C GLY C 242 28.46 -27.20 -19.68
N VAL C 243 28.84 -27.04 -18.42
CA VAL C 243 29.76 -25.98 -18.01
C VAL C 243 30.85 -26.57 -17.15
N LEU C 244 30.49 -27.03 -15.94
CA LEU C 244 31.48 -27.65 -15.07
C LEU C 244 31.85 -29.04 -15.54
N ILE C 245 30.94 -29.75 -16.19
CA ILE C 245 31.10 -31.16 -16.53
C ILE C 245 30.87 -31.31 -18.03
N PRO C 246 31.93 -31.47 -18.82
CA PRO C 246 31.73 -31.75 -20.25
C PRO C 246 31.21 -33.17 -20.44
N PRO C 247 30.49 -33.44 -21.54
CA PRO C 247 29.93 -34.79 -21.75
C PRO C 247 30.92 -35.94 -21.64
N ALA C 248 32.15 -35.78 -22.12
CA ALA C 248 33.10 -36.87 -22.03
C ALA C 248 33.51 -37.13 -20.58
N GLU C 249 33.52 -36.10 -19.74
CA GLU C 249 33.82 -36.32 -18.32
C GLU C 249 32.68 -37.06 -17.63
N ALA C 250 31.44 -36.73 -17.97
CA ALA C 250 30.31 -37.48 -17.44
C ALA C 250 30.39 -38.95 -17.84
N ALA C 251 30.80 -39.23 -19.09
CA ALA C 251 30.88 -40.62 -19.54
C ALA C 251 32.02 -41.36 -18.84
N ARG C 252 33.14 -40.68 -18.63
CA ARG C 252 34.27 -41.26 -17.90
C ARG C 252 33.87 -41.63 -16.48
N LEU C 253 33.17 -40.71 -15.80
CA LEU C 253 32.80 -40.97 -14.41
C LEU C 253 31.75 -42.07 -14.29
N ALA C 254 30.87 -42.20 -15.29
CA ALA C 254 29.88 -43.27 -15.23
C ALA C 254 30.53 -44.64 -15.19
N LYS C 255 31.74 -44.76 -15.76
CA LYS C 255 32.46 -46.03 -15.72
C LYS C 255 33.48 -46.12 -14.60
N SER C 256 34.09 -45.01 -14.20
CA SER C 256 35.13 -45.04 -13.17
C SER C 256 34.59 -45.02 -11.75
N LEU C 257 33.45 -44.38 -11.51
CA LEU C 257 32.87 -44.36 -10.18
C LEU C 257 32.11 -45.66 -9.92
N PRO C 258 32.27 -46.26 -8.74
CA PRO C 258 31.49 -47.45 -8.42
C PRO C 258 30.00 -47.13 -8.41
N ASN C 259 29.20 -48.07 -8.88
CA ASN C 259 27.76 -48.06 -8.63
C ASN C 259 27.10 -46.80 -9.17
N CYS C 260 27.46 -46.40 -10.39
CA CYS C 260 27.09 -45.10 -10.95
C CYS C 260 26.38 -45.24 -12.29
N LYS C 261 25.20 -44.65 -12.38
CA LYS C 261 24.42 -44.54 -13.61
C LYS C 261 24.44 -43.08 -14.05
N ALA C 262 24.57 -42.84 -15.35
CA ALA C 262 24.54 -41.50 -15.91
C ALA C 262 23.34 -41.34 -16.82
N VAL C 263 22.75 -40.15 -16.79
CA VAL C 263 21.55 -39.82 -17.55
C VAL C 263 21.79 -38.54 -18.34
N ASP C 264 21.63 -38.62 -19.66
CA ASP C 264 21.75 -37.48 -20.57
C ASP C 264 20.44 -36.73 -20.57
N ILE C 265 20.47 -35.45 -20.17
CA ILE C 265 19.24 -34.65 -20.13
C ILE C 265 18.99 -33.91 -21.43
N GLY C 266 19.88 -34.01 -22.41
CA GLY C 266 19.78 -33.27 -23.65
C GLY C 266 20.56 -31.98 -23.54
N PRO C 267 20.08 -30.92 -24.18
CA PRO C 267 20.78 -29.64 -24.10
C PRO C 267 20.85 -29.14 -22.66
N GLY C 268 22.02 -28.66 -22.29
CA GLY C 268 22.16 -28.12 -20.95
C GLY C 268 23.49 -27.43 -20.76
N LEU C 269 23.53 -26.48 -19.83
CA LEU C 269 24.73 -25.72 -19.51
C LEU C 269 25.05 -26.00 -18.06
N ASN C 270 24.71 -25.10 -17.14
CA ASN C 270 24.92 -25.35 -15.71
C ASN C 270 23.64 -25.71 -14.96
N LEU C 271 22.59 -24.91 -15.08
CA LEU C 271 21.35 -25.18 -14.34
C LEU C 271 20.50 -26.18 -15.12
N LEU C 272 20.96 -27.44 -15.10
CA LEU C 272 20.27 -28.49 -15.84
C LEU C 272 18.81 -28.61 -15.42
N GLN C 273 18.53 -28.31 -14.14
CA GLN C 273 17.16 -28.33 -13.64
C GLN C 273 16.24 -27.43 -14.44
N GLU C 274 16.76 -26.34 -15.01
CA GLU C 274 15.92 -25.42 -15.74
C GLU C 274 15.69 -25.85 -17.18
N ASP C 275 16.52 -26.77 -17.68
CA ASP C 275 16.37 -27.23 -19.05
C ASP C 275 15.56 -28.51 -19.18
N ASN C 276 15.61 -29.42 -18.21
CA ASN C 276 14.84 -30.66 -18.29
C ASN C 276 14.47 -31.12 -16.89
N PRO C 277 13.65 -30.36 -16.18
CA PRO C 277 13.26 -30.79 -14.82
C PRO C 277 12.46 -32.08 -14.79
N ASP C 278 11.61 -32.35 -15.79
CA ASP C 278 10.77 -33.54 -15.71
C ASP C 278 11.59 -34.83 -15.86
N LEU C 279 12.60 -34.83 -16.72
CA LEU C 279 13.45 -36.00 -16.80
C LEU C 279 14.25 -36.17 -15.52
N ILE C 280 14.79 -35.08 -14.97
CA ILE C 280 15.60 -35.20 -13.77
C ILE C 280 14.76 -35.71 -12.61
N GLY C 281 13.57 -35.12 -12.44
CA GLY C 281 12.70 -35.54 -11.34
C GLY C 281 12.18 -36.96 -11.49
N SER C 282 11.73 -37.33 -12.69
CA SER C 282 11.22 -38.69 -12.86
C SER C 282 12.34 -39.72 -12.73
N GLU C 283 13.54 -39.41 -13.22
CA GLU C 283 14.63 -40.36 -13.08
C GLU C 283 15.06 -40.52 -11.63
N ILE C 284 15.11 -39.42 -10.86
CA ILE C 284 15.40 -39.54 -9.43
C ILE C 284 14.35 -40.42 -8.73
N ALA C 285 13.07 -40.19 -9.03
CA ALA C 285 12.02 -40.98 -8.40
C ALA C 285 12.17 -42.46 -8.68
N ARG C 286 12.49 -42.82 -9.92
CA ARG C 286 12.71 -44.23 -10.26
C ARG C 286 13.94 -44.78 -9.55
N TRP C 287 15.03 -44.02 -9.56
CA TRP C 287 16.28 -44.47 -8.95
C TRP C 287 16.12 -44.66 -7.45
N LEU C 288 15.34 -43.79 -6.79
CA LEU C 288 15.10 -43.93 -5.34
C LEU C 288 14.46 -45.28 -5.01
N SER C 289 13.62 -45.80 -5.90
CA SER C 289 12.96 -47.08 -5.66
C SER C 289 13.92 -48.26 -5.72
N THR C 290 15.15 -48.06 -6.18
CA THR C 290 16.19 -49.09 -6.21
C THR C 290 17.09 -49.06 -4.99
N LEU C 291 16.93 -48.09 -4.09
CA LEU C 291 17.83 -47.95 -2.96
C LEU C 291 17.29 -48.71 -1.75
N GLU C 292 18.19 -49.05 -0.83
CA GLU C 292 17.79 -49.73 0.40
C GLU C 292 17.43 -48.68 1.45
N ILE C 293 16.32 -47.97 1.16
CA ILE C 293 15.88 -46.88 2.02
C ILE C 293 14.45 -47.09 2.52
N GLY D 1 -29.87 -16.82 1.16
CA GLY D 1 -28.83 -16.87 0.15
C GLY D 1 -29.30 -16.50 -1.24
N ILE D 2 -28.33 -16.23 -2.12
CA ILE D 2 -28.63 -15.91 -3.52
C ILE D 2 -29.34 -17.09 -4.16
N GLY D 3 -30.44 -16.82 -4.85
CA GLY D 3 -31.30 -17.90 -5.31
C GLY D 3 -30.62 -18.75 -6.38
N THR D 4 -30.86 -20.06 -6.33
CA THR D 4 -30.31 -21.00 -7.31
C THR D 4 -31.35 -21.52 -8.29
N GLY D 5 -32.64 -21.34 -8.01
CA GLY D 5 -33.66 -21.87 -8.89
C GLY D 5 -33.86 -21.03 -10.15
N PHE D 6 -34.51 -21.67 -11.12
CA PHE D 6 -34.93 -21.03 -12.36
C PHE D 6 -36.40 -21.36 -12.55
N PRO D 7 -37.30 -20.60 -11.92
CA PRO D 7 -38.72 -20.97 -11.90
C PRO D 7 -39.49 -20.57 -13.15
N PHE D 8 -38.88 -19.81 -14.04
CA PHE D 8 -39.60 -19.14 -15.11
C PHE D 8 -40.19 -20.13 -16.11
N ASP D 9 -41.45 -19.90 -16.48
CA ASP D 9 -42.09 -20.74 -17.48
C ASP D 9 -41.38 -20.56 -18.83
N PRO D 10 -41.23 -21.63 -19.61
CA PRO D 10 -40.56 -21.48 -20.90
C PRO D 10 -41.47 -20.84 -21.94
N HIS D 11 -40.85 -20.04 -22.80
CA HIS D 11 -41.50 -19.53 -24.00
C HIS D 11 -40.55 -19.73 -25.16
N TYR D 12 -41.12 -19.98 -26.34
CA TYR D 12 -40.31 -20.21 -27.53
C TYR D 12 -40.88 -19.43 -28.69
N VAL D 13 -39.99 -18.96 -29.55
CA VAL D 13 -40.36 -18.36 -30.83
C VAL D 13 -39.41 -18.92 -31.88
N GLU D 14 -39.96 -19.26 -33.05
CA GLU D 14 -39.13 -19.79 -34.12
C GLU D 14 -38.70 -18.63 -35.01
N VAL D 15 -37.39 -18.44 -35.15
CA VAL D 15 -36.85 -17.43 -36.05
C VAL D 15 -35.73 -18.03 -36.86
N LEU D 16 -35.71 -17.73 -38.16
CA LEU D 16 -34.68 -18.20 -39.06
C LEU D 16 -34.57 -19.73 -39.03
N GLY D 17 -35.69 -20.40 -38.80
CA GLY D 17 -35.74 -21.85 -38.80
C GLY D 17 -35.36 -22.52 -37.50
N GLU D 18 -35.14 -21.75 -36.43
CA GLU D 18 -34.68 -22.29 -35.16
C GLU D 18 -35.51 -21.71 -34.03
N ARG D 19 -35.70 -22.50 -32.98
CA ARG D 19 -36.46 -22.05 -31.82
C ARG D 19 -35.54 -21.39 -30.82
N MET D 20 -35.91 -20.19 -30.38
CA MET D 20 -35.23 -19.49 -29.30
C MET D 20 -36.12 -19.50 -28.07
N HIS D 21 -35.53 -19.86 -26.93
CA HIS D 21 -36.21 -19.85 -25.65
C HIS D 21 -36.07 -18.48 -25.02
N TYR D 22 -37.10 -18.07 -24.28
CA TYR D 22 -37.04 -16.82 -23.55
C TYR D 22 -37.95 -16.84 -22.33
N VAL D 23 -37.50 -16.14 -21.29
CA VAL D 23 -38.32 -15.76 -20.15
C VAL D 23 -39.21 -14.61 -20.55
N ASP D 24 -40.47 -14.62 -20.09
CA ASP D 24 -41.39 -13.51 -20.36
C ASP D 24 -42.30 -13.41 -19.14
N VAL D 25 -42.02 -12.43 -18.26
CA VAL D 25 -42.83 -12.23 -17.06
C VAL D 25 -43.16 -10.75 -16.93
N GLY D 26 -44.04 -10.44 -15.98
CA GLY D 26 -44.39 -9.06 -15.70
C GLY D 26 -45.58 -8.56 -16.48
N PRO D 27 -46.03 -7.34 -16.19
CA PRO D 27 -47.28 -6.84 -16.78
C PRO D 27 -47.14 -6.63 -18.27
N ARG D 28 -48.23 -6.92 -18.98
CA ARG D 28 -48.24 -7.00 -20.44
C ARG D 28 -48.17 -5.65 -21.10
N ASP D 29 -48.75 -4.63 -20.47
CA ASP D 29 -48.67 -3.29 -21.03
C ASP D 29 -47.33 -2.67 -20.68
N GLY D 30 -47.11 -1.47 -21.20
CA GLY D 30 -45.90 -0.73 -20.89
C GLY D 30 -44.77 -1.04 -21.84
N THR D 31 -43.64 -0.43 -21.53
CA THR D 31 -42.43 -0.65 -22.30
C THR D 31 -41.70 -1.87 -21.76
N PRO D 32 -41.41 -2.86 -22.59
CA PRO D 32 -40.73 -4.07 -22.10
C PRO D 32 -39.25 -3.83 -21.85
N VAL D 33 -38.71 -4.64 -20.94
CA VAL D 33 -37.31 -4.60 -20.56
C VAL D 33 -36.67 -5.89 -21.09
N LEU D 34 -35.68 -5.74 -21.97
CA LEU D 34 -35.07 -6.86 -22.67
C LEU D 34 -33.68 -7.11 -22.08
N PHE D 35 -33.48 -8.31 -21.51
CA PHE D 35 -32.26 -8.69 -20.80
C PHE D 35 -31.44 -9.60 -21.71
N LEU D 36 -30.19 -9.22 -22.01
CA LEU D 36 -29.32 -9.97 -22.92
C LEU D 36 -28.07 -10.43 -22.19
N HIS D 37 -27.94 -11.75 -22.01
CA HIS D 37 -26.78 -12.39 -21.40
C HIS D 37 -25.61 -12.51 -22.40
N GLY D 38 -24.48 -12.97 -21.90
CA GLY D 38 -23.29 -13.17 -22.69
C GLY D 38 -22.71 -14.57 -22.52
N ASN D 39 -21.35 -14.63 -22.52
CA ASN D 39 -20.63 -15.91 -22.56
C ASN D 39 -20.11 -16.23 -21.17
N PRO D 40 -20.32 -17.45 -20.62
CA PRO D 40 -20.97 -18.62 -21.19
C PRO D 40 -22.32 -18.88 -20.54
N THR D 41 -23.14 -17.85 -20.44
CA THR D 41 -24.30 -17.92 -19.58
C THR D 41 -25.57 -18.13 -20.40
N SER D 42 -26.70 -17.79 -19.82
CA SER D 42 -28.03 -17.87 -20.43
C SER D 42 -28.92 -16.92 -19.65
N SER D 43 -30.22 -16.98 -19.91
CA SER D 43 -31.16 -16.23 -19.09
C SER D 43 -31.03 -16.56 -17.61
N TYR D 44 -30.46 -17.72 -17.26
CA TYR D 44 -30.19 -18.07 -15.88
C TYR D 44 -29.45 -16.95 -15.15
N VAL D 45 -28.56 -16.23 -15.86
CA VAL D 45 -27.77 -15.19 -15.21
C VAL D 45 -28.63 -14.04 -14.67
N TRP D 46 -29.86 -13.90 -15.17
CA TRP D 46 -30.76 -12.82 -14.75
C TRP D 46 -31.78 -13.27 -13.72
N ARG D 47 -31.72 -14.52 -13.27
CA ARG D 47 -32.79 -15.11 -12.47
C ARG D 47 -33.06 -14.35 -11.17
N ASN D 48 -32.06 -13.71 -10.57
CA ASN D 48 -32.24 -13.04 -9.29
C ASN D 48 -32.37 -11.54 -9.46
N ILE D 49 -32.27 -11.06 -10.69
CA ILE D 49 -32.44 -9.65 -11.00
C ILE D 49 -33.85 -9.36 -11.48
N ILE D 50 -34.37 -10.19 -12.38
CA ILE D 50 -35.72 -10.07 -12.93
C ILE D 50 -36.78 -9.90 -11.84
N PRO D 51 -36.74 -10.66 -10.73
CA PRO D 51 -37.82 -10.52 -9.74
C PRO D 51 -37.94 -9.16 -9.09
N HIS D 52 -36.91 -8.32 -9.16
CA HIS D 52 -37.03 -6.93 -8.70
C HIS D 52 -37.72 -6.03 -9.71
N VAL D 53 -37.72 -6.41 -10.98
CA VAL D 53 -38.22 -5.59 -12.08
C VAL D 53 -39.60 -6.04 -12.53
N ALA D 54 -39.81 -7.36 -12.53
CA ALA D 54 -41.08 -7.93 -12.98
C ALA D 54 -42.33 -7.43 -12.26
N PRO D 55 -42.30 -6.95 -11.00
CA PRO D 55 -43.56 -6.41 -10.45
C PRO D 55 -44.15 -5.29 -11.29
N THR D 56 -43.30 -4.44 -11.86
CA THR D 56 -43.78 -3.23 -12.51
C THR D 56 -43.51 -3.16 -14.02
N HIS D 57 -42.70 -4.06 -14.57
CA HIS D 57 -42.36 -4.01 -15.99
C HIS D 57 -42.26 -5.41 -16.57
N ARG D 58 -42.67 -5.55 -17.83
CA ARG D 58 -42.46 -6.79 -18.57
C ARG D 58 -40.96 -7.03 -18.72
N CYS D 59 -40.53 -8.25 -18.40
CA CYS D 59 -39.14 -8.68 -18.52
C CYS D 59 -39.07 -9.81 -19.52
N ILE D 60 -38.28 -9.61 -20.58
CA ILE D 60 -38.04 -10.61 -21.60
C ILE D 60 -36.56 -10.93 -21.57
N ALA D 61 -36.21 -12.21 -21.44
CA ALA D 61 -34.81 -12.62 -21.37
C ALA D 61 -34.59 -13.81 -22.28
N PRO D 62 -34.16 -13.60 -23.52
CA PRO D 62 -33.88 -14.72 -24.42
C PRO D 62 -32.56 -15.41 -24.09
N ASP D 63 -32.51 -16.69 -24.46
CA ASP D 63 -31.24 -17.41 -24.55
C ASP D 63 -30.70 -17.21 -25.96
N LEU D 64 -29.46 -16.75 -26.07
CA LEU D 64 -28.87 -16.55 -27.39
C LEU D 64 -28.87 -17.86 -28.16
N ILE D 65 -28.86 -17.74 -29.49
CA ILE D 65 -28.85 -18.95 -30.30
C ILE D 65 -27.63 -19.80 -29.93
N GLY D 66 -27.84 -21.11 -29.89
CA GLY D 66 -26.82 -22.05 -29.45
C GLY D 66 -26.57 -22.11 -27.96
N MET D 67 -27.35 -21.40 -27.13
CA MET D 67 -27.11 -21.30 -25.70
C MET D 67 -28.40 -21.55 -24.92
N GLY D 68 -28.26 -21.81 -23.63
CA GLY D 68 -29.44 -22.01 -22.79
C GLY D 68 -30.34 -23.09 -23.35
N LYS D 69 -31.65 -22.81 -23.36
CA LYS D 69 -32.65 -23.72 -23.91
C LYS D 69 -32.95 -23.45 -25.39
N SER D 70 -32.19 -22.57 -26.06
CA SER D 70 -32.40 -22.31 -27.47
C SER D 70 -31.82 -23.43 -28.32
N ASP D 71 -32.30 -23.52 -29.56
CA ASP D 71 -31.81 -24.53 -30.50
C ASP D 71 -30.33 -24.32 -30.80
N LYS D 72 -29.70 -25.39 -31.32
CA LYS D 72 -28.25 -25.44 -31.52
C LYS D 72 -27.91 -25.81 -32.96
N PRO D 73 -28.20 -24.94 -33.92
CA PRO D 73 -27.82 -25.22 -35.31
C PRO D 73 -26.30 -25.31 -35.45
N ASP D 74 -25.88 -25.98 -36.51
CA ASP D 74 -24.46 -26.17 -36.79
C ASP D 74 -23.92 -24.91 -37.47
N LEU D 75 -23.66 -23.89 -36.66
CA LEU D 75 -23.13 -22.61 -37.13
C LEU D 75 -21.73 -22.39 -36.56
N GLY D 76 -21.07 -21.37 -37.10
CA GLY D 76 -19.83 -20.92 -36.48
C GLY D 76 -20.04 -20.09 -35.24
N TYR D 77 -21.25 -19.54 -35.05
CA TYR D 77 -21.56 -18.71 -33.88
C TYR D 77 -20.67 -17.47 -33.81
N PHE D 78 -20.38 -16.90 -34.99
CA PHE D 78 -19.76 -15.59 -35.05
C PHE D 78 -20.71 -14.56 -34.47
N PHE D 79 -20.14 -13.41 -34.08
CA PHE D 79 -21.00 -12.33 -33.62
C PHE D 79 -22.09 -12.04 -34.64
N ASP D 80 -21.76 -12.13 -35.93
CA ASP D 80 -22.74 -11.83 -36.98
C ASP D 80 -23.93 -12.80 -36.94
N ASP D 81 -23.68 -14.08 -36.60
CA ASP D 81 -24.79 -15.02 -36.43
C ASP D 81 -25.70 -14.59 -35.29
N HIS D 82 -25.11 -14.20 -34.17
CA HIS D 82 -25.92 -13.77 -33.03
C HIS D 82 -26.71 -12.51 -33.37
N VAL D 83 -26.10 -11.58 -34.11
CA VAL D 83 -26.80 -10.38 -34.55
C VAL D 83 -28.03 -10.74 -35.36
N ARG D 84 -27.89 -11.65 -36.32
CA ARG D 84 -29.01 -12.03 -37.18
C ARG D 84 -30.15 -12.61 -36.36
N PHE D 85 -29.82 -13.52 -35.43
CA PHE D 85 -30.87 -14.16 -34.65
C PHE D 85 -31.52 -13.19 -33.68
N MET D 86 -30.75 -12.29 -33.08
CA MET D 86 -31.35 -11.37 -32.12
C MET D 86 -32.20 -10.31 -32.82
N ASP D 87 -31.77 -9.84 -34.01
CA ASP D 87 -32.61 -8.93 -34.78
C ASP D 87 -33.96 -9.57 -35.08
N ALA D 88 -33.95 -10.84 -35.46
CA ALA D 88 -35.20 -11.54 -35.79
C ALA D 88 -36.03 -11.81 -34.55
N PHE D 89 -35.38 -12.19 -33.44
CA PHE D 89 -36.11 -12.41 -32.19
C PHE D 89 -36.90 -11.17 -31.79
N ILE D 90 -36.24 -10.01 -31.81
CA ILE D 90 -36.88 -8.76 -31.37
C ILE D 90 -38.10 -8.45 -32.22
N GLU D 91 -37.95 -8.57 -33.54
CA GLU D 91 -39.07 -8.29 -34.43
CA GLU D 91 -39.09 -8.27 -34.41
C GLU D 91 -40.16 -9.35 -34.33
N ALA D 92 -39.77 -10.61 -34.14
CA ALA D 92 -40.74 -11.69 -34.06
C ALA D 92 -41.69 -11.50 -32.88
N LEU D 93 -41.22 -10.91 -31.78
CA LEU D 93 -42.07 -10.64 -30.62
C LEU D 93 -42.82 -9.33 -30.75
N GLY D 94 -42.66 -8.62 -31.87
CA GLY D 94 -43.35 -7.37 -32.08
C GLY D 94 -42.95 -6.27 -31.12
N LEU D 95 -41.73 -6.30 -30.61
CA LEU D 95 -41.28 -5.27 -29.70
C LEU D 95 -41.10 -3.99 -30.49
N GLU D 96 -41.65 -2.90 -29.96
CA GLU D 96 -41.50 -1.59 -30.59
C GLU D 96 -40.39 -0.82 -29.88
N GLU D 97 -40.74 -0.12 -28.81
CA GLU D 97 -39.73 0.51 -27.97
C GLU D 97 -39.36 -0.44 -26.83
N VAL D 98 -38.09 -0.38 -26.42
CA VAL D 98 -37.58 -1.27 -25.38
C VAL D 98 -36.62 -0.51 -24.48
N VAL D 99 -36.47 -1.03 -23.27
CA VAL D 99 -35.30 -0.74 -22.42
C VAL D 99 -34.42 -1.98 -22.45
N LEU D 100 -33.12 -1.78 -22.63
CA LEU D 100 -32.15 -2.86 -22.70
C LEU D 100 -31.42 -2.96 -21.37
N VAL D 101 -31.23 -4.21 -20.90
CA VAL D 101 -30.36 -4.53 -19.78
C VAL D 101 -29.37 -5.58 -20.29
N ILE D 102 -28.09 -5.23 -20.36
CA ILE D 102 -27.17 -6.00 -21.20
C ILE D 102 -25.82 -6.21 -20.51
N HIS D 103 -25.16 -7.32 -20.88
CA HIS D 103 -23.96 -7.76 -20.18
C HIS D 103 -23.07 -8.54 -21.15
N ASP D 104 -21.76 -8.27 -21.12
CA ASP D 104 -20.77 -9.08 -21.87
C ASP D 104 -21.19 -9.12 -23.34
N TRP D 105 -21.27 -10.30 -23.99
CA TRP D 105 -21.64 -10.28 -25.41
C TRP D 105 -23.06 -9.80 -25.64
N GLY D 106 -23.95 -9.93 -24.65
CA GLY D 106 -25.28 -9.33 -24.78
C GLY D 106 -25.21 -7.83 -24.91
N SER D 107 -24.18 -7.21 -24.33
CA SER D 107 -24.01 -5.76 -24.48
C SER D 107 -23.54 -5.39 -25.88
N ALA D 108 -22.69 -6.22 -26.52
CA ALA D 108 -22.34 -5.94 -27.90
C ALA D 108 -23.58 -6.06 -28.79
N LEU D 109 -24.40 -7.10 -28.57
CA LEU D 109 -25.67 -7.23 -29.29
C LEU D 109 -26.55 -6.02 -29.04
N GLY D 110 -26.70 -5.63 -27.77
CA GLY D 110 -27.65 -4.58 -27.44
C GLY D 110 -27.21 -3.22 -27.94
N PHE D 111 -25.92 -2.90 -27.77
CA PHE D 111 -25.42 -1.62 -28.27
C PHE D 111 -25.45 -1.56 -29.80
N HIS D 112 -25.13 -2.68 -30.47
CA HIS D 112 -25.15 -2.69 -31.93
C HIS D 112 -26.56 -2.56 -32.45
N TRP D 113 -27.52 -3.16 -31.76
CA TRP D 113 -28.92 -3.01 -32.14
C TRP D 113 -29.40 -1.59 -31.87
N ALA D 114 -29.01 -1.02 -30.73
CA ALA D 114 -29.42 0.32 -30.40
C ALA D 114 -28.84 1.34 -31.39
N LYS D 115 -27.59 1.15 -31.80
CA LYS D 115 -27.00 2.06 -32.77
C LYS D 115 -27.80 2.07 -34.06
N ARG D 116 -28.27 0.90 -34.49
CA ARG D 116 -29.01 0.74 -35.73
C ARG D 116 -30.50 1.02 -35.59
N ASN D 117 -31.04 0.97 -34.37
CA ASN D 117 -32.45 1.23 -34.12
C ASN D 117 -32.62 2.26 -33.00
N PRO D 118 -31.95 3.42 -33.12
CA PRO D 118 -31.87 4.33 -31.96
C PRO D 118 -33.19 4.92 -31.55
N GLU D 119 -34.18 4.95 -32.47
CA GLU D 119 -35.47 5.53 -32.15
C GLU D 119 -36.32 4.63 -31.28
N ARG D 120 -35.89 3.38 -31.08
CA ARG D 120 -36.67 2.40 -30.33
C ARG D 120 -36.12 2.13 -28.94
N VAL D 121 -35.06 2.80 -28.52
CA VAL D 121 -34.41 2.52 -27.25
C VAL D 121 -34.76 3.62 -26.25
N LYS D 122 -35.40 3.24 -25.15
CA LYS D 122 -35.80 4.19 -24.12
C LYS D 122 -34.82 4.25 -22.96
N GLY D 123 -33.87 3.33 -22.89
CA GLY D 123 -32.86 3.36 -21.87
C GLY D 123 -31.98 2.13 -22.03
N ILE D 124 -30.76 2.23 -21.50
CA ILE D 124 -29.82 1.11 -21.53
C ILE D 124 -29.15 1.00 -20.18
N ALA D 125 -29.38 -0.13 -19.49
CA ALA D 125 -28.61 -0.51 -18.32
C ALA D 125 -27.59 -1.55 -18.76
N PHE D 126 -26.36 -1.39 -18.31
CA PHE D 126 -25.27 -2.21 -18.84
C PHE D 126 -24.21 -2.42 -17.77
N MET D 127 -23.41 -3.46 -17.97
CA MET D 127 -22.43 -3.84 -16.97
C MET D 127 -21.44 -4.78 -17.65
N GLU D 128 -20.17 -4.68 -17.27
CA GLU D 128 -19.13 -5.59 -17.76
C GLU D 128 -19.32 -5.84 -19.26
N PHE D 129 -19.26 -4.74 -20.00
CA PHE D 129 -19.69 -4.68 -21.40
C PHE D 129 -18.47 -4.69 -22.32
N ILE D 130 -18.73 -4.96 -23.60
CA ILE D 130 -17.68 -5.11 -24.61
CA ILE D 130 -17.65 -5.08 -24.55
C ILE D 130 -17.31 -3.72 -25.14
N ARG D 131 -16.06 -3.34 -24.95
CA ARG D 131 -15.43 -2.15 -25.48
C ARG D 131 -14.13 -2.66 -26.09
N PRO D 132 -13.50 -1.88 -26.98
CA PRO D 132 -12.21 -2.33 -27.52
C PRO D 132 -11.18 -2.32 -26.41
N ILE D 133 -10.46 -3.43 -26.27
CA ILE D 133 -9.37 -3.54 -25.31
C ILE D 133 -8.09 -3.14 -26.06
N PRO D 134 -7.49 -2.00 -25.73
CA PRO D 134 -6.49 -1.43 -26.65
C PRO D 134 -5.25 -2.29 -26.84
N THR D 135 -4.69 -2.83 -25.76
CA THR D 135 -3.55 -3.72 -25.78
C THR D 135 -3.83 -4.86 -24.81
N TRP D 136 -3.03 -5.92 -24.90
CA TRP D 136 -3.20 -7.03 -23.97
C TRP D 136 -2.90 -6.62 -22.53
N ASP D 137 -2.24 -5.49 -22.31
CA ASP D 137 -2.00 -5.03 -20.95
CA ASP D 137 -1.99 -5.02 -20.95
C ASP D 137 -3.27 -4.56 -20.26
N GLU D 138 -4.31 -4.24 -21.03
CA GLU D 138 -5.59 -3.89 -20.44
C GLU D 138 -6.49 -5.10 -20.22
N TRP D 139 -6.06 -6.29 -20.62
CA TRP D 139 -6.75 -7.49 -20.14
C TRP D 139 -6.18 -7.86 -18.78
N PRO D 140 -7.01 -8.26 -17.80
CA PRO D 140 -6.49 -8.53 -16.46
C PRO D 140 -5.37 -9.56 -16.48
N GLU D 141 -4.27 -9.24 -15.79
CA GLU D 141 -3.08 -10.09 -15.86
C GLU D 141 -3.40 -11.51 -15.44
N PHE D 142 -4.27 -11.70 -14.45
CA PHE D 142 -4.57 -13.04 -13.95
C PHE D 142 -5.22 -13.94 -15.00
N ALA D 143 -5.86 -13.36 -16.02
CA ALA D 143 -6.56 -14.11 -17.06
C ALA D 143 -5.92 -13.99 -18.44
N ARG D 144 -4.78 -13.32 -18.55
CA ARG D 144 -4.22 -12.94 -19.84
C ARG D 144 -3.71 -14.16 -20.62
N GLU D 145 -2.87 -14.98 -19.99
CA GLU D 145 -2.31 -16.12 -20.71
C GLU D 145 -3.41 -17.06 -21.20
N THR D 146 -4.44 -17.27 -20.39
CA THR D 146 -5.50 -18.20 -20.77
C THR D 146 -6.33 -17.63 -21.92
N PHE D 147 -6.70 -16.35 -21.88
CA PHE D 147 -7.46 -15.79 -22.99
C PHE D 147 -6.63 -15.76 -24.28
N GLN D 148 -5.32 -15.54 -24.18
CA GLN D 148 -4.47 -15.63 -25.36
C GLN D 148 -4.48 -17.04 -25.93
N ALA D 149 -4.45 -18.06 -25.05
CA ALA D 149 -4.50 -19.44 -25.51
C ALA D 149 -5.86 -19.79 -26.09
N PHE D 150 -6.94 -19.22 -25.55
CA PHE D 150 -8.27 -19.43 -26.09
C PHE D 150 -8.35 -19.05 -27.57
N ARG D 151 -7.60 -18.02 -27.97
CA ARG D 151 -7.68 -17.40 -29.30
C ARG D 151 -6.77 -18.11 -30.32
N THR D 152 -6.83 -19.44 -30.28
CA THR D 152 -6.13 -20.33 -31.20
C THR D 152 -7.06 -21.49 -31.52
N THR D 153 -6.83 -22.11 -32.68
CA THR D 153 -7.64 -23.27 -33.06
C THR D 153 -7.10 -24.60 -32.54
N ASP D 154 -5.90 -24.63 -31.96
CA ASP D 154 -5.38 -25.86 -31.40
C ASP D 154 -5.61 -25.91 -29.89
N VAL D 155 -4.79 -25.18 -29.12
CA VAL D 155 -4.94 -25.15 -27.67
C VAL D 155 -6.30 -24.59 -27.27
N GLY D 156 -6.75 -23.53 -27.94
CA GLY D 156 -8.00 -22.88 -27.54
C GLY D 156 -9.20 -23.80 -27.63
N ARG D 157 -9.27 -24.59 -28.70
CA ARG D 157 -10.38 -25.52 -28.84
C ARG D 157 -10.23 -26.71 -27.91
N LYS D 158 -9.00 -27.17 -27.67
CA LYS D 158 -8.79 -28.18 -26.65
C LYS D 158 -9.34 -27.71 -25.31
N LEU D 159 -8.97 -26.49 -24.90
CA LEU D 159 -9.39 -25.94 -23.61
C LEU D 159 -10.91 -25.82 -23.53
N ILE D 160 -11.52 -25.14 -24.49
CA ILE D 160 -12.92 -24.76 -24.37
C ILE D 160 -13.86 -25.87 -24.83
N ILE D 161 -13.55 -26.50 -25.96
CA ILE D 161 -14.44 -27.52 -26.51
CA ILE D 161 -14.47 -27.52 -26.47
C ILE D 161 -14.22 -28.86 -25.82
N ASP D 162 -12.97 -29.34 -25.84
CA ASP D 162 -12.70 -30.69 -25.33
C ASP D 162 -12.78 -30.75 -23.81
N TRP D 163 -12.23 -29.75 -23.13
CA TRP D 163 -12.04 -29.82 -21.69
C TRP D 163 -13.06 -28.98 -20.92
N ASN D 164 -13.87 -28.18 -21.63
CA ASN D 164 -14.96 -27.40 -21.05
C ASN D 164 -14.45 -26.34 -20.07
N VAL D 165 -13.28 -25.75 -20.36
CA VAL D 165 -12.66 -24.81 -19.43
C VAL D 165 -13.50 -23.55 -19.24
N PHE D 166 -14.18 -23.06 -20.29
CA PHE D 166 -14.92 -21.81 -20.10
C PHE D 166 -16.04 -21.98 -19.07
N ILE D 167 -16.67 -23.16 -19.04
CA ILE D 167 -17.72 -23.44 -18.04
C ILE D 167 -17.11 -23.78 -16.67
N GLU D 168 -16.10 -24.65 -16.64
CA GLU D 168 -15.64 -25.17 -15.35
C GLU D 168 -14.59 -24.27 -14.69
N GLY D 169 -13.88 -23.47 -15.47
CA GLY D 169 -12.83 -22.63 -14.94
C GLY D 169 -13.09 -21.14 -15.05
N THR D 170 -13.35 -20.68 -16.28
CA THR D 170 -13.45 -19.24 -16.53
C THR D 170 -14.68 -18.65 -15.87
N LEU D 171 -15.81 -19.34 -15.98
CA LEU D 171 -17.03 -18.88 -15.32
C LEU D 171 -16.83 -18.70 -13.82
N PRO D 172 -16.36 -19.69 -13.05
CA PRO D 172 -16.09 -19.42 -11.63
C PRO D 172 -15.09 -18.30 -11.41
N MET D 173 -14.10 -18.14 -12.29
CA MET D 173 -13.14 -17.05 -12.15
C MET D 173 -13.71 -15.70 -12.57
N GLY D 174 -14.95 -15.68 -13.04
CA GLY D 174 -15.67 -14.45 -13.30
C GLY D 174 -16.66 -14.05 -12.24
N VAL D 175 -16.72 -14.79 -11.13
CA VAL D 175 -17.61 -14.51 -10.00
C VAL D 175 -16.74 -14.49 -8.76
N VAL D 176 -16.93 -13.48 -7.91
CA VAL D 176 -16.12 -13.40 -6.69
C VAL D 176 -16.53 -14.47 -5.71
N ARG D 177 -17.81 -14.50 -5.35
CA ARG D 177 -18.27 -15.50 -4.40
C ARG D 177 -18.27 -16.89 -5.04
N PRO D 178 -18.16 -17.94 -4.21
CA PRO D 178 -18.22 -19.30 -4.78
C PRO D 178 -19.60 -19.63 -5.33
N LEU D 179 -19.61 -20.27 -6.50
CA LEU D 179 -20.84 -20.81 -7.08
C LEU D 179 -21.13 -22.18 -6.48
N THR D 180 -22.42 -22.50 -6.33
CA THR D 180 -22.79 -23.79 -5.77
C THR D 180 -22.87 -24.86 -6.86
N GLU D 181 -22.92 -26.13 -6.44
CA GLU D 181 -23.04 -27.22 -7.40
C GLU D 181 -24.31 -27.10 -8.25
N VAL D 182 -25.42 -26.68 -7.64
CA VAL D 182 -26.67 -26.53 -8.38
C VAL D 182 -26.54 -25.43 -9.43
N GLU D 183 -25.92 -24.31 -9.05
CA GLU D 183 -25.70 -23.24 -10.03
C GLU D 183 -24.82 -23.73 -11.18
N MET D 184 -23.76 -24.47 -10.85
CA MET D 184 -22.88 -24.99 -11.89
C MET D 184 -23.65 -25.92 -12.82
N ASP D 185 -24.54 -26.75 -12.27
CA ASP D 185 -25.32 -27.65 -13.10
C ASP D 185 -26.23 -26.88 -14.05
N HIS D 186 -26.76 -25.74 -13.60
CA HIS D 186 -27.58 -24.92 -14.51
C HIS D 186 -26.74 -24.36 -15.64
N TYR D 187 -25.52 -23.92 -15.34
CA TYR D 187 -24.65 -23.40 -16.40
C TYR D 187 -24.12 -24.52 -17.28
N ARG D 188 -23.95 -25.74 -16.74
CA ARG D 188 -23.44 -26.86 -17.53
C ARG D 188 -24.47 -27.42 -18.49
N GLU D 189 -25.76 -27.32 -18.15
CA GLU D 189 -26.77 -28.12 -18.84
CA GLU D 189 -26.78 -28.11 -18.84
C GLU D 189 -26.79 -27.91 -20.36
N PRO D 190 -26.64 -26.71 -20.90
CA PRO D 190 -26.70 -26.57 -22.36
C PRO D 190 -25.51 -27.18 -23.08
N PHE D 191 -24.46 -27.58 -22.37
CA PHE D 191 -23.18 -27.87 -23.00
C PHE D 191 -22.64 -29.23 -22.63
N LEU D 192 -23.51 -30.16 -22.24
CA LEU D 192 -23.05 -31.50 -21.87
C LEU D 192 -22.33 -32.19 -23.02
N ASN D 193 -22.73 -31.88 -24.26
CA ASN D 193 -22.18 -32.47 -25.46
C ASN D 193 -21.09 -31.54 -26.00
N PRO D 194 -19.84 -31.98 -26.10
CA PRO D 194 -18.74 -31.05 -26.47
C PRO D 194 -18.95 -30.29 -27.78
N VAL D 195 -19.55 -30.92 -28.79
CA VAL D 195 -19.74 -30.24 -30.07
C VAL D 195 -20.62 -29.00 -29.91
N ASP D 196 -21.50 -28.99 -28.91
CA ASP D 196 -22.36 -27.86 -28.67
C ASP D 196 -21.63 -26.68 -28.05
N ARG D 197 -20.33 -26.79 -27.79
CA ARG D 197 -19.57 -25.72 -27.14
C ARG D 197 -18.95 -24.74 -28.12
N GLU D 198 -19.26 -24.84 -29.41
CA GLU D 198 -18.77 -23.88 -30.40
C GLU D 198 -18.95 -22.41 -30.00
N PRO D 199 -20.13 -21.94 -29.55
CA PRO D 199 -20.24 -20.52 -29.19
C PRO D 199 -19.29 -20.10 -28.07
N LEU D 200 -18.99 -21.03 -27.15
CA LEU D 200 -18.12 -20.71 -26.01
C LEU D 200 -16.69 -20.47 -26.47
N TRP D 201 -16.30 -21.06 -27.59
CA TRP D 201 -14.98 -20.83 -28.16
C TRP D 201 -14.98 -19.67 -29.14
N ARG D 202 -16.02 -19.53 -29.96
CA ARG D 202 -15.99 -18.45 -30.93
C ARG D 202 -16.08 -17.08 -30.25
N PHE D 203 -16.86 -16.98 -29.17
CA PHE D 203 -16.97 -15.71 -28.45
C PHE D 203 -15.63 -15.11 -28.04
N PRO D 204 -14.74 -15.80 -27.31
CA PRO D 204 -13.46 -15.16 -26.94
C PRO D 204 -12.60 -14.86 -28.14
N ASN D 205 -12.81 -15.61 -29.24
CA ASN D 205 -12.09 -15.34 -30.48
C ASN D 205 -12.63 -14.12 -31.21
N GLU D 206 -13.82 -13.65 -30.84
CA GLU D 206 -14.39 -12.41 -31.36
C GLU D 206 -14.07 -11.20 -30.50
N LEU D 207 -13.57 -11.38 -29.27
CA LEU D 207 -13.34 -10.23 -28.39
C LEU D 207 -12.41 -9.24 -29.06
N PRO D 208 -12.74 -7.95 -29.06
CA PRO D 208 -11.86 -6.96 -29.69
C PRO D 208 -10.69 -6.61 -28.79
N ILE D 209 -9.54 -7.24 -29.01
CA ILE D 209 -8.38 -7.08 -28.15
C ILE D 209 -7.18 -6.78 -29.03
N ALA D 210 -6.50 -5.67 -28.76
CA ALA D 210 -5.26 -5.34 -29.46
C ALA D 210 -5.47 -5.26 -30.97
N GLY D 211 -6.67 -4.85 -31.40
CA GLY D 211 -6.96 -4.66 -32.80
C GLY D 211 -7.50 -5.86 -33.54
N GLU D 212 -7.66 -7.02 -32.88
CA GLU D 212 -8.11 -8.24 -33.53
C GLU D 212 -9.34 -8.78 -32.84
N PRO D 213 -10.33 -9.31 -33.59
CA PRO D 213 -10.40 -9.22 -35.06
C PRO D 213 -10.76 -7.82 -35.51
N ALA D 214 -10.18 -7.39 -36.63
CA ALA D 214 -10.35 -6.01 -37.07
C ALA D 214 -11.82 -5.66 -37.32
N ASN D 215 -12.60 -6.61 -37.82
CA ASN D 215 -14.01 -6.29 -38.11
C ASN D 215 -14.82 -6.06 -36.83
N ILE D 216 -14.55 -6.83 -35.77
CA ILE D 216 -15.28 -6.62 -34.52
C ILE D 216 -14.82 -5.34 -33.86
N VAL D 217 -13.50 -5.07 -33.86
CA VAL D 217 -13.00 -3.81 -33.32
C VAL D 217 -13.73 -2.65 -33.98
N ALA D 218 -13.85 -2.69 -35.30
CA ALA D 218 -14.51 -1.59 -36.00
C ALA D 218 -15.97 -1.44 -35.57
N LEU D 219 -16.71 -2.55 -35.53
CA LEU D 219 -18.12 -2.51 -35.15
C LEU D 219 -18.29 -1.99 -33.72
N VAL D 220 -17.44 -2.45 -32.81
CA VAL D 220 -17.53 -2.01 -31.42
C VAL D 220 -17.16 -0.53 -31.29
N GLU D 221 -16.13 -0.09 -32.01
CA GLU D 221 -15.81 1.33 -32.04
C GLU D 221 -17.00 2.15 -32.51
N GLU D 222 -17.72 1.64 -33.51
CA GLU D 222 -18.85 2.38 -34.04
C GLU D 222 -19.96 2.53 -33.00
N TYR D 223 -20.28 1.47 -32.25
CA TYR D 223 -21.34 1.65 -31.28
C TYR D 223 -20.89 2.44 -30.06
N MET D 224 -19.59 2.42 -29.74
CA MET D 224 -19.12 3.25 -28.64
C MET D 224 -19.15 4.72 -29.02
N ASP D 225 -18.78 5.05 -30.25
CA ASP D 225 -18.92 6.42 -30.72
C ASP D 225 -20.38 6.86 -30.69
N TRP D 226 -21.29 5.97 -31.14
CA TRP D 226 -22.71 6.28 -31.03
C TRP D 226 -23.11 6.52 -29.58
N LEU D 227 -22.67 5.67 -28.66
CA LEU D 227 -23.08 5.79 -27.27
C LEU D 227 -22.62 7.10 -26.66
N HIS D 228 -21.41 7.55 -27.04
CA HIS D 228 -20.84 8.77 -26.47
C HIS D 228 -21.57 10.03 -26.90
N GLN D 229 -22.40 9.96 -27.94
CA GLN D 229 -23.17 11.12 -28.40
C GLN D 229 -24.67 10.85 -28.41
N SER D 230 -25.14 9.78 -27.76
CA SER D 230 -26.56 9.44 -27.74
C SER D 230 -27.23 10.04 -26.50
N PRO D 231 -28.46 10.55 -26.64
CA PRO D 231 -29.19 11.07 -25.47
C PRO D 231 -29.85 10.01 -24.61
N VAL D 232 -29.76 8.73 -24.96
CA VAL D 232 -30.51 7.68 -24.27
C VAL D 232 -30.14 7.64 -22.79
N PRO D 233 -31.10 7.45 -21.88
CA PRO D 233 -30.73 7.25 -20.47
C PRO D 233 -29.87 6.00 -20.30
N LYS D 234 -28.83 6.12 -19.50
CA LYS D 234 -27.84 5.08 -19.31
C LYS D 234 -27.62 4.81 -17.83
N LEU D 235 -27.48 3.54 -17.47
CA LEU D 235 -27.21 3.11 -16.11
C LEU D 235 -26.11 2.06 -16.18
N LEU D 236 -24.95 2.36 -15.57
CA LEU D 236 -23.77 1.50 -15.61
C LEU D 236 -23.54 0.91 -14.24
N PHE D 237 -23.47 -0.42 -14.15
CA PHE D 237 -23.07 -1.11 -12.94
C PHE D 237 -21.65 -1.60 -13.09
N TRP D 238 -20.87 -1.50 -12.02
CA TRP D 238 -19.47 -1.90 -12.07
C TRP D 238 -19.07 -2.44 -10.71
N GLY D 239 -18.03 -3.27 -10.70
CA GLY D 239 -17.50 -3.82 -9.47
C GLY D 239 -15.98 -3.74 -9.44
N THR D 240 -15.41 -4.15 -8.31
CA THR D 240 -13.98 -4.13 -8.10
C THR D 240 -13.47 -5.55 -7.92
N PRO D 241 -12.45 -6.01 -8.68
CA PRO D 241 -11.66 -5.27 -9.67
C PRO D 241 -12.27 -5.21 -11.08
N GLY D 242 -13.38 -5.90 -11.31
CA GLY D 242 -13.92 -6.02 -12.65
C GLY D 242 -13.07 -6.91 -13.53
N VAL D 243 -13.50 -7.08 -14.79
CA VAL D 243 -12.72 -7.80 -15.78
C VAL D 243 -12.62 -6.96 -17.05
N LEU D 244 -13.76 -6.77 -17.73
CA LEU D 244 -13.79 -5.92 -18.91
C LEU D 244 -13.75 -4.43 -18.56
N ILE D 245 -14.32 -4.05 -17.41
CA ILE D 245 -14.47 -2.64 -17.04
C ILE D 245 -13.86 -2.42 -15.66
N PRO D 246 -12.61 -1.99 -15.56
CA PRO D 246 -12.02 -1.70 -14.25
C PRO D 246 -12.63 -0.45 -13.64
N PRO D 247 -12.53 -0.30 -12.31
CA PRO D 247 -13.17 0.84 -11.64
C PRO D 247 -12.81 2.21 -12.21
N ALA D 248 -11.55 2.42 -12.60
CA ALA D 248 -11.18 3.73 -13.14
C ALA D 248 -11.84 3.98 -14.49
N GLU D 249 -12.06 2.92 -15.26
CA GLU D 249 -12.76 3.05 -16.53
C GLU D 249 -14.25 3.34 -16.31
N ALA D 250 -14.86 2.66 -15.34
CA ALA D 250 -16.25 2.95 -15.01
C ALA D 250 -16.44 4.40 -14.61
N ALA D 251 -15.51 4.93 -13.80
CA ALA D 251 -15.59 6.33 -13.40
C ALA D 251 -15.47 7.26 -14.60
N ARG D 252 -14.54 6.98 -15.52
CA ARG D 252 -14.43 7.81 -16.72
C ARG D 252 -15.72 7.78 -17.54
N LEU D 253 -16.29 6.59 -17.73
CA LEU D 253 -17.52 6.45 -18.51
C LEU D 253 -18.67 7.20 -17.87
N ALA D 254 -18.76 7.15 -16.54
CA ALA D 254 -19.82 7.86 -15.84
C ALA D 254 -19.79 9.35 -16.18
N LYS D 255 -18.59 9.91 -16.33
CA LYS D 255 -18.44 11.33 -16.66
C LYS D 255 -18.61 11.62 -18.14
N SER D 256 -18.19 10.70 -19.02
CA SER D 256 -18.12 11.00 -20.45
C SER D 256 -19.38 10.63 -21.21
N LEU D 257 -20.15 9.67 -20.72
CA LEU D 257 -21.34 9.32 -21.50
C LEU D 257 -22.50 10.25 -21.11
N PRO D 258 -23.27 10.74 -22.08
CA PRO D 258 -24.42 11.58 -21.74
C PRO D 258 -25.42 10.79 -20.92
N ASN D 259 -26.04 11.47 -19.94
CA ASN D 259 -27.26 10.98 -19.29
C ASN D 259 -27.01 9.63 -18.62
N CYS D 260 -25.86 9.51 -17.94
CA CYS D 260 -25.37 8.23 -17.42
C CYS D 260 -25.20 8.28 -15.91
N LYS D 261 -25.83 7.34 -15.21
CA LYS D 261 -25.65 7.11 -13.79
C LYS D 261 -24.83 5.83 -13.61
N ALA D 262 -23.87 5.85 -12.69
CA ALA D 262 -23.05 4.68 -12.41
C ALA D 262 -23.26 4.21 -10.98
N VAL D 263 -23.30 2.89 -10.80
CA VAL D 263 -23.55 2.27 -9.50
C VAL D 263 -22.47 1.24 -9.22
N ASP D 264 -21.78 1.41 -8.09
CA ASP D 264 -20.78 0.49 -7.58
C ASP D 264 -21.49 -0.66 -6.87
N ILE D 265 -21.29 -1.89 -7.36
CA ILE D 265 -21.92 -3.05 -6.73
C ILE D 265 -21.07 -3.70 -5.65
N GLY D 266 -19.88 -3.17 -5.37
CA GLY D 266 -18.95 -3.81 -4.47
C GLY D 266 -18.03 -4.77 -5.20
N PRO D 267 -17.62 -5.85 -4.54
CA PRO D 267 -16.74 -6.82 -5.19
C PRO D 267 -17.40 -7.45 -6.42
N GLY D 268 -16.63 -7.53 -7.49
CA GLY D 268 -17.18 -8.12 -8.71
C GLY D 268 -16.09 -8.33 -9.74
N LEU D 269 -16.29 -9.33 -10.61
CA LEU D 269 -15.36 -9.65 -11.67
C LEU D 269 -16.09 -9.41 -12.99
N ASN D 270 -16.61 -10.45 -13.63
CA ASN D 270 -17.39 -10.28 -14.84
C ASN D 270 -18.88 -10.45 -14.64
N LEU D 271 -19.30 -11.57 -14.04
CA LEU D 271 -20.73 -11.81 -13.81
C LEU D 271 -21.20 -11.10 -12.55
N LEU D 272 -21.35 -9.77 -12.67
CA LEU D 272 -21.73 -8.98 -11.52
C LEU D 272 -23.07 -9.42 -10.96
N GLN D 273 -23.94 -9.97 -11.83
CA GLN D 273 -25.25 -10.46 -11.42
C GLN D 273 -25.13 -11.54 -10.35
N GLU D 274 -24.03 -12.28 -10.33
CA GLU D 274 -23.89 -13.35 -9.35
C GLU D 274 -23.31 -12.87 -8.05
N ASP D 275 -22.74 -11.66 -8.02
CA ASP D 275 -22.19 -11.12 -6.78
C ASP D 275 -23.14 -10.18 -6.05
N ASN D 276 -23.97 -9.41 -6.75
CA ASN D 276 -24.90 -8.50 -6.09
C ASN D 276 -26.18 -8.34 -6.91
N PRO D 277 -26.96 -9.42 -7.04
CA PRO D 277 -28.21 -9.32 -7.81
C PRO D 277 -29.25 -8.40 -7.18
N ASP D 278 -29.33 -8.34 -5.85
CA ASP D 278 -30.38 -7.53 -5.24
C ASP D 278 -30.14 -6.04 -5.50
N LEU D 279 -28.90 -5.58 -5.42
CA LEU D 279 -28.63 -4.18 -5.73
C LEU D 279 -28.88 -3.87 -7.20
N ILE D 280 -28.44 -4.75 -8.10
CA ILE D 280 -28.64 -4.50 -9.53
C ILE D 280 -30.13 -4.44 -9.85
N GLY D 281 -30.88 -5.44 -9.37
CA GLY D 281 -32.31 -5.47 -9.63
C GLY D 281 -33.05 -4.28 -9.04
N SER D 282 -32.78 -3.97 -7.76
CA SER D 282 -33.49 -2.85 -7.14
C SER D 282 -33.12 -1.53 -7.80
N GLU D 283 -31.86 -1.36 -8.20
CA GLU D 283 -31.45 -0.11 -8.86
CA GLU D 283 -31.47 -0.11 -8.84
C GLU D 283 -32.04 0.01 -10.25
N ILE D 284 -32.14 -1.11 -10.99
CA ILE D 284 -32.80 -1.04 -12.30
C ILE D 284 -34.26 -0.61 -12.13
N ALA D 285 -34.95 -1.21 -11.15
CA ALA D 285 -36.36 -0.87 -10.93
C ALA D 285 -36.52 0.60 -10.57
N ARG D 286 -35.68 1.11 -9.68
CA ARG D 286 -35.75 2.54 -9.32
C ARG D 286 -35.48 3.40 -10.54
N TRP D 287 -34.44 3.09 -11.30
CA TRP D 287 -34.10 3.86 -12.49
C TRP D 287 -35.24 3.84 -13.52
N LEU D 288 -35.85 2.67 -13.74
CA LEU D 288 -36.98 2.59 -14.67
C LEU D 288 -38.10 3.56 -14.28
N SER D 289 -38.34 3.72 -12.97
CA SER D 289 -39.42 4.58 -12.52
C SER D 289 -39.19 6.04 -12.85
N THR D 290 -37.96 6.42 -13.21
CA THR D 290 -37.66 7.81 -13.56
C THR D 290 -37.70 8.07 -15.07
N LEU D 291 -37.84 7.04 -15.90
CA LEU D 291 -37.84 7.21 -17.34
C LEU D 291 -39.24 7.53 -17.85
N GLU D 292 -39.30 8.09 -19.07
CA GLU D 292 -40.59 8.35 -19.72
C GLU D 292 -41.01 7.11 -20.53
N ILE D 293 -41.44 6.09 -19.79
CA ILE D 293 -41.83 4.81 -20.40
C ILE D 293 -43.23 4.40 -19.98
N GLY E 1 3.63 8.22 3.09
CA GLY E 1 4.76 8.71 2.33
C GLY E 1 4.45 8.98 0.88
N ILE E 2 5.50 9.11 0.06
CA ILE E 2 5.35 9.40 -1.36
C ILE E 2 4.72 8.20 -2.05
N GLY E 3 3.66 8.45 -2.82
CA GLY E 3 2.88 7.36 -3.38
C GLY E 3 3.63 6.58 -4.46
N THR E 4 3.41 5.27 -4.48
CA THR E 4 4.04 4.38 -5.44
C THR E 4 3.10 3.86 -6.50
N GLY E 5 1.79 4.04 -6.34
CA GLY E 5 0.85 3.46 -7.26
C GLY E 5 0.65 4.31 -8.48
N PHE E 6 0.05 3.69 -9.50
CA PHE E 6 -0.28 4.38 -10.75
C PHE E 6 -1.72 4.01 -11.08
N PRO E 7 -2.70 4.70 -10.48
CA PRO E 7 -4.08 4.24 -10.57
C PRO E 7 -4.83 4.68 -11.82
N PHE E 8 -4.19 5.40 -12.73
CA PHE E 8 -4.89 6.10 -13.80
C PHE E 8 -5.41 5.13 -14.86
N ASP E 9 -6.64 5.35 -15.30
CA ASP E 9 -7.21 4.57 -16.38
C ASP E 9 -6.38 4.77 -17.65
N PRO E 10 -5.95 3.69 -18.32
CA PRO E 10 -5.18 3.87 -19.55
C PRO E 10 -6.05 4.43 -20.67
N HIS E 11 -5.51 5.40 -21.40
CA HIS E 11 -6.11 5.91 -22.62
C HIS E 11 -5.07 5.77 -23.72
N TYR E 12 -5.53 5.46 -24.93
CA TYR E 12 -4.64 5.37 -26.08
C TYR E 12 -5.23 6.15 -27.23
N VAL E 13 -4.35 6.79 -28.00
CA VAL E 13 -4.73 7.44 -29.25
C VAL E 13 -3.75 6.99 -30.33
N GLU E 14 -4.27 6.74 -31.53
CA GLU E 14 -3.39 6.38 -32.62
C GLU E 14 -2.81 7.63 -33.26
N VAL E 15 -1.48 7.64 -33.37
CA VAL E 15 -0.68 8.81 -33.72
C VAL E 15 0.33 8.26 -34.72
N LEU E 16 0.24 8.70 -35.98
CA LEU E 16 1.21 8.29 -37.00
C LEU E 16 1.36 6.77 -37.07
N GLY E 17 0.24 6.05 -36.97
CA GLY E 17 0.25 4.60 -37.09
C GLY E 17 0.60 3.83 -35.85
N GLU E 18 0.83 4.49 -34.72
CA GLU E 18 1.27 3.85 -33.48
C GLU E 18 0.38 4.33 -32.35
N ARG E 19 0.25 3.50 -31.31
CA ARG E 19 -0.56 3.85 -30.16
C ARG E 19 0.30 4.63 -29.16
N MET E 20 -0.19 5.80 -28.74
CA MET E 20 0.41 6.52 -27.63
C MET E 20 -0.52 6.43 -26.43
N HIS E 21 0.01 5.99 -25.29
CA HIS E 21 -0.75 5.95 -24.05
C HIS E 21 -0.71 7.30 -23.37
N TYR E 22 -1.79 7.64 -22.67
CA TYR E 22 -1.79 8.86 -21.89
C TYR E 22 -2.77 8.77 -20.72
N VAL E 23 -2.42 9.50 -19.66
CA VAL E 23 -3.33 9.78 -18.55
C VAL E 23 -4.21 10.95 -18.96
N ASP E 24 -5.50 10.89 -18.59
CA ASP E 24 -6.42 12.01 -18.84
C ASP E 24 -7.40 12.03 -17.67
N VAL E 25 -7.20 12.94 -16.71
CA VAL E 25 -8.03 13.03 -15.51
C VAL E 25 -8.46 14.48 -15.29
N GLY E 26 -9.37 14.66 -14.34
CA GLY E 26 -9.85 15.99 -14.01
C GLY E 26 -11.03 16.34 -14.90
N PRO E 27 -11.50 17.58 -14.84
CA PRO E 27 -12.67 17.95 -15.64
C PRO E 27 -12.41 17.75 -17.13
N ARG E 28 -13.49 17.46 -17.86
CA ARG E 28 -13.39 17.22 -19.30
C ARG E 28 -13.23 18.50 -20.09
N ASP E 29 -13.66 19.63 -19.55
CA ASP E 29 -13.63 20.91 -20.24
C ASP E 29 -12.56 21.81 -19.64
N GLY E 30 -12.45 23.01 -20.17
CA GLY E 30 -11.46 23.97 -19.71
C GLY E 30 -10.12 23.76 -20.39
N THR E 31 -9.19 24.65 -20.07
CA THR E 31 -7.86 24.58 -20.68
C THR E 31 -7.09 23.42 -20.05
N PRO E 32 -6.58 22.48 -20.85
CA PRO E 32 -5.89 21.33 -20.26
C PRO E 32 -4.45 21.65 -19.88
N VAL E 33 -3.96 20.90 -18.90
CA VAL E 33 -2.58 20.98 -18.44
C VAL E 33 -1.88 19.74 -18.96
N LEU E 34 -0.87 19.95 -19.80
CA LEU E 34 -0.18 18.88 -20.53
C LEU E 34 1.18 18.66 -19.91
N PHE E 35 1.37 17.47 -19.34
CA PHE E 35 2.56 17.11 -18.57
C PHE E 35 3.46 16.23 -19.45
N LEU E 36 4.70 16.66 -19.65
CA LEU E 36 5.63 15.96 -20.53
C LEU E 36 6.87 15.49 -19.77
N HIS E 37 7.06 14.18 -19.70
CA HIS E 37 8.19 13.56 -19.04
C HIS E 37 9.42 13.52 -19.96
N GLY E 38 10.54 13.07 -19.39
CA GLY E 38 11.79 12.93 -20.10
C GLY E 38 12.39 11.54 -19.94
N ASN E 39 13.72 11.50 -19.94
CA ASN E 39 14.48 10.26 -19.96
C ASN E 39 14.95 9.91 -18.55
N PRO E 40 14.77 8.67 -18.06
CA PRO E 40 14.18 7.49 -18.69
C PRO E 40 12.81 7.19 -18.10
N THR E 41 11.97 8.22 -18.02
CA THR E 41 10.75 8.08 -17.22
C THR E 41 9.53 7.86 -18.12
N SER E 42 8.34 8.15 -17.59
CA SER E 42 7.07 8.02 -18.28
C SER E 42 6.09 8.92 -17.53
N SER E 43 4.80 8.82 -17.88
CA SER E 43 3.79 9.51 -17.09
C SER E 43 3.82 9.10 -15.62
N TYR E 44 4.44 7.96 -15.30
CA TYR E 44 4.62 7.58 -13.89
C TYR E 44 5.28 8.69 -13.08
N VAL E 45 6.19 9.48 -13.67
CA VAL E 45 6.90 10.53 -12.94
C VAL E 45 5.96 11.62 -12.46
N TRP E 46 4.74 11.70 -13.00
CA TRP E 46 3.78 12.71 -12.65
C TRP E 46 2.71 12.22 -11.69
N ARG E 47 2.78 10.96 -11.25
CA ARG E 47 1.68 10.34 -10.54
C ARG E 47 1.32 11.05 -9.24
N ASN E 48 2.27 11.69 -8.57
CA ASN E 48 2.00 12.31 -7.28
C ASN E 48 1.82 13.81 -7.41
N ILE E 49 1.98 14.34 -8.61
CA ILE E 49 1.79 15.76 -8.90
C ILE E 49 0.40 16.02 -9.46
N ILE E 50 -0.06 15.19 -10.38
CA ILE E 50 -1.38 15.28 -10.99
C ILE E 50 -2.49 15.40 -9.94
N PRO E 51 -2.47 14.64 -8.83
CA PRO E 51 -3.59 14.73 -7.86
C PRO E 51 -3.78 16.09 -7.22
N HIS E 52 -2.77 16.97 -7.28
CA HIS E 52 -2.95 18.33 -6.78
C HIS E 52 -3.63 19.24 -7.80
N VAL E 53 -3.60 18.88 -9.08
CA VAL E 53 -4.11 19.72 -10.13
C VAL E 53 -5.46 19.24 -10.64
N ALA E 54 -5.66 17.92 -10.70
CA ALA E 54 -6.89 17.30 -11.19
C ALA E 54 -8.18 17.78 -10.51
N PRO E 55 -8.18 18.24 -9.25
CA PRO E 55 -9.44 18.76 -8.71
C PRO E 55 -9.95 19.97 -9.47
N THR E 56 -9.07 20.75 -10.10
CA THR E 56 -9.48 22.00 -10.74
C THR E 56 -9.22 22.05 -12.23
N HIS E 57 -8.36 21.20 -12.78
CA HIS E 57 -8.02 21.30 -14.19
C HIS E 57 -7.78 19.93 -14.81
N ARG E 58 -8.09 19.83 -16.09
CA ARG E 58 -7.82 18.60 -16.83
C ARG E 58 -6.32 18.41 -16.90
N CYS E 59 -5.88 17.18 -16.61
CA CYS E 59 -4.47 16.78 -16.68
C CYS E 59 -4.31 15.70 -17.73
N ILE E 60 -3.43 15.96 -18.70
CA ILE E 60 -3.08 15.02 -19.76
C ILE E 60 -1.60 14.75 -19.66
N ALA E 61 -1.22 13.48 -19.56
CA ALA E 61 0.19 13.11 -19.41
C ALA E 61 0.49 11.94 -20.34
N PRO E 62 1.02 12.21 -21.53
CA PRO E 62 1.34 11.11 -22.46
C PRO E 62 2.65 10.45 -22.10
N ASP E 63 2.75 9.19 -22.51
CA ASP E 63 4.04 8.52 -22.57
C ASP E 63 4.62 8.81 -23.96
N LEU E 64 5.85 9.34 -23.99
CA LEU E 64 6.52 9.58 -25.26
C LEU E 64 6.58 8.31 -26.09
N ILE E 65 6.59 8.46 -27.41
CA ILE E 65 6.68 7.28 -28.26
C ILE E 65 7.93 6.48 -27.86
N GLY E 66 7.80 5.15 -27.87
CA GLY E 66 8.88 4.28 -27.43
C GLY E 66 9.04 4.14 -25.94
N MET E 67 8.20 4.79 -25.14
CA MET E 67 8.37 4.81 -23.69
C MET E 67 7.05 4.48 -23.02
N GLY E 68 7.13 4.18 -21.72
CA GLY E 68 5.92 3.92 -20.94
C GLY E 68 5.08 2.80 -21.55
N LYS E 69 3.77 3.05 -21.65
CA LYS E 69 2.86 2.12 -22.30
C LYS E 69 2.63 2.41 -23.78
N SER E 70 3.32 3.40 -24.35
CA SER E 70 3.18 3.69 -25.77
C SER E 70 3.86 2.61 -26.61
N ASP E 71 3.45 2.51 -27.87
CA ASP E 71 4.05 1.54 -28.77
C ASP E 71 5.53 1.86 -28.97
N LYS E 72 6.28 0.86 -29.41
CA LYS E 72 7.73 0.95 -29.52
C LYS E 72 8.21 0.48 -30.88
N PRO E 73 7.87 1.21 -31.95
CA PRO E 73 8.37 0.87 -33.28
C PRO E 73 9.89 1.00 -33.35
N ASP E 74 10.46 0.41 -34.40
CA ASP E 74 11.91 0.38 -34.59
C ASP E 74 12.36 1.69 -35.25
N LEU E 75 12.37 2.74 -34.44
CA LEU E 75 12.83 4.05 -34.84
C LEU E 75 14.19 4.35 -34.22
N GLY E 76 14.83 5.41 -34.71
CA GLY E 76 16.04 5.88 -34.05
C GLY E 76 15.76 6.60 -32.75
N TYR E 77 14.55 7.11 -32.58
CA TYR E 77 14.17 7.88 -31.39
C TYR E 77 15.02 9.14 -31.24
N PHE E 78 15.38 9.73 -32.37
CA PHE E 78 15.97 11.05 -32.35
C PHE E 78 14.98 12.05 -31.77
N PHE E 79 15.50 13.18 -31.27
CA PHE E 79 14.62 14.25 -30.83
C PHE E 79 13.58 14.55 -31.89
N ASP E 80 13.99 14.59 -33.15
CA ASP E 80 13.06 14.88 -34.23
C ASP E 80 11.90 13.88 -34.26
N ASP E 81 12.16 12.61 -33.95
CA ASP E 81 11.06 11.64 -33.93
C ASP E 81 10.07 11.98 -32.82
N HIS E 82 10.59 12.33 -31.65
CA HIS E 82 9.73 12.72 -30.55
C HIS E 82 8.91 13.96 -30.88
N VAL E 83 9.53 14.93 -31.58
CA VAL E 83 8.81 16.14 -31.98
C VAL E 83 7.64 15.76 -32.87
N ARG E 84 7.90 14.91 -33.85
CA ARG E 84 6.85 14.55 -34.80
C ARG E 84 5.69 13.87 -34.09
N PHE E 85 5.99 12.93 -33.19
CA PHE E 85 4.92 12.22 -32.51
C PHE E 85 4.18 13.12 -31.52
N MET E 86 4.89 14.00 -30.82
CA MET E 86 4.21 14.89 -29.88
C MET E 86 3.36 15.93 -30.59
N ASP E 87 3.86 16.49 -31.71
CA ASP E 87 3.02 17.39 -32.49
C ASP E 87 1.71 16.70 -32.88
N ALA E 88 1.80 15.44 -33.29
CA ALA E 88 0.63 14.71 -33.73
C ALA E 88 -0.27 14.34 -32.55
N PHE E 89 0.32 14.02 -31.39
CA PHE E 89 -0.47 13.70 -30.20
C PHE E 89 -1.35 14.88 -29.81
N ILE E 90 -0.76 16.07 -29.77
CA ILE E 90 -1.48 17.26 -29.36
C ILE E 90 -2.67 17.53 -30.28
N GLU E 91 -2.47 17.41 -31.59
CA GLU E 91 -3.59 17.65 -32.51
C GLU E 91 -4.59 16.51 -32.50
N ALA E 92 -4.14 15.27 -32.26
CA ALA E 92 -5.05 14.13 -32.27
C ALA E 92 -6.07 14.23 -31.12
N LEU E 93 -5.70 14.88 -30.03
CA LEU E 93 -6.61 15.11 -28.91
C LEU E 93 -7.42 16.38 -29.08
N GLY E 94 -7.21 17.13 -30.16
CA GLY E 94 -8.01 18.32 -30.38
C GLY E 94 -7.69 19.43 -29.42
N LEU E 95 -6.50 19.43 -28.83
CA LEU E 95 -6.13 20.49 -27.92
C LEU E 95 -5.99 21.80 -28.68
N GLU E 96 -6.54 22.86 -28.11
CA GLU E 96 -6.39 24.19 -28.69
C GLU E 96 -5.36 24.95 -27.89
N GLU E 97 -5.77 25.65 -26.83
CA GLU E 97 -4.83 26.25 -25.91
C GLU E 97 -4.47 25.25 -24.83
N VAL E 98 -3.24 25.37 -24.30
CA VAL E 98 -2.75 24.45 -23.27
C VAL E 98 -1.89 25.20 -22.26
N VAL E 99 -1.73 24.59 -21.09
CA VAL E 99 -0.68 24.94 -20.15
C VAL E 99 0.28 23.77 -20.14
N LEU E 100 1.58 24.05 -20.19
CA LEU E 100 2.61 23.01 -20.24
C LEU E 100 3.25 22.84 -18.88
N VAL E 101 3.47 21.58 -18.47
CA VAL E 101 4.29 21.23 -17.31
C VAL E 101 5.33 20.23 -17.79
N ILE E 102 6.60 20.63 -17.81
CA ILE E 102 7.58 19.91 -18.61
C ILE E 102 8.88 19.69 -17.85
N HIS E 103 9.56 18.60 -18.19
CA HIS E 103 10.77 18.19 -17.47
C HIS E 103 11.74 17.50 -18.42
N ASP E 104 13.03 17.79 -18.28
CA ASP E 104 14.07 17.03 -19.01
C ASP E 104 13.74 17.05 -20.50
N TRP E 105 13.75 15.91 -21.21
CA TRP E 105 13.48 15.96 -22.64
C TRP E 105 12.06 16.39 -22.96
N GLY E 106 11.12 16.20 -22.03
CA GLY E 106 9.79 16.78 -22.18
C GLY E 106 9.82 18.29 -22.26
N SER E 107 10.79 18.92 -21.59
CA SER E 107 10.91 20.37 -21.68
C SER E 107 11.43 20.81 -23.03
N ALA E 108 12.35 20.05 -23.64
CA ALA E 108 12.75 20.40 -25.00
C ALA E 108 11.56 20.30 -25.95
N LEU E 109 10.77 19.23 -25.80
CA LEU E 109 9.55 19.12 -26.61
C LEU E 109 8.61 20.29 -26.34
N GLY E 110 8.40 20.63 -25.06
CA GLY E 110 7.43 21.67 -24.74
C GLY E 110 7.86 23.04 -25.20
N PHE E 111 9.13 23.39 -24.96
CA PHE E 111 9.62 24.71 -25.38
C PHE E 111 9.66 24.83 -26.89
N HIS E 112 10.06 23.75 -27.58
CA HIS E 112 10.10 23.78 -29.04
C HIS E 112 8.69 23.89 -29.62
N TRP E 113 7.72 23.19 -29.01
CA TRP E 113 6.34 23.35 -29.46
C TRP E 113 5.81 24.75 -29.18
N ALA E 114 6.12 25.29 -27.99
CA ALA E 114 5.66 26.63 -27.63
C ALA E 114 6.24 27.68 -28.58
N LYS E 115 7.51 27.55 -28.95
CA LYS E 115 8.13 28.52 -29.86
C LYS E 115 7.40 28.55 -31.19
N ARG E 116 6.94 27.39 -31.65
CA ARG E 116 6.28 27.26 -32.94
C ARG E 116 4.79 27.48 -32.87
N ASN E 117 4.21 27.42 -31.67
CA ASN E 117 2.77 27.59 -31.47
C ASN E 117 2.51 28.54 -30.31
N PRO E 118 3.13 29.74 -30.33
CA PRO E 118 3.12 30.58 -29.10
C PRO E 118 1.76 31.09 -28.73
N GLU E 119 0.87 31.28 -29.71
CA GLU E 119 -0.48 31.75 -29.41
CA GLU E 119 -0.50 31.72 -29.45
C GLU E 119 -1.29 30.71 -28.63
N ARG E 120 -0.87 29.45 -28.59
CA ARG E 120 -1.63 28.39 -27.95
C ARG E 120 -1.16 28.04 -26.55
N VAL E 121 -0.11 28.68 -26.05
CA VAL E 121 0.48 28.35 -24.75
C VAL E 121 0.07 29.43 -23.74
N LYS E 122 -0.63 29.02 -22.69
CA LYS E 122 -1.10 29.96 -21.68
C LYS E 122 -0.19 30.02 -20.46
N GLY E 123 0.78 29.12 -20.38
CA GLY E 123 1.76 29.14 -19.32
C GLY E 123 2.65 27.94 -19.45
N ILE E 124 3.84 28.05 -18.87
CA ILE E 124 4.81 26.96 -18.89
C ILE E 124 5.40 26.81 -17.49
N ALA E 125 5.17 25.67 -16.87
CA ALA E 125 5.86 25.26 -15.65
C ALA E 125 6.94 24.25 -16.04
N PHE E 126 8.16 24.49 -15.58
CA PHE E 126 9.28 23.70 -16.06
C PHE E 126 10.27 23.46 -14.93
N MET E 127 11.08 22.41 -15.11
CA MET E 127 12.02 21.98 -14.07
C MET E 127 13.07 21.11 -14.75
N GLU E 128 14.32 21.25 -14.31
CA GLU E 128 15.42 20.38 -14.76
C GLU E 128 15.34 20.17 -16.27
N PHE E 129 15.44 21.29 -16.98
CA PHE E 129 15.05 21.41 -18.38
C PHE E 129 16.29 21.43 -19.28
N ILE E 130 16.08 21.16 -20.55
CA ILE E 130 17.18 21.09 -21.52
C ILE E 130 17.57 22.50 -21.91
N ARG E 131 18.81 22.87 -21.61
CA ARG E 131 19.45 24.10 -22.04
C ARG E 131 20.82 23.71 -22.61
N PRO E 132 21.44 24.56 -23.42
CA PRO E 132 22.78 24.22 -23.91
C PRO E 132 23.75 24.17 -22.73
N ILE E 133 24.48 23.06 -22.62
CA ILE E 133 25.55 22.93 -21.64
C ILE E 133 26.83 23.39 -22.32
N PRO E 134 27.41 24.52 -21.94
CA PRO E 134 28.47 25.11 -22.79
C PRO E 134 29.70 24.25 -22.94
N THR E 135 30.22 23.68 -21.85
CA THR E 135 31.36 22.78 -21.89
C THR E 135 31.08 21.61 -20.96
N TRP E 136 31.92 20.57 -21.06
CA TRP E 136 31.77 19.43 -20.15
C TRP E 136 31.98 19.81 -18.68
N ASP E 137 32.65 20.92 -18.39
CA ASP E 137 32.81 21.36 -17.01
CA ASP E 137 32.81 21.34 -17.01
C ASP E 137 31.50 21.81 -16.39
N GLU E 138 30.50 22.13 -17.21
CA GLU E 138 29.18 22.52 -16.70
C GLU E 138 28.24 21.34 -16.58
N TRP E 139 28.70 20.15 -16.94
CA TRP E 139 28.00 18.94 -16.53
C TRP E 139 28.49 18.53 -15.15
N PRO E 140 27.60 18.13 -14.24
CA PRO E 140 28.03 17.79 -12.87
C PRO E 140 29.16 16.76 -12.87
N GLU E 141 30.21 17.08 -12.12
CA GLU E 141 31.40 16.23 -12.12
C GLU E 141 31.06 14.79 -11.74
N PHE E 142 30.11 14.59 -10.83
CA PHE E 142 29.83 13.24 -10.36
C PHE E 142 29.25 12.35 -11.44
N ALA E 143 28.73 12.94 -12.51
CA ALA E 143 28.07 12.19 -13.59
C ALA E 143 28.78 12.35 -14.93
N ARG E 144 29.92 13.03 -14.95
CA ARG E 144 30.53 13.44 -16.21
C ARG E 144 31.11 12.27 -16.97
N GLU E 145 31.92 11.44 -16.32
CA GLU E 145 32.56 10.33 -17.01
C GLU E 145 31.54 9.41 -17.65
N THR E 146 30.45 9.10 -16.93
CA THR E 146 29.47 8.16 -17.46
C THR E 146 28.70 8.77 -18.63
N PHE E 147 28.26 10.03 -18.51
CA PHE E 147 27.57 10.64 -19.65
C PHE E 147 28.46 10.76 -20.87
N GLN E 148 29.77 10.97 -20.68
CA GLN E 148 30.68 10.95 -21.81
C GLN E 148 30.75 9.56 -22.46
N ALA E 149 30.81 8.51 -21.64
CA ALA E 149 30.80 7.14 -22.17
C ALA E 149 29.47 6.80 -22.84
N PHE E 150 28.36 7.35 -22.34
CA PHE E 150 27.06 7.08 -22.96
C PHE E 150 27.05 7.54 -24.41
N ARG E 151 27.80 8.59 -24.73
CA ARG E 151 27.76 9.23 -26.04
C ARG E 151 28.73 8.58 -27.03
N THR E 152 28.69 7.25 -27.08
CA THR E 152 29.45 6.43 -28.01
C THR E 152 28.57 5.26 -28.42
N THR E 153 28.83 4.69 -29.59
CA THR E 153 28.05 3.54 -30.03
C THR E 153 28.60 2.21 -29.51
N ASP E 154 29.78 2.21 -28.88
CA ASP E 154 30.32 0.96 -28.34
C ASP E 154 30.00 0.84 -26.85
N VAL E 155 30.78 1.52 -26.01
CA VAL E 155 30.54 1.48 -24.57
C VAL E 155 29.16 2.01 -24.21
N GLY E 156 28.72 3.09 -24.86
CA GLY E 156 27.45 3.70 -24.48
C GLY E 156 26.27 2.78 -24.70
N ARG E 157 26.27 2.04 -25.81
CA ARG E 157 25.19 1.09 -26.07
C ARG E 157 25.29 -0.13 -25.16
N LYS E 158 26.51 -0.60 -24.88
CA LYS E 158 26.68 -1.67 -23.90
C LYS E 158 26.06 -1.26 -22.57
N LEU E 159 26.38 -0.05 -22.10
CA LEU E 159 25.88 0.42 -20.81
C LEU E 159 24.37 0.55 -20.80
N ILE E 160 23.81 1.29 -21.75
CA ILE E 160 22.40 1.66 -21.66
C ILE E 160 21.50 0.55 -22.19
N ILE E 161 21.85 -0.06 -23.33
CA ILE E 161 20.99 -1.05 -23.94
C ILE E 161 21.24 -2.44 -23.35
N ASP E 162 22.49 -2.88 -23.31
CA ASP E 162 22.71 -4.26 -22.87
C ASP E 162 22.59 -4.39 -21.36
N TRP E 163 23.11 -3.42 -20.62
CA TRP E 163 23.23 -3.54 -19.18
CA TRP E 163 23.23 -3.53 -19.17
C TRP E 163 22.19 -2.70 -18.42
N ASN E 164 21.38 -1.92 -19.13
CA ASN E 164 20.28 -1.14 -18.54
C ASN E 164 20.76 -0.12 -17.50
N VAL E 165 21.92 0.48 -17.75
CA VAL E 165 22.51 1.37 -16.75
C VAL E 165 21.69 2.65 -16.56
N PHE E 166 21.01 3.16 -17.59
CA PHE E 166 20.26 4.38 -17.37
C PHE E 166 19.12 4.17 -16.39
N ILE E 167 18.51 2.99 -16.40
CA ILE E 167 17.44 2.66 -15.45
C ILE E 167 18.03 2.26 -14.10
N GLU E 168 19.03 1.38 -14.09
CA GLU E 168 19.47 0.81 -12.82
C GLU E 168 20.46 1.71 -12.07
N GLY E 169 21.18 2.56 -12.79
CA GLY E 169 22.16 3.43 -12.16
C GLY E 169 21.83 4.90 -12.26
N THR E 170 21.63 5.41 -13.49
CA THR E 170 21.50 6.85 -13.68
C THR E 170 20.22 7.37 -13.03
N LEU E 171 19.11 6.66 -13.24
CA LEU E 171 17.82 7.04 -12.64
C LEU E 171 17.88 7.20 -11.13
N PRO E 172 18.31 6.20 -10.35
CA PRO E 172 18.46 6.43 -8.90
C PRO E 172 19.42 7.56 -8.56
N MET E 173 20.48 7.75 -9.37
CA MET E 173 21.41 8.84 -9.13
C MET E 173 20.85 10.19 -9.51
N GLY E 174 19.64 10.24 -10.07
CA GLY E 174 18.93 11.48 -10.32
C GLY E 174 17.88 11.82 -9.29
N VAL E 175 17.81 11.06 -8.19
CA VAL E 175 16.86 11.26 -7.10
C VAL E 175 17.64 11.29 -5.79
N VAL E 176 17.36 12.27 -4.92
CA VAL E 176 18.06 12.34 -3.64
C VAL E 176 17.60 11.23 -2.71
N ARG E 177 16.29 11.12 -2.51
CA ARG E 177 15.75 10.09 -1.64
C ARG E 177 15.85 8.72 -2.29
N PRO E 178 15.83 7.65 -1.51
CA PRO E 178 15.91 6.33 -2.11
C PRO E 178 14.58 5.92 -2.75
N LEU E 179 14.67 5.36 -3.95
CA LEU E 179 13.49 4.81 -4.61
C LEU E 179 13.20 3.42 -4.07
N THR E 180 11.91 3.07 -4.00
CA THR E 180 11.51 1.75 -3.53
C THR E 180 11.56 0.75 -4.67
N GLU E 181 11.50 -0.54 -4.32
CA GLU E 181 11.49 -1.57 -5.35
C GLU E 181 10.26 -1.46 -6.24
N VAL E 182 9.11 -1.12 -5.66
CA VAL E 182 7.90 -0.94 -6.45
C VAL E 182 8.08 0.18 -7.47
N GLU E 183 8.68 1.29 -7.04
CA GLU E 183 8.92 2.41 -7.96
C GLU E 183 9.90 2.01 -9.06
N MET E 184 10.98 1.32 -8.69
CA MET E 184 11.93 0.85 -9.69
C MET E 184 11.25 -0.06 -10.70
N ASP E 185 10.37 -0.95 -10.22
CA ASP E 185 9.69 -1.85 -11.15
C ASP E 185 8.79 -1.09 -12.11
N HIS E 186 8.15 -0.01 -11.66
CA HIS E 186 7.36 0.82 -12.57
C HIS E 186 8.23 1.45 -13.64
N TYR E 187 9.43 1.89 -13.28
CA TYR E 187 10.34 2.47 -14.25
C TYR E 187 10.98 1.40 -15.15
N ARG E 188 11.17 0.19 -14.63
CA ARG E 188 11.75 -0.89 -15.44
C ARG E 188 10.77 -1.43 -16.46
N GLU E 189 9.47 -1.43 -16.15
CA GLU E 189 8.50 -2.21 -16.91
C GLU E 189 8.52 -1.95 -18.41
N PRO E 190 8.66 -0.71 -18.90
CA PRO E 190 8.63 -0.50 -20.36
C PRO E 190 9.83 -1.08 -21.09
N PHE E 191 10.89 -1.43 -20.36
CA PHE E 191 12.19 -1.71 -20.98
C PHE E 191 12.71 -3.10 -20.62
N LEU E 192 11.80 -4.03 -20.31
CA LEU E 192 12.21 -5.39 -20.01
C LEU E 192 12.94 -6.03 -21.18
N ASN E 193 12.56 -5.68 -22.41
CA ASN E 193 13.24 -6.19 -23.60
C ASN E 193 14.37 -5.24 -23.98
N PRO E 194 15.63 -5.66 -23.94
CA PRO E 194 16.74 -4.73 -24.23
C PRO E 194 16.60 -3.94 -25.53
N VAL E 195 16.11 -4.54 -26.62
CA VAL E 195 16.01 -3.82 -27.88
C VAL E 195 15.15 -2.56 -27.74
N ASP E 196 14.18 -2.58 -26.81
CA ASP E 196 13.29 -1.44 -26.59
C ASP E 196 13.96 -0.28 -25.85
N ARG E 197 15.24 -0.39 -25.51
CA ARG E 197 15.94 0.65 -24.79
C ARG E 197 16.56 1.70 -25.71
N GLU E 198 16.33 1.61 -27.02
CA GLU E 198 16.88 2.59 -27.95
C GLU E 198 16.65 4.04 -27.51
N PRO E 199 15.46 4.47 -27.10
CA PRO E 199 15.31 5.89 -26.72
C PRO E 199 16.16 6.28 -25.53
N LEU E 200 16.46 5.33 -24.63
CA LEU E 200 17.25 5.63 -23.44
C LEU E 200 18.70 5.96 -23.80
N TRP E 201 19.18 5.40 -24.91
CA TRP E 201 20.52 5.67 -25.41
C TRP E 201 20.53 6.88 -26.36
N ARG E 202 19.54 7.02 -27.22
CA ARG E 202 19.58 8.14 -28.15
C ARG E 202 19.44 9.48 -27.42
N PHE E 203 18.63 9.51 -26.35
CA PHE E 203 18.42 10.77 -25.62
C PHE E 203 19.72 11.39 -25.12
N PRO E 204 20.59 10.68 -24.36
CA PRO E 204 21.82 11.34 -23.91
C PRO E 204 22.73 11.69 -25.07
N ASN E 205 22.61 10.97 -26.19
CA ASN E 205 23.37 11.31 -27.39
C ASN E 205 22.83 12.56 -28.10
N GLU E 206 21.64 13.01 -27.75
CA GLU E 206 21.08 14.25 -28.27
C GLU E 206 21.33 15.44 -27.36
N LEU E 207 21.79 15.22 -26.14
CA LEU E 207 21.93 16.32 -25.19
C LEU E 207 22.87 17.37 -25.77
N PRO E 208 22.49 18.65 -25.73
CA PRO E 208 23.36 19.69 -26.31
C PRO E 208 24.50 20.06 -25.38
N ILE E 209 25.64 19.38 -25.50
CA ILE E 209 26.76 19.54 -24.59
C ILE E 209 27.99 19.87 -25.42
N ALA E 210 28.65 20.98 -25.07
CA ALA E 210 29.91 21.36 -25.73
C ALA E 210 29.78 21.42 -27.24
N GLY E 211 28.64 21.92 -27.72
CA GLY E 211 28.42 22.13 -29.13
C GLY E 211 27.94 20.93 -29.94
N GLU E 212 27.73 19.77 -29.30
CA GLU E 212 27.35 18.56 -30.01
C GLU E 212 26.07 17.99 -29.40
N PRO E 213 25.12 17.51 -30.23
CA PRO E 213 25.06 17.62 -31.69
C PRO E 213 24.72 19.04 -32.11
N ALA E 214 25.34 19.54 -33.16
CA ALA E 214 25.19 20.93 -33.52
C ALA E 214 23.74 21.30 -33.81
N ASN E 215 22.98 20.40 -34.43
CA ASN E 215 21.59 20.72 -34.77
C ASN E 215 20.74 20.85 -33.52
N ILE E 216 20.99 20.02 -32.49
CA ILE E 216 20.22 20.14 -31.26
C ILE E 216 20.61 21.42 -30.51
N VAL E 217 21.91 21.73 -30.45
CA VAL E 217 22.33 22.98 -29.82
C VAL E 217 21.61 24.16 -30.45
N ALA E 218 21.55 24.18 -31.78
CA ALA E 218 20.90 25.30 -32.47
C ALA E 218 19.41 25.38 -32.14
N LEU E 219 18.72 24.24 -32.14
CA LEU E 219 17.30 24.22 -31.83
C LEU E 219 17.04 24.70 -30.40
N VAL E 220 17.87 24.26 -29.45
CA VAL E 220 17.66 24.64 -28.06
C VAL E 220 17.96 26.12 -27.86
N GLU E 221 19.03 26.62 -28.51
CA GLU E 221 19.31 28.05 -28.48
C GLU E 221 18.13 28.86 -29.00
N GLU E 222 17.47 28.36 -30.05
CA GLU E 222 16.34 29.10 -30.61
C GLU E 222 15.21 29.19 -29.61
N TYR E 223 14.89 28.10 -28.92
CA TYR E 223 13.76 28.22 -28.01
C TYR E 223 14.12 28.96 -26.73
N MET E 224 15.40 28.94 -26.32
CA MET E 224 15.79 29.77 -25.18
C MET E 224 15.73 31.26 -25.52
N ASP E 225 16.15 31.62 -26.74
CA ASP E 225 16.01 33.02 -27.18
C ASP E 225 14.54 33.42 -27.21
N TRP E 226 13.68 32.53 -27.70
CA TRP E 226 12.24 32.82 -27.70
C TRP E 226 11.72 33.02 -26.28
N LEU E 227 12.08 32.12 -25.37
CA LEU E 227 11.63 32.22 -23.98
C LEU E 227 12.00 33.56 -23.37
N HIS E 228 13.24 34.02 -23.63
CA HIS E 228 13.75 35.25 -23.04
C HIS E 228 13.00 36.50 -23.48
N GLN E 229 12.26 36.44 -24.60
CA GLN E 229 11.52 37.60 -25.07
C GLN E 229 10.01 37.39 -25.12
N SER E 230 9.49 36.31 -24.52
CA SER E 230 8.07 35.98 -24.57
C SER E 230 7.37 36.39 -23.28
N PRO E 231 6.15 36.93 -23.38
CA PRO E 231 5.38 37.27 -22.17
C PRO E 231 4.71 36.09 -21.50
N VAL E 232 4.87 34.87 -22.00
CA VAL E 232 4.14 33.72 -21.47
C VAL E 232 4.41 33.59 -19.98
N PRO E 233 3.40 33.30 -19.14
CA PRO E 233 3.68 33.04 -17.73
C PRO E 233 4.58 31.82 -17.56
N LYS E 234 5.56 31.94 -16.65
CA LYS E 234 6.58 30.92 -16.45
C LYS E 234 6.72 30.60 -14.97
N LEU E 235 6.87 29.31 -14.66
CA LEU E 235 7.06 28.82 -13.29
C LEU E 235 8.19 27.82 -13.34
N LEU E 236 9.31 28.13 -12.69
CA LEU E 236 10.51 27.31 -12.70
C LEU E 236 10.74 26.69 -11.33
N PHE E 237 10.77 25.36 -11.28
CA PHE E 237 11.12 24.65 -10.06
C PHE E 237 12.55 24.19 -10.14
N TRP E 238 13.27 24.27 -9.01
CA TRP E 238 14.67 23.88 -9.00
C TRP E 238 15.00 23.30 -7.64
N GLY E 239 16.07 22.51 -7.59
CA GLY E 239 16.56 21.96 -6.35
C GLY E 239 18.07 22.09 -6.22
N THR E 240 18.56 21.65 -5.06
CA THR E 240 19.99 21.71 -4.80
C THR E 240 20.52 20.29 -4.65
N PRO E 241 21.57 19.91 -5.41
CA PRO E 241 22.38 20.72 -6.32
C PRO E 241 21.87 20.77 -7.77
N GLY E 242 20.80 20.03 -8.06
CA GLY E 242 20.34 19.89 -9.44
C GLY E 242 21.31 19.08 -10.27
N VAL E 243 20.99 18.98 -11.57
CA VAL E 243 21.81 18.27 -12.54
C VAL E 243 21.92 19.13 -13.80
N LEU E 244 20.80 19.28 -14.53
CA LEU E 244 20.81 20.16 -15.69
C LEU E 244 20.85 21.65 -15.32
N ILE E 245 20.25 22.02 -14.19
CA ILE E 245 20.05 23.42 -13.79
C ILE E 245 20.67 23.61 -12.41
N PRO E 246 21.84 24.22 -12.31
CA PRO E 246 22.38 24.54 -10.99
C PRO E 246 21.58 25.67 -10.35
N PRO E 247 21.57 25.76 -9.01
CA PRO E 247 20.78 26.80 -8.34
C PRO E 247 21.02 28.22 -8.85
N ALA E 248 22.26 28.57 -9.18
CA ALA E 248 22.51 29.95 -9.62
C ALA E 248 21.91 30.23 -10.98
N GLU E 249 21.84 29.22 -11.85
CA GLU E 249 21.17 29.40 -13.13
C GLU E 249 19.67 29.60 -12.93
N ALA E 250 19.06 28.81 -12.03
CA ALA E 250 17.65 29.02 -11.73
C ALA E 250 17.41 30.43 -11.22
N ALA E 251 18.31 30.96 -10.38
CA ALA E 251 18.17 32.34 -9.90
C ALA E 251 18.34 33.33 -11.04
N ARG E 252 19.30 33.08 -11.94
CA ARG E 252 19.52 33.98 -13.06
C ARG E 252 18.31 34.04 -13.97
N LEU E 253 17.72 32.88 -14.27
CA LEU E 253 16.56 32.81 -15.16
C LEU E 253 15.31 33.40 -14.52
N ALA E 254 15.16 33.26 -13.20
CA ALA E 254 13.99 33.84 -12.54
C ALA E 254 13.91 35.34 -12.76
N LYS E 255 15.05 36.01 -12.92
CA LYS E 255 15.06 37.44 -13.20
C LYS E 255 15.25 37.78 -14.68
N SER E 256 15.91 36.93 -15.47
CA SER E 256 16.12 37.27 -16.87
C SER E 256 14.92 36.94 -17.75
N LEU E 257 14.17 35.88 -17.40
CA LEU E 257 12.99 35.53 -18.19
C LEU E 257 11.81 36.42 -17.79
N PRO E 258 11.06 36.94 -18.77
CA PRO E 258 9.87 37.72 -18.43
C PRO E 258 8.84 36.86 -17.72
N ASN E 259 8.12 37.47 -16.77
CA ASN E 259 6.91 36.86 -16.20
C ASN E 259 7.21 35.50 -15.59
N CYS E 260 8.31 35.40 -14.84
CA CYS E 260 8.82 34.13 -14.34
C CYS E 260 8.93 34.13 -12.82
N LYS E 261 8.30 33.13 -12.20
CA LYS E 261 8.44 32.86 -10.77
C LYS E 261 9.24 31.58 -10.60
N ALA E 262 10.11 31.55 -9.58
CA ALA E 262 10.94 30.39 -9.32
C ALA E 262 10.64 29.85 -7.92
N VAL E 263 10.60 28.52 -7.81
CA VAL E 263 10.29 27.83 -6.56
C VAL E 263 11.42 26.85 -6.25
N ASP E 264 12.01 27.00 -5.07
CA ASP E 264 13.03 26.11 -4.53
C ASP E 264 12.34 24.91 -3.89
N ILE E 265 12.61 23.70 -4.40
CA ILE E 265 11.97 22.51 -3.85
C ILE E 265 12.77 21.86 -2.74
N GLY E 266 13.94 22.39 -2.40
CA GLY E 266 14.82 21.76 -1.44
C GLY E 266 15.83 20.86 -2.13
N PRO E 267 16.26 19.79 -1.45
CA PRO E 267 17.19 18.85 -2.09
C PRO E 267 16.61 18.27 -3.37
N GLY E 268 17.41 18.23 -4.42
CA GLY E 268 16.95 17.71 -5.68
C GLY E 268 18.10 17.52 -6.65
N LEU E 269 17.99 16.51 -7.52
CA LEU E 269 18.98 16.26 -8.55
C LEU E 269 18.30 16.47 -9.90
N ASN E 270 17.85 15.43 -10.58
CA ASN E 270 17.14 15.62 -11.84
C ASN E 270 15.64 15.38 -11.73
N LEU E 271 15.22 14.27 -11.13
CA LEU E 271 13.79 13.95 -11.02
C LEU E 271 13.21 14.64 -9.79
N LEU E 272 13.07 15.96 -9.91
CA LEU E 272 12.57 16.74 -8.78
C LEU E 272 11.22 16.25 -8.31
N GLN E 273 10.40 15.73 -9.24
CA GLN E 273 9.10 15.16 -8.92
C GLN E 273 9.19 14.06 -7.87
N GLU E 274 10.31 13.33 -7.81
CA GLU E 274 10.45 12.24 -6.86
C GLU E 274 10.90 12.70 -5.50
N ASP E 275 11.46 13.90 -5.38
CA ASP E 275 11.92 14.42 -4.10
C ASP E 275 10.91 15.31 -3.40
N ASN E 276 10.07 16.06 -4.13
CA ASN E 276 9.08 16.93 -3.48
C ASN E 276 7.87 17.06 -4.38
N PRO E 277 7.14 15.96 -4.59
CA PRO E 277 5.92 16.05 -5.41
C PRO E 277 4.86 16.97 -4.84
N ASP E 278 4.67 16.99 -3.52
CA ASP E 278 3.56 17.76 -2.97
C ASP E 278 3.79 19.26 -3.13
N LEU E 279 5.03 19.73 -2.97
CA LEU E 279 5.28 21.15 -3.21
C LEU E 279 5.10 21.51 -4.69
N ILE E 280 5.63 20.67 -5.59
CA ILE E 280 5.48 20.95 -7.01
C ILE E 280 4.01 20.96 -7.41
N GLY E 281 3.25 19.94 -6.98
CA GLY E 281 1.84 19.89 -7.34
C GLY E 281 1.05 21.05 -6.77
N SER E 282 1.23 21.35 -5.48
CA SER E 282 0.45 22.42 -4.88
C SER E 282 0.82 23.78 -5.46
N GLU E 283 2.10 23.99 -5.77
CA GLU E 283 2.49 25.27 -6.37
C GLU E 283 1.94 25.41 -7.78
N ILE E 284 1.94 24.34 -8.57
CA ILE E 284 1.32 24.40 -9.90
C ILE E 284 -0.15 24.76 -9.77
N ALA E 285 -0.86 24.10 -8.84
CA ALA E 285 -2.29 24.36 -8.68
C ALA E 285 -2.57 25.83 -8.34
N ARG E 286 -1.77 26.40 -7.42
CA ARG E 286 -1.95 27.82 -7.08
C ARG E 286 -1.61 28.71 -8.27
N TRP E 287 -0.54 28.38 -8.98
CA TRP E 287 -0.13 29.19 -10.13
C TRP E 287 -1.16 29.15 -11.25
N LEU E 288 -1.82 28.00 -11.44
CA LEU E 288 -2.82 27.91 -12.51
C LEU E 288 -3.99 28.86 -12.28
N SER E 289 -4.35 29.09 -11.02
CA SER E 289 -5.46 29.98 -10.71
C SER E 289 -5.16 31.43 -11.05
N THR E 290 -3.90 31.77 -11.36
CA THR E 290 -3.49 33.10 -11.76
C THR E 290 -3.47 33.30 -13.28
N LEU E 291 -3.68 32.25 -14.06
CA LEU E 291 -3.56 32.36 -15.51
C LEU E 291 -4.93 32.65 -16.13
N GLU E 292 -4.90 33.26 -17.31
CA GLU E 292 -6.14 33.53 -18.04
C GLU E 292 -6.58 32.27 -18.78
N ILE E 293 -7.08 31.31 -18.00
CA ILE E 293 -7.48 30.03 -18.54
C ILE E 293 -8.90 29.66 -18.10
N GLY F 1 -27.82 19.92 28.30
CA GLY F 1 -28.56 21.15 28.03
C GLY F 1 -28.90 21.35 26.57
N ILE F 2 -27.89 21.22 25.71
CA ILE F 2 -28.08 21.43 24.27
C ILE F 2 -28.79 20.20 23.70
N GLY F 3 -29.92 20.43 23.04
CA GLY F 3 -30.74 19.31 22.58
C GLY F 3 -30.06 18.47 21.51
N THR F 4 -30.27 17.16 21.59
CA THR F 4 -29.70 16.24 20.61
C THR F 4 -30.72 15.67 19.64
N GLY F 5 -32.03 15.89 19.87
CA GLY F 5 -33.05 15.28 19.05
C GLY F 5 -33.35 16.09 17.80
N PHE F 6 -34.02 15.43 16.86
CA PHE F 6 -34.44 16.04 15.59
C PHE F 6 -35.91 15.71 15.41
N PRO F 7 -36.80 16.48 16.03
CA PRO F 7 -38.22 16.10 16.12
C PRO F 7 -39.04 16.48 14.89
N PHE F 8 -38.44 17.08 13.87
CA PHE F 8 -39.19 17.71 12.79
C PHE F 8 -39.79 16.68 11.83
N ASP F 9 -41.06 16.90 11.49
CA ASP F 9 -41.73 16.05 10.51
C ASP F 9 -41.07 16.25 9.15
N PRO F 10 -40.79 15.17 8.41
CA PRO F 10 -40.13 15.33 7.12
C PRO F 10 -41.06 15.88 6.06
N HIS F 11 -40.53 16.77 5.24
CA HIS F 11 -41.19 17.26 4.04
C HIS F 11 -40.25 17.05 2.87
N TYR F 12 -40.79 16.76 1.71
CA TYR F 12 -39.96 16.56 0.52
C TYR F 12 -40.60 17.30 -0.64
N VAL F 13 -39.76 17.81 -1.52
CA VAL F 13 -40.20 18.39 -2.79
C VAL F 13 -39.27 17.89 -3.88
N GLU F 14 -39.83 17.64 -5.07
CA GLU F 14 -39.04 17.14 -6.19
C GLU F 14 -38.52 18.33 -6.99
N VAL F 15 -37.21 18.43 -7.16
CA VAL F 15 -36.62 19.42 -8.04
C VAL F 15 -35.55 18.76 -8.89
N LEU F 16 -35.51 19.12 -10.17
CA LEU F 16 -34.54 18.56 -11.11
C LEU F 16 -34.56 17.03 -11.08
N GLY F 17 -35.73 16.46 -10.82
CA GLY F 17 -35.93 15.03 -10.80
C GLY F 17 -35.51 14.34 -9.52
N GLU F 18 -35.09 15.08 -8.49
CA GLU F 18 -34.61 14.50 -7.26
C GLU F 18 -35.39 15.09 -6.08
N ARG F 19 -35.52 14.30 -5.03
CA ARG F 19 -36.25 14.74 -3.84
C ARG F 19 -35.30 15.44 -2.88
N MET F 20 -35.71 16.62 -2.42
CA MET F 20 -34.99 17.34 -1.37
C MET F 20 -35.84 17.35 -0.12
N HIS F 21 -35.24 16.95 1.00
CA HIS F 21 -35.91 17.00 2.29
C HIS F 21 -35.80 18.39 2.88
N TYR F 22 -36.80 18.78 3.65
CA TYR F 22 -36.73 20.06 4.35
C TYR F 22 -37.59 20.05 5.60
N VAL F 23 -37.13 20.81 6.61
CA VAL F 23 -37.93 21.17 7.78
C VAL F 23 -38.84 22.32 7.40
N ASP F 24 -40.08 22.30 7.89
CA ASP F 24 -41.01 23.40 7.65
C ASP F 24 -41.90 23.52 8.87
N VAL F 25 -41.66 24.54 9.69
CA VAL F 25 -42.42 24.74 10.92
C VAL F 25 -42.78 26.22 11.05
N GLY F 26 -43.62 26.52 12.03
CA GLY F 26 -44.00 27.89 12.31
C GLY F 26 -45.21 28.34 11.52
N PRO F 27 -45.63 29.58 11.74
CA PRO F 27 -46.87 30.06 11.11
C PRO F 27 -46.76 30.10 9.60
N ARG F 28 -47.89 29.84 8.94
CA ARG F 28 -47.91 29.66 7.49
C ARG F 28 -47.77 30.97 6.74
N ASP F 29 -48.19 32.06 7.34
CA ASP F 29 -48.16 33.36 6.68
C ASP F 29 -46.93 34.14 7.13
N GLY F 30 -46.80 35.34 6.60
CA GLY F 30 -45.64 36.17 6.88
C GLY F 30 -44.48 35.81 5.99
N THR F 31 -43.39 36.49 6.22
CA THR F 31 -42.17 36.26 5.46
C THR F 31 -41.45 35.05 6.01
N PRO F 32 -41.12 34.06 5.19
CA PRO F 32 -40.45 32.87 5.71
C PRO F 32 -38.96 33.08 5.91
N VAL F 33 -38.41 32.29 6.82
CA VAL F 33 -37.00 32.33 7.17
C VAL F 33 -36.37 31.02 6.67
N LEU F 34 -35.40 31.16 5.78
CA LEU F 34 -34.78 30.04 5.07
C LEU F 34 -33.39 29.80 5.65
N PHE F 35 -33.20 28.62 6.26
CA PHE F 35 -31.96 28.24 6.96
C PHE F 35 -31.16 27.33 6.05
N LEU F 36 -29.91 27.71 5.74
CA LEU F 36 -29.06 26.94 4.82
C LEU F 36 -27.80 26.47 5.52
N HIS F 37 -27.64 25.15 5.65
CA HIS F 37 -26.47 24.53 6.25
C HIS F 37 -25.34 24.37 5.22
N GLY F 38 -24.19 23.91 5.71
CA GLY F 38 -23.02 23.69 4.90
C GLY F 38 -22.42 22.29 5.08
N ASN F 39 -21.12 22.22 4.96
CA ASN F 39 -20.37 20.96 4.99
C ASN F 39 -19.78 20.71 6.38
N PRO F 40 -19.93 19.50 6.98
CA PRO F 40 -20.61 18.30 6.50
C PRO F 40 -21.93 18.09 7.23
N THR F 41 -22.75 19.14 7.32
CA THR F 41 -23.89 19.10 8.21
C THR F 41 -25.17 18.85 7.40
N SER F 42 -26.30 19.21 7.98
CA SER F 42 -27.63 19.09 7.39
C SER F 42 -28.51 20.05 8.16
N SER F 43 -29.83 20.01 7.91
CA SER F 43 -30.77 20.76 8.73
C SER F 43 -30.64 20.43 10.21
N TYR F 44 -30.02 19.31 10.56
CA TYR F 44 -29.76 18.98 11.96
C TYR F 44 -29.02 20.10 12.69
N VAL F 45 -28.15 20.85 11.99
CA VAL F 45 -27.35 21.91 12.63
C VAL F 45 -28.23 23.05 13.12
N TRP F 46 -29.46 23.16 12.63
CA TRP F 46 -30.37 24.23 13.01
C TRP F 46 -31.38 23.80 14.06
N ARG F 47 -31.28 22.56 14.55
CA ARG F 47 -32.36 21.98 15.36
C ARG F 47 -32.63 22.76 16.64
N ASN F 48 -31.62 23.43 17.21
CA ASN F 48 -31.78 24.14 18.47
C ASN F 48 -31.92 25.64 18.27
N ILE F 49 -31.81 26.09 17.02
CA ILE F 49 -32.00 27.49 16.71
CA ILE F 49 -31.97 27.50 16.63
C ILE F 49 -33.40 27.78 16.24
N ILE F 50 -33.93 26.93 15.36
CA ILE F 50 -35.28 27.05 14.81
C ILE F 50 -36.32 27.24 15.92
N PRO F 51 -36.28 26.52 17.03
CA PRO F 51 -37.35 26.69 18.04
C PRO F 51 -37.43 28.08 18.66
N HIS F 52 -36.42 28.93 18.52
CA HIS F 52 -36.53 30.32 18.97
C HIS F 52 -37.23 31.21 17.97
N VAL F 53 -37.28 30.79 16.71
CA VAL F 53 -37.80 31.62 15.62
C VAL F 53 -39.19 31.16 15.22
N ALA F 54 -39.43 29.84 15.28
CA ALA F 54 -40.68 29.21 14.88
C ALA F 54 -41.94 29.71 15.61
N PRO F 55 -41.88 30.22 16.85
CA PRO F 55 -43.12 30.80 17.42
C PRO F 55 -43.73 31.89 16.55
N THR F 56 -42.89 32.71 15.92
CA THR F 56 -43.38 33.89 15.22
C THR F 56 -43.13 33.90 13.72
N HIS F 57 -42.33 33.00 13.19
CA HIS F 57 -42.03 33.00 11.75
C HIS F 57 -41.93 31.57 11.22
N ARG F 58 -42.37 31.42 9.97
CA ARG F 58 -42.16 30.17 9.24
C ARG F 58 -40.67 29.92 9.07
N CYS F 59 -40.24 28.71 9.41
CA CYS F 59 -38.84 28.31 9.28
C CYS F 59 -38.74 27.15 8.31
N ILE F 60 -37.95 27.33 7.25
CA ILE F 60 -37.73 26.32 6.22
C ILE F 60 -36.24 25.99 6.24
N ALA F 61 -35.92 24.71 6.38
CA ALA F 61 -34.52 24.29 6.46
C ALA F 61 -34.28 23.08 5.59
N PRO F 62 -33.85 23.29 4.34
CA PRO F 62 -33.60 22.16 3.43
C PRO F 62 -32.26 21.49 3.71
N ASP F 63 -32.21 20.21 3.36
CA ASP F 63 -30.94 19.50 3.26
C ASP F 63 -30.42 19.64 1.83
N LEU F 64 -29.17 20.08 1.70
CA LEU F 64 -28.59 20.21 0.37
C LEU F 64 -28.62 18.88 -0.36
N ILE F 65 -28.66 18.95 -1.69
CA ILE F 65 -28.68 17.71 -2.47
C ILE F 65 -27.47 16.86 -2.09
N GLY F 66 -27.69 15.54 -1.97
CA GLY F 66 -26.67 14.62 -1.53
C GLY F 66 -26.37 14.62 -0.04
N MET F 67 -27.12 15.39 0.75
CA MET F 67 -26.85 15.54 2.18
C MET F 67 -28.14 15.35 2.95
N GLY F 68 -28.00 15.14 4.26
CA GLY F 68 -29.16 14.96 5.11
C GLY F 68 -30.05 13.85 4.59
N LYS F 69 -31.36 14.11 4.55
CA LYS F 69 -32.32 13.16 4.02
C LYS F 69 -32.62 13.38 2.55
N SER F 70 -31.92 14.29 1.89
CA SER F 70 -32.19 14.53 0.48
C SER F 70 -31.63 13.38 -0.36
N ASP F 71 -32.13 13.29 -1.60
CA ASP F 71 -31.68 12.25 -2.52
C ASP F 71 -30.20 12.42 -2.85
N LYS F 72 -29.60 11.36 -3.38
CA LYS F 72 -28.17 11.31 -3.67
C LYS F 72 -27.94 10.97 -5.14
N PRO F 73 -28.23 11.90 -6.05
CA PRO F 73 -27.95 11.64 -7.47
C PRO F 73 -26.45 11.50 -7.74
N ASP F 74 -26.12 10.91 -8.88
CA ASP F 74 -24.73 10.71 -9.29
C ASP F 74 -24.22 12.00 -9.92
N LEU F 75 -23.76 12.92 -9.06
CA LEU F 75 -23.22 14.22 -9.46
C LEU F 75 -21.79 14.38 -8.99
N GLY F 76 -21.13 15.40 -9.55
CA GLY F 76 -19.86 15.82 -8.97
C GLY F 76 -20.02 16.62 -7.70
N TYR F 77 -21.20 17.16 -7.45
CA TYR F 77 -21.48 17.95 -6.25
C TYR F 77 -20.61 19.20 -6.18
N PHE F 78 -20.37 19.80 -7.34
CA PHE F 78 -19.74 21.10 -7.39
C PHE F 78 -20.67 22.15 -6.80
N PHE F 79 -20.09 23.27 -6.38
CA PHE F 79 -20.93 24.38 -5.93
C PHE F 79 -22.02 24.71 -6.96
N ASP F 80 -21.68 24.66 -8.26
CA ASP F 80 -22.67 24.92 -9.30
C ASP F 80 -23.85 23.95 -9.24
N ASP F 81 -23.60 22.67 -8.92
CA ASP F 81 -24.71 21.74 -8.74
C ASP F 81 -25.61 22.19 -7.59
N HIS F 82 -25.01 22.56 -6.47
CA HIS F 82 -25.79 23.00 -5.33
C HIS F 82 -26.58 24.28 -5.64
N VAL F 83 -25.99 25.18 -6.43
CA VAL F 83 -26.70 26.38 -6.85
C VAL F 83 -27.96 26.02 -7.63
N ARG F 84 -27.84 25.12 -8.60
CA ARG F 84 -29.00 24.72 -9.38
C ARG F 84 -30.09 24.13 -8.50
N PHE F 85 -29.71 23.23 -7.59
CA PHE F 85 -30.72 22.57 -6.76
C PHE F 85 -31.37 23.55 -5.80
N MET F 86 -30.57 24.45 -5.20
CA MET F 86 -31.16 25.39 -4.26
C MET F 86 -32.02 26.44 -4.97
N ASP F 87 -31.60 26.91 -6.14
CA ASP F 87 -32.45 27.81 -6.92
C ASP F 87 -33.80 27.15 -7.19
N ALA F 88 -33.78 25.87 -7.59
CA ALA F 88 -35.02 25.18 -7.91
C ALA F 88 -35.85 24.91 -6.68
N PHE F 89 -35.19 24.61 -5.55
CA PHE F 89 -35.91 24.40 -4.30
C PHE F 89 -36.73 25.62 -3.92
N ILE F 90 -36.11 26.80 -3.94
CA ILE F 90 -36.77 28.02 -3.54
C ILE F 90 -38.00 28.28 -4.42
N GLU F 91 -37.86 28.08 -5.74
CA GLU F 91 -39.02 28.30 -6.62
C GLU F 91 -40.08 27.23 -6.45
N ALA F 92 -39.69 25.98 -6.16
CA ALA F 92 -40.65 24.89 -6.02
C ALA F 92 -41.57 25.11 -4.83
N LEU F 93 -41.07 25.76 -3.78
CA LEU F 93 -41.91 26.11 -2.64
C LEU F 93 -42.67 27.40 -2.84
N GLY F 94 -42.53 28.03 -4.00
CA GLY F 94 -43.26 29.26 -4.27
C GLY F 94 -42.87 30.41 -3.38
N LEU F 95 -41.64 30.40 -2.85
CA LEU F 95 -41.22 31.50 -1.99
C LEU F 95 -41.06 32.76 -2.84
N GLU F 96 -41.51 33.89 -2.28
CA GLU F 96 -41.36 35.16 -2.94
C GLU F 96 -40.25 35.89 -2.20
N GLU F 97 -40.56 36.61 -1.14
CA GLU F 97 -39.56 37.27 -0.31
C GLU F 97 -39.16 36.33 0.82
N VAL F 98 -37.89 36.38 1.20
CA VAL F 98 -37.37 35.51 2.26
C VAL F 98 -36.39 36.30 3.11
N VAL F 99 -36.24 35.85 4.36
CA VAL F 99 -35.07 36.16 5.17
C VAL F 99 -34.17 34.93 5.16
N LEU F 100 -32.86 35.13 4.98
CA LEU F 100 -31.91 34.03 4.95
C LEU F 100 -31.16 33.93 6.29
N VAL F 101 -30.94 32.70 6.76
CA VAL F 101 -30.06 32.41 7.90
C VAL F 101 -29.08 31.36 7.40
N ILE F 102 -27.79 31.72 7.28
CA ILE F 102 -26.88 30.94 6.44
C ILE F 102 -25.54 30.70 7.10
N HIS F 103 -24.91 29.58 6.73
CA HIS F 103 -23.67 29.13 7.40
C HIS F 103 -22.80 28.36 6.42
N ASP F 104 -21.49 28.60 6.43
CA ASP F 104 -20.53 27.79 5.66
C ASP F 104 -20.99 27.74 4.19
N TRP F 105 -21.07 26.58 3.55
CA TRP F 105 -21.45 26.56 2.14
C TRP F 105 -22.88 27.04 1.92
N GLY F 106 -23.74 26.91 2.94
CA GLY F 106 -25.06 27.50 2.86
C GLY F 106 -25.01 29.00 2.71
N SER F 107 -23.97 29.63 3.24
CA SER F 107 -23.82 31.07 3.08
C SER F 107 -23.38 31.44 1.67
N ALA F 108 -22.50 30.64 1.04
CA ALA F 108 -22.19 30.93 -0.36
C ALA F 108 -23.43 30.79 -1.22
N LEU F 109 -24.24 29.76 -0.97
CA LEU F 109 -25.53 29.65 -1.67
C LEU F 109 -26.41 30.86 -1.41
N GLY F 110 -26.54 31.26 -0.14
CA GLY F 110 -27.46 32.34 0.21
C GLY F 110 -27.03 33.67 -0.34
N PHE F 111 -25.75 34.00 -0.22
CA PHE F 111 -25.26 35.28 -0.71
C PHE F 111 -25.31 35.32 -2.23
N HIS F 112 -24.96 34.21 -2.90
CA HIS F 112 -25.02 34.19 -4.35
C HIS F 112 -26.45 34.30 -4.86
N TRP F 113 -27.39 33.65 -4.17
CA TRP F 113 -28.79 33.80 -4.52
C TRP F 113 -29.27 35.24 -4.26
N ALA F 114 -28.85 35.83 -3.15
CA ALA F 114 -29.27 37.20 -2.82
C ALA F 114 -28.74 38.18 -3.86
N LYS F 115 -27.48 38.02 -4.29
CA LYS F 115 -26.93 38.91 -5.31
C LYS F 115 -27.76 38.87 -6.58
N ARG F 116 -28.23 37.68 -6.95
CA ARG F 116 -28.99 37.51 -8.18
C ARG F 116 -30.46 37.79 -8.02
N ASN F 117 -30.96 37.81 -6.79
CA ASN F 117 -32.38 38.04 -6.50
C ASN F 117 -32.54 39.07 -5.39
N PRO F 118 -31.91 40.24 -5.53
CA PRO F 118 -31.80 41.15 -4.37
C PRO F 118 -33.13 41.71 -3.92
N GLU F 119 -34.08 41.86 -4.85
CA GLU F 119 -35.40 42.36 -4.51
CA GLU F 119 -35.39 42.37 -4.50
C GLU F 119 -36.19 41.40 -3.64
N ARG F 120 -35.75 40.15 -3.51
CA ARG F 120 -36.48 39.13 -2.76
C ARG F 120 -35.91 38.85 -1.38
N VAL F 121 -34.83 39.51 -0.99
CA VAL F 121 -34.18 39.24 0.29
C VAL F 121 -34.51 40.37 1.25
N LYS F 122 -35.10 40.01 2.39
CA LYS F 122 -35.52 41.00 3.38
C LYS F 122 -34.57 41.08 4.57
N GLY F 123 -33.61 40.18 4.65
CA GLY F 123 -32.59 40.23 5.69
C GLY F 123 -31.71 39.02 5.51
N ILE F 124 -30.48 39.14 6.01
CA ILE F 124 -29.53 38.02 6.01
C ILE F 124 -28.85 37.93 7.38
N ALA F 125 -29.05 36.81 8.06
CA ALA F 125 -28.25 36.47 9.24
C ALA F 125 -27.25 35.41 8.80
N PHE F 126 -25.99 35.60 9.18
CA PHE F 126 -24.93 34.76 8.64
C PHE F 126 -23.86 34.57 9.70
N MET F 127 -23.07 33.51 9.54
CA MET F 127 -22.10 33.13 10.54
C MET F 127 -21.13 32.16 9.88
N GLU F 128 -19.85 32.27 10.20
CA GLU F 128 -18.83 31.34 9.72
C GLU F 128 -19.04 31.05 8.22
N PHE F 129 -18.98 32.13 7.45
CA PHE F 129 -19.44 32.16 6.09
C PHE F 129 -18.28 32.12 5.11
N ILE F 130 -18.59 31.81 3.85
CA ILE F 130 -17.55 31.67 2.83
C ILE F 130 -17.16 33.06 2.33
N ARG F 131 -15.89 33.41 2.50
CA ARG F 131 -15.26 34.60 1.96
C ARG F 131 -13.98 34.13 1.30
N PRO F 132 -13.36 34.96 0.45
CA PRO F 132 -12.08 34.55 -0.13
C PRO F 132 -11.02 34.48 0.96
N ILE F 133 -10.26 33.38 0.97
CA ILE F 133 -9.14 33.24 1.89
C ILE F 133 -7.91 33.48 1.03
N PRO F 134 -7.29 34.66 1.14
CA PRO F 134 -6.31 35.07 0.12
C PRO F 134 -5.07 34.19 0.08
N THR F 135 -4.61 33.70 1.22
CA THR F 135 -3.45 32.82 1.29
C THR F 135 -3.73 31.76 2.34
N TRP F 136 -2.95 30.68 2.28
CA TRP F 136 -3.04 29.66 3.31
C TRP F 136 -2.68 30.17 4.70
N ASP F 137 -1.94 31.28 4.79
CA ASP F 137 -1.65 31.86 6.10
C ASP F 137 -2.89 32.42 6.78
N GLU F 138 -3.93 32.73 6.01
CA GLU F 138 -5.20 33.18 6.56
C GLU F 138 -6.18 32.04 6.82
N TRP F 139 -5.79 30.80 6.55
CA TRP F 139 -6.51 29.63 7.05
C TRP F 139 -5.95 29.28 8.44
N PRO F 140 -6.78 28.90 9.42
CA PRO F 140 -6.25 28.66 10.78
C PRO F 140 -5.12 27.63 10.77
N GLU F 141 -4.02 27.97 11.44
CA GLU F 141 -2.85 27.09 11.44
C GLU F 141 -3.20 25.69 11.91
N PHE F 142 -4.08 25.55 12.90
CA PHE F 142 -4.39 24.23 13.45
C PHE F 142 -5.12 23.33 12.46
N ALA F 143 -5.69 23.90 11.39
CA ALA F 143 -6.44 23.13 10.40
C ALA F 143 -5.79 23.15 9.03
N ARG F 144 -4.60 23.74 8.90
CA ARG F 144 -4.01 24.01 7.59
C ARG F 144 -3.55 22.73 6.90
N GLU F 145 -2.76 21.90 7.59
CA GLU F 145 -2.21 20.69 6.96
C GLU F 145 -3.30 19.80 6.41
N THR F 146 -4.34 19.57 7.20
CA THR F 146 -5.37 18.63 6.76
C THR F 146 -6.18 19.19 5.59
N PHE F 147 -6.53 20.48 5.61
CA PHE F 147 -7.28 21.03 4.48
C PHE F 147 -6.45 21.08 3.21
N GLN F 148 -5.14 21.30 3.33
CA GLN F 148 -4.28 21.19 2.16
C GLN F 148 -4.28 19.76 1.60
N ALA F 149 -4.26 18.76 2.48
CA ALA F 149 -4.32 17.38 2.00
C ALA F 149 -5.68 17.02 1.44
N PHE F 150 -6.76 17.58 1.99
CA PHE F 150 -8.10 17.34 1.47
C PHE F 150 -8.20 17.72 0.00
N ARG F 151 -7.46 18.75 -0.42
CA ARG F 151 -7.56 19.31 -1.76
C ARG F 151 -6.66 18.59 -2.76
N THR F 152 -6.72 17.27 -2.72
CA THR F 152 -6.02 16.37 -3.66
C THR F 152 -6.94 15.21 -3.97
N THR F 153 -6.74 14.61 -5.15
CA THR F 153 -7.53 13.45 -5.53
C THR F 153 -6.99 12.15 -4.96
N ASP F 154 -5.77 12.15 -4.41
CA ASP F 154 -5.22 10.93 -3.82
C ASP F 154 -5.46 10.90 -2.31
N VAL F 155 -4.63 11.63 -1.56
CA VAL F 155 -4.77 11.65 -0.10
C VAL F 155 -6.12 12.21 0.31
N GLY F 156 -6.59 13.26 -0.37
CA GLY F 156 -7.84 13.88 0.05
C GLY F 156 -9.02 12.95 -0.04
N ARG F 157 -9.09 12.15 -1.12
CA ARG F 157 -10.18 11.19 -1.27
C ARG F 157 -10.00 10.02 -0.30
N LYS F 158 -8.77 9.59 -0.07
CA LYS F 158 -8.55 8.57 0.94
C LYS F 158 -9.08 9.03 2.29
N LEU F 159 -8.72 10.24 2.72
CA LEU F 159 -9.13 10.73 4.03
C LEU F 159 -10.64 10.94 4.11
N ILE F 160 -11.22 11.61 3.12
CA ILE F 160 -12.62 12.03 3.23
C ILE F 160 -13.57 10.90 2.83
N ILE F 161 -13.29 10.23 1.72
CA ILE F 161 -14.18 9.18 1.22
C ILE F 161 -13.95 7.88 1.97
N ASP F 162 -12.70 7.42 2.03
CA ASP F 162 -12.47 6.09 2.57
C ASP F 162 -12.46 6.09 4.10
N TRP F 163 -11.81 7.08 4.71
CA TRP F 163 -11.63 7.11 6.16
C TRP F 163 -12.69 7.93 6.90
N ASN F 164 -13.52 8.68 6.17
CA ASN F 164 -14.57 9.52 6.76
C ASN F 164 -14.02 10.60 7.69
N VAL F 165 -12.86 11.15 7.37
CA VAL F 165 -12.21 12.10 8.27
C VAL F 165 -13.00 13.39 8.42
N PHE F 166 -13.73 13.83 7.38
CA PHE F 166 -14.46 15.10 7.55
C PHE F 166 -15.54 14.98 8.61
N ILE F 167 -16.13 13.79 8.75
CA ILE F 167 -17.15 13.56 9.76
C ILE F 167 -16.53 13.24 11.12
N GLU F 168 -15.53 12.35 11.14
CA GLU F 168 -15.03 11.85 12.42
C GLU F 168 -13.99 12.77 13.03
N GLY F 169 -13.29 13.56 12.21
CA GLY F 169 -12.24 14.45 12.69
C GLY F 169 -12.58 15.92 12.53
N THR F 170 -12.84 16.36 11.30
CA THR F 170 -12.99 17.79 11.04
C THR F 170 -14.21 18.36 11.73
N LEU F 171 -15.32 17.64 11.68
CA LEU F 171 -16.55 18.12 12.29
C LEU F 171 -16.39 18.36 13.79
N PRO F 172 -15.93 17.41 14.60
CA PRO F 172 -15.70 17.71 16.02
C PRO F 172 -14.69 18.80 16.22
N MET F 173 -13.69 18.90 15.34
CA MET F 173 -12.72 19.99 15.46
C MET F 173 -13.27 21.35 15.04
N GLY F 174 -14.52 21.41 14.58
CA GLY F 174 -15.23 22.64 14.31
C GLY F 174 -16.19 23.06 15.39
N VAL F 175 -16.20 22.37 16.52
CA VAL F 175 -17.06 22.66 17.67
C VAL F 175 -16.15 22.74 18.89
N VAL F 176 -16.35 23.76 19.73
CA VAL F 176 -15.49 23.88 20.91
C VAL F 176 -15.85 22.84 21.95
N ARG F 177 -17.12 22.74 22.30
CA ARG F 177 -17.57 21.76 23.27
C ARG F 177 -17.60 20.36 22.65
N PRO F 178 -17.59 19.30 23.46
CA PRO F 178 -17.62 17.95 22.89
C PRO F 178 -18.99 17.61 22.35
N LEU F 179 -19.03 17.04 21.14
CA LEU F 179 -20.26 16.46 20.60
C LEU F 179 -20.52 15.12 21.27
N THR F 180 -21.78 14.82 21.53
CA THR F 180 -22.13 13.54 22.12
C THR F 180 -22.21 12.46 21.04
N GLU F 181 -22.28 11.20 21.47
CA GLU F 181 -22.37 10.10 20.53
C GLU F 181 -23.67 10.17 19.72
N VAL F 182 -24.77 10.58 20.36
CA VAL F 182 -26.04 10.74 19.64
C VAL F 182 -25.91 11.80 18.55
N GLU F 183 -25.30 12.94 18.89
CA GLU F 183 -25.11 13.99 17.88
C GLU F 183 -24.24 13.49 16.73
N MET F 184 -23.12 12.82 17.06
CA MET F 184 -22.28 12.24 16.02
C MET F 184 -23.07 11.29 15.12
N ASP F 185 -23.94 10.47 15.72
CA ASP F 185 -24.72 9.54 14.92
C ASP F 185 -25.66 10.27 13.96
N HIS F 186 -26.21 11.40 14.40
CA HIS F 186 -27.04 12.20 13.50
C HIS F 186 -26.22 12.76 12.34
N TYR F 187 -24.98 13.19 12.60
CA TYR F 187 -24.14 13.72 11.53
C TYR F 187 -23.62 12.60 10.62
N ARG F 188 -23.42 11.41 11.17
CA ARG F 188 -22.92 10.28 10.39
C ARG F 188 -23.98 9.69 9.46
N GLU F 189 -25.25 9.77 9.84
CA GLU F 189 -26.29 8.99 9.17
CA GLU F 189 -26.29 8.99 9.17
C GLU F 189 -26.34 9.15 7.66
N PRO F 190 -26.23 10.35 7.07
CA PRO F 190 -26.33 10.44 5.61
C PRO F 190 -25.14 9.84 4.87
N PHE F 191 -24.06 9.54 5.58
CA PHE F 191 -22.80 9.19 4.95
C PHE F 191 -22.26 7.84 5.40
N LEU F 192 -23.15 6.96 5.90
CA LEU F 192 -22.69 5.67 6.38
C LEU F 192 -22.01 4.88 5.28
N ASN F 193 -22.49 5.03 4.05
CA ASN F 193 -21.93 4.32 2.90
C ASN F 193 -20.89 5.21 2.23
N PRO F 194 -19.63 4.76 2.10
CA PRO F 194 -18.61 5.58 1.43
C PRO F 194 -18.97 6.06 0.03
N VAL F 195 -19.81 5.33 -0.71
CA VAL F 195 -20.16 5.78 -2.06
C VAL F 195 -20.96 7.08 -2.03
N ASP F 196 -21.50 7.46 -0.88
CA ASP F 196 -22.31 8.67 -0.74
C ASP F 196 -21.53 9.89 -0.26
N ARG F 197 -20.21 9.82 -0.24
CA ARG F 197 -19.39 10.86 0.39
C ARG F 197 -18.82 11.89 -0.59
N GLU F 198 -19.17 11.83 -1.88
CA GLU F 198 -18.65 12.82 -2.83
C GLU F 198 -18.85 14.27 -2.39
N PRO F 199 -20.01 14.70 -1.85
CA PRO F 199 -20.13 16.12 -1.46
C PRO F 199 -19.13 16.53 -0.41
N LEU F 200 -18.75 15.61 0.49
CA LEU F 200 -17.84 15.91 1.58
C LEU F 200 -16.44 16.23 1.06
N TRP F 201 -16.05 15.65 -0.08
CA TRP F 201 -14.74 15.89 -0.67
C TRP F 201 -14.76 17.04 -1.67
N ARG F 202 -15.81 17.16 -2.48
CA ARG F 202 -15.81 18.26 -3.45
C ARG F 202 -15.93 19.62 -2.76
N PHE F 203 -16.70 19.71 -1.67
CA PHE F 203 -16.83 20.98 -0.97
C PHE F 203 -15.50 21.59 -0.55
N PRO F 204 -14.61 20.91 0.19
CA PRO F 204 -13.34 21.55 0.54
C PRO F 204 -12.48 21.85 -0.67
N ASN F 205 -12.66 21.11 -1.76
CA ASN F 205 -11.95 21.40 -2.99
C ASN F 205 -12.50 22.61 -3.73
N GLU F 206 -13.69 23.08 -3.35
CA GLU F 206 -14.28 24.31 -3.89
C GLU F 206 -13.98 25.53 -3.05
N LEU F 207 -13.46 25.37 -1.84
CA LEU F 207 -13.22 26.52 -0.98
C LEU F 207 -12.29 27.51 -1.66
N PRO F 208 -12.60 28.80 -1.63
CA PRO F 208 -11.75 29.79 -2.31
C PRO F 208 -10.53 30.17 -1.48
N ILE F 209 -9.45 29.41 -1.64
CA ILE F 209 -8.25 29.59 -0.84
C ILE F 209 -7.08 29.81 -1.79
N ALA F 210 -6.31 30.87 -1.54
CA ALA F 210 -5.11 31.19 -2.32
C ALA F 210 -5.42 31.29 -3.82
N GLY F 211 -6.61 31.80 -4.14
CA GLY F 211 -7.00 32.07 -5.51
C GLY F 211 -7.65 30.91 -6.25
N GLU F 212 -7.75 29.74 -5.61
CA GLU F 212 -8.15 28.50 -6.22
C GLU F 212 -9.38 27.93 -5.53
N PRO F 213 -10.40 27.46 -6.27
CA PRO F 213 -10.50 27.53 -7.73
C PRO F 213 -10.89 28.94 -8.16
N ALA F 214 -10.36 29.38 -9.31
CA ALA F 214 -10.56 30.76 -9.74
C ALA F 214 -12.02 31.10 -9.93
N ASN F 215 -12.82 30.15 -10.43
CA ASN F 215 -14.23 30.43 -10.66
C ASN F 215 -14.98 30.67 -9.35
N ILE F 216 -14.65 29.93 -8.30
CA ILE F 216 -15.30 30.13 -7.01
C ILE F 216 -14.86 31.44 -6.39
N VAL F 217 -13.56 31.73 -6.45
CA VAL F 217 -13.04 33.00 -5.94
C VAL F 217 -13.78 34.17 -6.58
N ALA F 218 -13.95 34.11 -7.91
CA ALA F 218 -14.61 35.21 -8.59
C ALA F 218 -16.05 35.37 -8.14
N LEU F 219 -16.78 34.26 -8.04
CA LEU F 219 -18.19 34.33 -7.64
C LEU F 219 -18.33 34.86 -6.22
N VAL F 220 -17.43 34.45 -5.33
CA VAL F 220 -17.49 34.89 -3.94
C VAL F 220 -17.12 36.36 -3.83
N GLU F 221 -16.07 36.79 -4.56
CA GLU F 221 -15.76 38.21 -4.58
C GLU F 221 -16.95 39.01 -5.05
N GLU F 222 -17.69 38.50 -6.03
CA GLU F 222 -18.82 39.23 -6.56
C GLU F 222 -19.92 39.38 -5.53
N TYR F 223 -20.20 38.34 -4.75
CA TYR F 223 -21.26 38.52 -3.76
C TYR F 223 -20.79 39.34 -2.56
N MET F 224 -19.50 39.31 -2.24
CA MET F 224 -19.02 40.19 -1.17
C MET F 224 -19.05 41.66 -1.58
N ASP F 225 -18.71 41.96 -2.84
CA ASP F 225 -18.88 43.32 -3.34
C ASP F 225 -20.35 43.75 -3.29
N TRP F 226 -21.25 42.85 -3.66
CA TRP F 226 -22.68 43.15 -3.59
C TRP F 226 -23.10 43.43 -2.15
N LEU F 227 -22.67 42.58 -1.22
CA LEU F 227 -23.06 42.74 0.18
C LEU F 227 -22.61 44.10 0.71
N HIS F 228 -21.42 44.54 0.32
CA HIS F 228 -20.86 45.80 0.82
C HIS F 228 -21.64 47.02 0.34
N GLN F 229 -22.46 46.89 -0.70
CA GLN F 229 -23.21 48.03 -1.21
C GLN F 229 -24.72 47.82 -1.14
N SER F 230 -25.19 46.82 -0.39
CA SER F 230 -26.61 46.50 -0.30
C SER F 230 -27.21 47.06 0.99
N PRO F 231 -28.43 47.60 0.93
CA PRO F 231 -29.11 48.05 2.16
C PRO F 231 -29.72 46.93 2.98
N VAL F 232 -29.62 45.67 2.54
CA VAL F 232 -30.27 44.54 3.21
C VAL F 232 -29.88 44.51 4.68
N PRO F 233 -30.83 44.36 5.60
CA PRO F 233 -30.45 44.15 7.01
C PRO F 233 -29.58 42.91 7.15
N LYS F 234 -28.55 43.05 7.96
CA LYS F 234 -27.51 42.04 8.11
C LYS F 234 -27.26 41.80 9.60
N LEU F 235 -27.11 40.53 9.95
CA LEU F 235 -26.82 40.12 11.33
C LEU F 235 -25.71 39.09 11.26
N LEU F 236 -24.54 39.42 11.81
CA LEU F 236 -23.34 38.60 11.70
CA LEU F 236 -23.33 38.61 11.71
C LEU F 236 -23.00 38.02 13.08
N PHE F 237 -23.05 36.69 13.19
CA PHE F 237 -22.64 36.00 14.41
C PHE F 237 -21.21 35.52 14.24
N TRP F 238 -20.39 35.67 15.29
CA TRP F 238 -18.98 35.26 15.21
C TRP F 238 -18.55 34.74 16.58
N GLY F 239 -17.48 33.93 16.57
CA GLY F 239 -16.91 33.40 17.80
C GLY F 239 -15.39 33.49 17.78
N THR F 240 -14.78 33.13 18.90
CA THR F 240 -13.34 33.17 19.04
C THR F 240 -12.82 31.75 19.25
N PRO F 241 -11.83 31.29 18.48
CA PRO F 241 -11.09 31.99 17.41
C PRO F 241 -11.76 31.95 16.04
N GLY F 242 -12.87 31.22 15.90
CA GLY F 242 -13.49 31.04 14.59
C GLY F 242 -12.65 30.13 13.71
N VAL F 243 -13.09 29.98 12.47
CA VAL F 243 -12.36 29.19 11.48
C VAL F 243 -12.32 29.98 10.18
N LEU F 244 -13.48 30.13 9.54
CA LEU F 244 -13.55 30.94 8.32
C LEU F 244 -13.48 32.43 8.63
N ILE F 245 -13.97 32.83 9.79
CA ILE F 245 -14.13 34.25 10.12
C ILE F 245 -13.45 34.51 11.47
N PRO F 246 -12.20 34.94 11.48
CA PRO F 246 -11.57 35.29 12.76
C PRO F 246 -12.20 36.54 13.34
N PRO F 247 -12.05 36.75 14.65
CA PRO F 247 -12.61 37.97 15.26
C PRO F 247 -12.26 39.27 14.55
N ALA F 248 -11.03 39.40 14.04
CA ALA F 248 -10.66 40.63 13.32
C ALA F 248 -11.52 40.84 12.07
N GLU F 249 -11.80 39.75 11.35
CA GLU F 249 -12.60 39.87 10.14
C GLU F 249 -14.05 40.19 10.45
N ALA F 250 -14.59 39.58 11.52
CA ALA F 250 -15.95 39.93 11.92
C ALA F 250 -16.05 41.41 12.28
N ALA F 251 -15.04 41.91 13.01
CA ALA F 251 -14.98 43.32 13.36
C ALA F 251 -14.90 44.20 12.11
N ARG F 252 -14.03 43.85 11.18
CA ARG F 252 -13.88 44.63 9.96
C ARG F 252 -15.18 44.68 9.18
N LEU F 253 -15.86 43.54 9.05
CA LEU F 253 -17.10 43.48 8.28
C LEU F 253 -18.25 44.18 8.98
N ALA F 254 -18.30 44.11 10.31
CA ALA F 254 -19.36 44.78 11.05
C ALA F 254 -19.34 46.29 10.83
N LYS F 255 -18.19 46.87 10.48
CA LYS F 255 -18.10 48.29 10.18
C LYS F 255 -18.28 48.57 8.70
N SER F 256 -17.73 47.73 7.83
CA SER F 256 -17.72 48.03 6.40
C SER F 256 -19.06 47.69 5.73
N LEU F 257 -19.81 46.73 6.27
CA LEU F 257 -21.06 46.33 5.63
C LEU F 257 -22.18 47.25 6.08
N PRO F 258 -23.00 47.77 5.16
CA PRO F 258 -24.12 48.62 5.57
C PRO F 258 -25.12 47.84 6.41
N ASN F 259 -25.71 48.53 7.39
CA ASN F 259 -26.88 48.03 8.11
C ASN F 259 -26.62 46.69 8.76
N CYS F 260 -25.47 46.58 9.44
CA CYS F 260 -24.96 45.30 9.94
C CYS F 260 -24.75 45.35 11.44
N LYS F 261 -25.38 44.44 12.15
CA LYS F 261 -25.18 44.23 13.58
C LYS F 261 -24.40 42.94 13.74
N ALA F 262 -23.39 42.96 14.59
CA ALA F 262 -22.56 41.79 14.87
C ALA F 262 -22.81 41.33 16.29
N VAL F 263 -22.82 40.01 16.50
CA VAL F 263 -23.06 39.42 17.81
C VAL F 263 -21.97 38.40 18.11
N ASP F 264 -21.31 38.56 19.25
CA ASP F 264 -20.25 37.68 19.72
C ASP F 264 -20.90 36.51 20.47
N ILE F 265 -20.67 35.29 19.99
CA ILE F 265 -21.29 34.13 20.64
C ILE F 265 -20.42 33.52 21.72
N GLY F 266 -19.23 34.05 21.94
CA GLY F 266 -18.31 33.45 22.87
C GLY F 266 -17.34 32.54 22.14
N PRO F 267 -16.83 31.52 22.83
CA PRO F 267 -15.94 30.56 22.16
C PRO F 267 -16.66 29.88 21.00
N GLY F 268 -15.98 29.77 19.88
CA GLY F 268 -16.58 29.15 18.72
C GLY F 268 -15.53 28.90 17.67
N LEU F 269 -15.77 27.87 16.85
CA LEU F 269 -14.89 27.49 15.76
C LEU F 269 -15.69 27.66 14.47
N ASN F 270 -16.22 26.58 13.90
CA ASN F 270 -17.03 26.71 12.69
C ASN F 270 -18.52 26.53 12.93
N LEU F 271 -18.93 25.45 13.59
CA LEU F 271 -20.36 25.20 13.85
C LEU F 271 -20.78 25.96 15.10
N LEU F 272 -20.88 27.28 14.96
CA LEU F 272 -21.26 28.13 16.08
C LEU F 272 -22.60 27.71 16.66
N GLN F 273 -23.48 27.12 15.83
CA GLN F 273 -24.76 26.65 16.31
C GLN F 273 -24.65 25.58 17.40
N GLU F 274 -23.54 24.84 17.42
CA GLU F 274 -23.37 23.79 18.41
C GLU F 274 -22.79 24.30 19.71
N ASP F 275 -22.17 25.48 19.70
CA ASP F 275 -21.58 26.07 20.89
C ASP F 275 -22.53 27.01 21.62
N ASN F 276 -23.36 27.79 20.92
CA ASN F 276 -24.27 28.72 21.59
C ASN F 276 -25.57 28.85 20.80
N PRO F 277 -26.35 27.76 20.71
CA PRO F 277 -27.60 27.85 19.95
C PRO F 277 -28.63 28.79 20.54
N ASP F 278 -28.68 28.91 21.86
CA ASP F 278 -29.72 29.75 22.45
C ASP F 278 -29.47 31.23 22.19
N LEU F 279 -28.22 31.68 22.23
CA LEU F 279 -27.94 33.06 21.85
C LEU F 279 -28.25 33.33 20.38
N ILE F 280 -27.80 32.44 19.49
CA ILE F 280 -28.05 32.65 18.07
C ILE F 280 -29.56 32.70 17.79
N GLY F 281 -30.30 31.73 18.33
CA GLY F 281 -31.74 31.68 18.08
C GLY F 281 -32.46 32.89 18.64
N SER F 282 -32.17 33.25 19.89
CA SER F 282 -32.87 34.39 20.49
C SER F 282 -32.52 35.70 19.79
N GLU F 283 -31.27 35.86 19.36
CA GLU F 283 -30.90 37.10 18.68
C GLU F 283 -31.50 37.17 17.27
N ILE F 284 -31.59 36.04 16.57
CA ILE F 284 -32.30 36.05 15.28
C ILE F 284 -33.75 36.49 15.48
N ALA F 285 -34.41 35.94 16.51
CA ALA F 285 -35.81 36.30 16.74
C ALA F 285 -35.97 37.77 17.06
N ARG F 286 -35.08 38.31 17.91
CA ARG F 286 -35.16 39.72 18.24
C ARG F 286 -34.95 40.59 17.01
N TRP F 287 -33.95 40.24 16.20
CA TRP F 287 -33.64 41.00 15.00
C TRP F 287 -34.80 40.94 13.99
N LEU F 288 -35.40 39.76 13.80
CA LEU F 288 -36.55 39.65 12.90
C LEU F 288 -37.66 40.62 13.27
N SER F 289 -37.87 40.86 14.58
CA SER F 289 -38.92 41.75 15.04
C SER F 289 -38.65 43.21 14.66
N THR F 290 -37.42 43.54 14.28
CA THR F 290 -37.11 44.90 13.85
C THR F 290 -37.21 45.10 12.34
N LEU F 291 -37.46 44.05 11.58
CA LEU F 291 -37.46 44.13 10.12
C LEU F 291 -38.85 44.46 9.59
N GLU F 292 -38.88 45.04 8.39
CA GLU F 292 -40.15 45.37 7.72
C GLU F 292 -40.64 44.14 6.95
N ILE F 293 -41.02 43.13 7.71
CA ILE F 293 -41.44 41.84 7.15
C ILE F 293 -42.82 41.43 7.64
C1 OEH G . 31.88 34.79 12.27
C2 OEH G . 31.60 32.48 11.46
C3 OEH G . 32.12 31.36 10.79
C4 OEH G . 31.29 30.32 10.39
C5 OEH G . 29.90 30.37 10.63
C6 OEH G . 28.99 29.42 10.20
C7 OEH G . 29.45 28.15 9.57
O1 OEH G . 29.52 18.01 13.15
O3 OEH G . 28.92 30.00 7.36
O5 OEH G . 28.03 31.68 11.61
N OEH G . 32.43 33.54 11.79
C OEH G . 33.84 33.52 11.43
O OEH G . 30.30 20.25 11.51
C10 OEH G . 30.11 24.63 10.82
C11 OEH G . 31.12 22.46 11.24
C12 OEH G . 30.15 21.42 10.74
C13 OEH G . 29.30 19.30 11.20
C14 OEH G . 29.69 17.98 11.75
C15 OEH G . 28.21 17.66 13.55
C16 OEH G . 28.16 17.55 15.05
C17 OEH G . 29.24 16.65 15.62
C18 OEH G . 29.05 16.29 17.09
C19 OEH G . 30.19 15.50 17.70
C20 OEH G . 29.88 15.02 19.09
C21 OEH G . 30.60 25.78 8.65
C22 OEH G . 30.55 26.89 7.82
C23 OEH G . 29.95 28.06 8.25
C24 OEH G . 29.74 29.09 7.16
C25 OEH G . 27.56 29.61 10.43
C26 OEH G . 26.57 28.74 9.95
C27 OEH G . 25.23 29.00 10.16
C28 OEH G . 27.13 30.73 11.15
C29 OEH G . 25.81 30.98 11.39
C30 OEH G . 24.82 30.13 10.88
C31 OEH G . 22.48 29.63 10.36
C32 OEH G . 23.07 31.50 11.91
C33 OEH G . 29.37 31.52 11.35
C34 OEH G . 30.23 32.54 11.74
C8 OEH G . 29.51 27.02 10.39
C9 OEH G . 30.07 25.83 9.93
N1 OEH G . 30.99 23.69 10.48
N2 OEH G . 23.50 30.43 11.02
O2 OEH G . 29.37 24.53 11.78
O4 OEH G . 30.31 28.89 6.06
CL CL H . 31.10 18.20 20.59
C1 GOL I . 14.17 19.57 24.45
O1 GOL I . 14.04 19.88 25.82
C2 GOL I . 12.84 20.01 23.76
O2 GOL I . 12.98 20.09 22.40
C3 GOL I . 11.80 18.94 24.12
O3 GOL I . 10.67 19.25 23.37
C1 OEH J . -12.66 4.34 8.32
C2 OEH J . -10.49 3.40 7.65
C3 OEH J . -9.19 3.03 8.00
C4 OEH J . -8.42 2.26 7.13
C5 OEH J . -8.90 1.87 5.88
C6 OEH J . -8.18 1.20 4.92
C7 OEH J . -6.79 0.67 5.20
O1 OEH J . -5.42 -8.91 9.40
O3 OEH J . -4.56 2.72 3.11
O5 OEH J . -10.76 2.10 4.25
N OEH J . -11.22 4.21 8.48
C OEH J . -10.65 4.75 9.70
O OEH J . -4.74 -6.59 7.81
C10 OEH J . -5.26 -2.20 7.17
C11 OEH J . -4.09 -4.30 7.61
C12 OEH J . -4.92 -5.41 7.04
C13 OEH J . -5.64 -7.60 7.42
C14 OEH J . -5.21 -8.90 7.99
C15 OEH J . -6.70 -9.37 9.77
C16 OEH J . -6.76 -9.54 11.27
C17 OEH J . -5.74 -10.51 11.82
C18 OEH J . -5.91 -10.78 13.31
C19 OEH J . -4.81 -11.63 13.89
C20 OEH J . -5.15 -12.10 15.29
C21 OEH J . -4.29 -0.47 5.65
C22 OEH J . -4.41 0.62 4.81
C23 OEH J . -5.64 1.22 4.58
C24 OEH J . -5.62 2.47 3.74
C25 OEH J . -8.72 0.98 3.57
C26 OEH J . -8.04 0.35 2.53
C27 OEH J . -8.61 0.22 1.27
C28 OEH J . -10.00 1.46 3.29
C29 OEH J . -10.57 1.36 2.04
C30 OEH J . -9.88 0.72 1.01
C31 OEH J . -9.78 -0.18 -1.27
C32 OEH J . -11.52 1.46 -0.67
C33 OEH J . -10.23 2.30 5.51
C34 OEH J . -11.01 3.02 6.40
C8 OEH J . -6.66 -0.43 6.05
C9 OEH J . -5.41 -1.01 6.28
N1 OEH J . -4.30 -3.07 6.87
N2 OEH J . -10.46 0.57 -0.23
O2 OEH J . -5.96 -2.33 8.17
O4 OEH J . -6.66 3.16 3.67
CL CL K . -3.81 -9.00 16.73
C1 GOL L . -20.69 -7.22 21.15
O1 GOL L . -20.69 -6.84 22.50
C2 GOL L . -22.04 -6.78 20.56
O2 GOL L . -21.97 -6.58 19.20
C3 GOL L . -23.01 -7.93 20.89
O3 GOL L . -24.08 -7.76 20.03
C1 OEH M . 31.66 -3.70 -16.88
C1 OEH M . 22.12 -6.06 -16.43
C2 OEH M . 31.01 -5.86 -17.80
C2 OEH M . 24.01 -7.29 -17.38
C3 OEH M . 31.32 -7.04 -18.46
C3 OEH M . 25.38 -7.54 -17.49
C4 OEH M . 30.36 -8.02 -18.68
C4 OEH M . 25.85 -8.56 -18.31
C5 OEH M . 29.03 -7.83 -18.27
C5 OEH M . 24.97 -9.36 -19.04
C6 OEH M . 28.04 -8.68 -18.54
C6 OEH M . 25.32 -10.44 -19.82
C7 OEH M . 28.34 -9.96 -19.27
C7 OEH M . 26.76 -10.86 -19.90
O1 OEH M . 28.39 -20.20 -15.87
O1 OEH M . 28.43 -20.18 -15.85
O3 OEH M . 29.33 -8.88 -22.64
O3 OEH M . 28.48 -8.28 -21.89
O5 OEH M . 27.42 -6.32 -17.14
O5 OEH M . 22.57 -9.84 -19.53
N OEH M . 31.95 -4.90 -17.62
N OEH M . 23.55 -6.29 -16.56
C OEH M . 33.30 -5.09 -18.13
C OEH M . 24.45 -5.48 -15.77
O OEH M . 29.11 -17.95 -17.55
O OEH M . 29.15 -17.89 -17.58
C10 OEH M . 28.85 -13.54 -18.23
C10 OEH M . 28.77 -13.58 -18.26
C11 OEH M . 29.87 -15.71 -17.79
C11 OEH M . 29.97 -15.69 -18.03
C12 OEH M . 28.97 -16.79 -18.33
C12 OEH M . 28.95 -16.74 -18.37
C13 OEH M . 28.12 -18.91 -17.86
C13 OEH M . 28.15 -18.86 -17.83
C14 OEH M . 28.50 -20.24 -17.29
C14 OEH M . 28.56 -20.19 -17.27
C15 OEH M . 27.08 -20.51 -15.42
C15 OEH M . 27.12 -20.53 -15.42
C16 OEH M . 27.07 -20.61 -13.92
C16 OEH M . 27.09 -20.62 -13.92
C17 OEH M . 28.15 -21.54 -13.37
C17 OEH M . 28.16 -21.54 -13.36
C18 OEH M . 28.05 -21.79 -11.88
C18 OEH M . 28.04 -21.78 -11.87
C19 OEH M . 29.12 -22.74 -11.33
C19 OEH M . 29.11 -22.72 -11.30
C20 OEH M . 28.89 -23.16 -9.90
C20 OEH M . 28.87 -23.15 -9.87
C21 OEH M . 29.34 -12.30 -20.37
C21 OEH M . 29.43 -11.66 -19.79
C22 OEH M . 29.32 -11.15 -21.12
C22 OEH M . 29.08 -10.54 -20.52
C23 OEH M . 28.80 -9.97 -20.60
C23 OEH M . 27.75 -10.13 -20.60
C24 OEH M . 28.68 -8.81 -21.57
C24 OEH M . 27.49 -8.93 -21.49
C25 OEH M . 26.66 -8.39 -18.16
C25 OEH M . 24.30 -11.26 -20.49
C26 OEH M . 25.57 -9.18 -18.52
C26 OEH M . 24.57 -12.40 -21.25
C27 OEH M . 24.28 -8.78 -18.23
C27 OEH M . 23.55 -13.17 -21.77
C28 OEH M . 26.41 -7.22 -17.44
C28 OEH M . 22.96 -10.93 -20.30
C29 OEH M . 25.12 -6.83 -17.12
C29 OEH M . 21.93 -11.69 -20.81
C30 OEH M . 24.03 -7.60 -17.53
C30 OEH M . 22.21 -12.84 -21.54
C31 OEH M . 21.63 -7.85 -17.98
C31 OEH M . 21.49 -14.88 -22.70
C32 OEH M . 22.46 -6.08 -16.44
C32 OEH M . 19.83 -13.40 -21.58
C33 OEH M . 28.71 -6.61 -17.55
C33 OEH M . 23.54 -9.09 -18.91
C34 OEH M . 29.69 -5.66 -17.33
C34 OEH M . 23.11 -8.07 -18.11
C8 OEH M . 28.34 -11.13 -18.53
C8 OEH M . 27.14 -11.99 -19.18
C9 OEH M . 28.84 -12.31 -19.07
C9 OEH M . 28.47 -12.40 -19.11
N1 OEH M . 29.74 -14.48 -18.55
N1 OEH M . 29.68 -14.44 -18.72
N2 OEH M . 22.76 -7.14 -17.37
N2 OEH M . 21.20 -13.65 -21.99
O2 OEH M . 28.09 -13.66 -17.27
O2 OEH M . 28.20 -13.74 -17.19
O4 OEH M . 27.98 -7.82 -21.23
O4 OEH M . 26.30 -8.62 -21.73
CL CL N . 30.38 -20.06 -8.61
C1 GOL O . 13.74 -17.62 -3.48
O1 GOL O . 13.84 -17.14 -2.16
C2 GOL O . 12.35 -17.18 -4.02
O2 GOL O . 12.40 -16.84 -5.36
C3 GOL O . 11.42 -18.38 -3.81
O3 GOL O . 10.18 -17.95 -4.28
C1 OEH P . -12.77 -28.89 -14.18
C2 OEH P . -11.31 -26.99 -14.66
C3 OEH P . -10.36 -26.33 -15.45
C4 OEH P . -9.78 -25.15 -15.03
C5 OEH P . -10.14 -24.57 -13.81
C6 OEH P . -9.68 -23.37 -13.34
C7 OEH P . -8.69 -22.58 -14.14
O1 OEH P . -13.03 -13.94 -17.46
O3 OEH P . -5.52 -24.36 -13.81
O5 OEH P . -11.66 -24.71 -11.85
N OEH P . -11.89 -28.15 -15.08
C OEH P . -11.57 -28.71 -16.38
O OEH P . -10.70 -15.63 -16.83
C10 OEH P . -9.10 -19.76 -16.57
C11 OEH P . -9.21 -17.43 -17.26
C12 OEH P . -10.04 -16.73 -16.24
C13 OEH P . -11.54 -14.97 -15.89
C14 OEH P . -12.06 -13.69 -16.45
C15 OEH P . -14.35 -14.09 -16.96
C16 OEH P . -15.29 -14.18 -18.13
C17 OEH P . -15.21 -12.97 -19.05
C18 OEH P . -16.26 -12.95 -20.15
C19 OEH P . -16.02 -11.90 -21.23
C20 OEH P . -17.23 -11.64 -22.11
C21 OEH P . -7.03 -21.13 -15.85
C22 OEH P . -6.51 -22.17 -15.12
C23 OEH P . -7.34 -22.92 -14.26
C24 OEH P . -6.68 -24.04 -13.47
C25 OEH P . -10.21 -22.79 -12.08
C26 OEH P . -9.82 -21.58 -11.52
C27 OEH P . -10.40 -21.08 -10.37
C28 OEH P . -11.21 -23.50 -11.40
C29 OEH P . -11.81 -23.01 -10.26
C30 OEH P . -11.43 -21.78 -9.73
C31 OEH P . -11.69 -19.97 -8.09
C32 OEH P . -13.33 -21.80 -8.17
C33 OEH P . -11.15 -25.25 -13.01
C34 OEH P . -11.67 -26.42 -13.43
C8 OEH P . -9.19 -21.51 -14.90
C9 OEH P . -8.37 -20.80 -15.77
N1 OEH P . -8.51 -18.57 -16.69
N2 OEH P . -12.06 -21.26 -8.62
O2 OEH P . -10.23 -19.99 -17.00
O4 OEH P . -7.34 -24.61 -12.59
CL CL Q . -15.94 -14.26 -24.37
C1 GOL R . -30.23 -22.74 -18.74
O1 GOL R . -30.98 -23.29 -19.79
C2 GOL R . -30.64 -23.49 -17.45
O2 GOL R . -29.84 -23.14 -16.36
C3 GOL R . -32.10 -23.13 -17.18
O3 GOL R . -32.37 -23.62 -15.92
C1 OEH S . 30.91 -0.76 -18.17
C2 OEH S . 30.24 0.44 -16.15
C3 OEH S . 30.37 1.72 -15.61
C4 OEH S . 29.44 2.24 -14.74
C5 OEH S . 28.30 1.50 -14.35
C6 OEH S . 27.41 1.92 -13.43
C7 OEH S . 27.55 3.27 -12.83
O1 OEH S . 21.66 12.19 -14.31
O3 OEH S . 30.78 2.99 -11.27
O5 OEH S . 27.05 -0.63 -14.59
N OEH S . 31.24 -0.09 -16.94
C OEH S . 32.43 0.70 -17.19
O OEH S . 24.01 10.58 -13.62
C10 OEH S . 25.96 6.62 -13.54
C11 OEH S . 25.67 8.97 -14.14
C12 OEH S . 24.76 9.52 -13.08
C13 OEH S . 23.02 11.05 -12.69
C14 OEH S . 22.47 12.36 -13.15
C15 OEH S . 20.31 11.89 -13.98
C16 OEH S . 19.46 11.90 -15.22
C17 OEH S . 19.63 13.15 -16.07
C18 OEH S . 18.60 13.22 -17.21
C19 OEH S . 18.81 14.38 -18.17
C20 OEH S . 17.68 14.56 -19.15
C21 OEH S . 27.98 5.95 -12.22
C22 OEH S . 28.87 4.99 -11.78
C23 OEH S . 28.66 3.64 -12.06
C24 OEH S . 29.57 2.68 -11.35
C25 OEH S . 26.30 1.08 -13.01
C26 OEH S . 25.43 1.41 -11.99
C27 OEH S . 24.43 0.55 -11.59
C28 OEH S . 26.15 -0.16 -13.63
C29 OEH S . 25.13 -1.02 -13.27
C30 OEH S . 24.26 -0.69 -12.22
C31 OEH S . 22.50 -1.26 -10.62
C32 OEH S . 23.07 -2.79 -12.51
C33 OEH S . 28.13 0.18 -14.92
C34 OEH S . 29.10 -0.33 -15.81
C8 OEH S . 26.64 4.25 -13.25
C9 OEH S . 26.86 5.58 -12.95
N1 OEH S . 26.44 7.86 -13.60
N2 OEH S . 23.31 -1.56 -11.79
O2 OEH S . 24.85 6.31 -13.98
O4 OEH S . 29.13 1.55 -11.06
CL CL T . 19.20 12.10 -21.44
C1 GOL U . 4.97 2.97 -16.86
O1 GOL U . 4.30 2.53 -18.01
C2 GOL U . 4.47 2.16 -15.64
O2 GOL U . 5.31 2.31 -14.56
C3 GOL U . 3.07 2.72 -15.30
O3 GOL U . 2.63 2.02 -14.17
C1 GOL V . 1.72 34.47 -26.76
O1 GOL V . 2.69 35.37 -26.28
C2 GOL V . 0.85 34.03 -25.57
O2 GOL V . -0.11 33.07 -25.93
C3 GOL V . 1.84 33.48 -24.54
O3 GOL V . 1.09 33.16 -23.43
C1 OEH W . -4.23 8.68 7.46
C2 OEH W . -4.80 10.78 8.57
C3 OEH W . -4.49 12.10 8.93
C4 OEH W . -5.26 12.80 9.84
C5 OEH W . -6.38 12.21 10.45
C6 OEH W . -7.17 12.79 11.41
C7 OEH W . -6.95 14.22 11.80
O1 OEH W . -12.91 23.05 10.10
O3 OEH W . -3.93 14.19 13.88
O5 OEH W . -7.77 10.15 10.62
N OEH W . -4.01 10.09 7.70
C OEH W . -2.84 10.71 7.10
O OEH W . -10.50 21.51 10.67
C10 OEH W . -8.52 17.53 10.86
C11 OEH W . -8.87 19.83 10.14
C12 OEH W . -9.69 20.48 11.22
C13 OEH W . -11.36 22.07 11.65
C14 OEH W . -11.98 23.34 11.15
C15 OEH W . -14.23 22.79 10.57
C16 OEH W . -15.16 22.72 9.38
C17 OEH W . -15.02 23.90 8.46
C18 OEH W . -16.07 23.92 7.38
C19 OEH W . -15.85 24.99 6.33
C20 OEH W . -17.05 25.19 5.42
C21 OEH W . -6.50 16.93 12.25
C22 OEH W . -5.65 15.99 12.81
C23 OEH W . -5.87 14.63 12.61
C24 OEH W . -5.01 13.72 13.48
C25 OEH W . -8.27 12.06 12.04
C26 OEH W . -9.05 12.55 13.08
C27 OEH W . -10.03 11.78 13.66
C28 OEH W . -8.53 10.76 11.60
C29 OEH W . -9.54 10.00 12.14
C30 OEH W . -10.30 10.49 13.20
C31 OEH W . -11.86 10.12 15.07
C32 OEH W . -11.53 8.37 13.31
C33 OEH W . -6.70 10.84 10.07
C34 OEH W . -5.93 10.17 9.16
C8 OEH W . -7.80 15.17 11.25
C9 OEH W . -7.58 16.54 11.47
N1 OEH W . -8.05 18.76 10.70
N2 OEH W . -11.20 9.68 13.84
O2 OEH W . -9.65 17.19 10.52
O4 OEH W . -5.38 12.55 13.68
CL CL X . -15.76 22.54 3.11
C1 GOL Y . -29.77 14.20 9.21
O1 GOL Y . -30.50 13.75 8.08
C2 GOL Y . -30.20 13.35 10.46
O2 GOL Y . -29.37 13.59 11.54
C3 GOL Y . -31.65 13.73 10.77
O3 GOL Y . -31.92 13.23 12.07
#